data_2N8K
#
_entry.id   2N8K
#
_entity_poly.entity_id   1
_entity_poly.type   'polypeptide(L)'
_entity_poly.pdbx_seq_one_letter_code
;SVTCGGKQCKPNSCCVQNSHGKGKDSPRCHPLGKLNNPCEVEPNENGIYSQHCPCGEGLSCTKVGEPNKLRCQEES
;
_entity_poly.pdbx_strand_id   A
#
# COMPACT_ATOMS: atom_id res chain seq x y z
N SER A 1 -14.92 -1.05 -5.68
CA SER A 1 -14.50 0.23 -6.25
C SER A 1 -13.65 1.02 -5.25
N VAL A 2 -12.49 1.47 -5.70
CA VAL A 2 -11.58 2.24 -4.85
C VAL A 2 -11.90 3.73 -4.92
N THR A 3 -11.79 4.41 -3.78
CA THR A 3 -12.05 5.84 -3.72
C THR A 3 -11.00 6.57 -2.90
N CYS A 4 -10.16 7.35 -3.58
CA CYS A 4 -9.10 8.10 -2.91
C CYS A 4 -9.16 9.58 -3.29
N GLY A 5 -8.84 10.44 -2.33
CA GLY A 5 -8.87 11.87 -2.58
C GLY A 5 -10.20 12.33 -3.14
N GLY A 6 -11.29 11.83 -2.57
CA GLY A 6 -12.61 12.22 -3.03
C GLY A 6 -12.82 11.89 -4.50
N LYS A 7 -12.08 10.92 -5.01
CA LYS A 7 -12.19 10.51 -6.40
C LYS A 7 -11.98 9.00 -6.55
N GLN A 8 -12.82 8.37 -7.36
CA GLN A 8 -12.73 6.94 -7.59
C GLN A 8 -11.51 6.60 -8.42
N CYS A 9 -10.82 5.52 -8.06
CA CYS A 9 -9.62 5.08 -8.77
C CYS A 9 -9.78 3.67 -9.29
N LYS A 10 -8.92 3.28 -10.23
CA LYS A 10 -8.97 1.95 -10.81
C LYS A 10 -8.63 0.88 -9.77
N PRO A 11 -9.02 -0.37 -10.06
CA PRO A 11 -8.77 -1.50 -9.15
C PRO A 11 -7.29 -1.87 -9.08
N ASN A 12 -6.94 -2.70 -8.10
CA ASN A 12 -5.55 -3.12 -7.92
C ASN A 12 -4.66 -1.94 -7.57
N SER A 13 -5.25 -0.92 -6.95
CA SER A 13 -4.51 0.27 -6.57
C SER A 13 -4.99 0.80 -5.22
N CYS A 14 -4.09 0.79 -4.25
CA CYS A 14 -4.41 1.27 -2.90
C CYS A 14 -4.20 2.77 -2.78
N CYS A 15 -4.68 3.36 -1.70
CA CYS A 15 -4.55 4.79 -1.47
C CYS A 15 -3.27 5.09 -0.69
N VAL A 16 -2.51 6.07 -1.18
CA VAL A 16 -1.26 6.46 -0.54
C VAL A 16 -1.20 7.97 -0.33
N GLN A 17 -0.81 8.38 0.87
CA GLN A 17 -0.71 9.80 1.20
C GLN A 17 0.57 10.40 0.63
N ASN A 18 0.42 11.44 -0.18
CA ASN A 18 1.56 12.11 -0.81
C ASN A 18 1.55 13.60 -0.49
N SER A 19 1.09 13.96 0.71
CA SER A 19 1.02 15.35 1.12
C SER A 19 2.27 15.74 1.88
N HIS A 20 2.78 16.94 1.58
CA HIS A 20 3.99 17.44 2.25
C HIS A 20 3.62 18.39 3.39
N GLY A 21 2.43 18.20 3.95
CA GLY A 21 1.99 19.04 5.04
C GLY A 21 1.36 20.33 4.57
N LYS A 22 0.71 20.28 3.41
CA LYS A 22 0.06 21.45 2.84
C LYS A 22 -1.23 21.78 3.59
N GLY A 23 -1.82 20.76 4.21
CA GLY A 23 -3.05 20.95 4.94
C GLY A 23 -4.25 20.33 4.25
N LYS A 24 -4.03 19.82 3.04
CA LYS A 24 -5.09 19.19 2.27
C LYS A 24 -4.71 17.76 1.89
N ASP A 25 -5.17 16.81 2.70
CA ASP A 25 -4.88 15.40 2.45
C ASP A 25 -5.28 15.01 1.03
N SER A 26 -4.28 14.88 0.15
CA SER A 26 -4.52 14.52 -1.24
C SER A 26 -3.69 13.31 -1.64
N PRO A 27 -4.21 12.11 -1.35
CA PRO A 27 -3.53 10.85 -1.67
C PRO A 27 -3.49 10.58 -3.17
N ARG A 28 -2.66 9.63 -3.57
CA ARG A 28 -2.53 9.27 -4.98
C ARG A 28 -2.80 7.79 -5.20
N CYS A 29 -3.08 7.42 -6.44
CA CYS A 29 -3.35 6.02 -6.79
C CYS A 29 -2.08 5.30 -7.19
N HIS A 30 -1.67 4.33 -6.36
CA HIS A 30 -0.46 3.56 -6.63
C HIS A 30 -0.82 2.10 -6.89
N PRO A 31 -0.01 1.43 -7.74
CA PRO A 31 -0.21 0.02 -8.08
C PRO A 31 0.10 -0.91 -6.92
N LEU A 32 -0.56 -2.07 -6.91
CA LEU A 32 -0.35 -3.05 -5.85
C LEU A 32 1.10 -3.51 -5.81
N GLY A 33 1.56 -3.88 -4.62
CA GLY A 33 2.93 -4.34 -4.47
C GLY A 33 3.20 -5.63 -5.24
N LYS A 34 4.46 -5.82 -5.63
CA LYS A 34 4.84 -7.02 -6.37
C LYS A 34 5.69 -7.96 -5.50
N LEU A 35 6.22 -9.01 -6.11
CA LEU A 35 7.05 -9.97 -5.39
C LEU A 35 8.43 -9.40 -5.10
N ASN A 36 9.04 -9.87 -4.03
CA ASN A 36 10.37 -9.41 -3.64
C ASN A 36 10.37 -7.90 -3.40
N ASN A 37 9.20 -7.34 -3.12
CA ASN A 37 9.06 -5.91 -2.87
C ASN A 37 8.51 -5.66 -1.47
N PRO A 38 8.74 -4.44 -0.96
CA PRO A 38 8.29 -4.04 0.38
C PRO A 38 6.77 -3.90 0.45
N CYS A 39 6.17 -4.49 1.48
CA CYS A 39 4.73 -4.42 1.66
C CYS A 39 4.37 -4.33 3.15
N GLU A 40 3.16 -3.84 3.44
CA GLU A 40 2.71 -3.70 4.81
C GLU A 40 1.41 -4.49 5.03
N VAL A 41 1.29 -5.07 6.22
CA VAL A 41 0.10 -5.85 6.56
C VAL A 41 -1.17 -5.05 6.31
N GLU A 42 -1.35 -3.97 7.06
CA GLU A 42 -2.53 -3.12 6.92
C GLU A 42 -2.14 -1.65 6.98
N PRO A 43 -2.99 -0.79 6.41
CA PRO A 43 -2.76 0.66 6.38
C PRO A 43 -2.91 1.29 7.76
N ASN A 44 -2.92 2.62 7.79
CA ASN A 44 -3.05 3.34 9.06
C ASN A 44 -4.47 3.23 9.60
N GLU A 45 -4.77 4.03 10.62
CA GLU A 45 -6.10 4.02 11.23
C GLU A 45 -7.15 4.59 10.28
N ASN A 46 -6.68 5.26 9.22
CA ASN A 46 -7.57 5.85 8.23
C ASN A 46 -7.76 4.91 7.05
N GLY A 47 -6.76 4.09 6.78
CA GLY A 47 -6.83 3.16 5.67
C GLY A 47 -5.99 3.60 4.48
N ILE A 48 -4.89 4.28 4.77
CA ILE A 48 -4.00 4.76 3.70
C ILE A 48 -2.57 4.30 3.94
N TYR A 49 -1.84 4.07 2.85
CA TYR A 49 -0.46 3.63 2.94
C TYR A 49 0.50 4.80 2.73
N SER A 50 1.80 4.49 2.70
CA SER A 50 2.83 5.52 2.52
C SER A 50 3.18 5.67 1.05
N GLN A 51 3.97 4.74 0.53
CA GLN A 51 4.39 4.77 -0.86
C GLN A 51 3.99 3.47 -1.58
N HIS A 52 4.49 2.35 -1.07
CA HIS A 52 4.19 1.05 -1.66
C HIS A 52 2.77 0.61 -1.31
N CYS A 53 2.31 -0.46 -1.95
CA CYS A 53 0.98 -0.98 -1.71
C CYS A 53 1.04 -2.40 -1.17
N PRO A 54 -0.05 -2.85 -0.53
CA PRO A 54 -0.15 -4.19 0.05
C PRO A 54 -0.21 -5.27 -1.01
N CYS A 55 -0.03 -6.53 -0.60
CA CYS A 55 -0.07 -7.65 -1.52
C CYS A 55 -1.48 -7.85 -2.07
N GLY A 56 -1.59 -7.85 -3.40
CA GLY A 56 -2.88 -8.04 -4.03
C GLY A 56 -2.78 -8.73 -5.37
N GLU A 57 -1.64 -9.36 -5.62
CA GLU A 57 -1.41 -10.07 -6.88
C GLU A 57 -1.00 -11.51 -6.62
N GLY A 58 -1.53 -12.09 -5.54
CA GLY A 58 -1.20 -13.47 -5.20
C GLY A 58 0.00 -13.57 -4.29
N LEU A 59 0.27 -12.50 -3.55
CA LEU A 59 1.40 -12.47 -2.63
C LEU A 59 0.93 -12.47 -1.17
N SER A 60 1.88 -12.53 -0.25
CA SER A 60 1.56 -12.55 1.17
C SER A 60 2.70 -11.95 1.99
N CYS A 61 2.41 -10.88 2.72
CA CYS A 61 3.41 -10.22 3.54
C CYS A 61 4.05 -11.21 4.51
N THR A 62 5.31 -11.55 4.26
CA THR A 62 6.03 -12.50 5.11
C THR A 62 7.32 -11.88 5.63
N LYS A 63 7.61 -12.10 6.91
CA LYS A 63 8.81 -11.57 7.53
C LYS A 63 10.05 -12.31 7.03
N VAL A 64 10.97 -11.56 6.44
CA VAL A 64 12.21 -12.15 5.93
C VAL A 64 13.43 -11.59 6.66
N GLY A 65 13.24 -10.44 7.31
CA GLY A 65 14.34 -9.82 8.03
C GLY A 65 13.90 -9.24 9.36
N GLU A 66 14.66 -8.28 9.86
CA GLU A 66 14.34 -7.65 11.14
C GLU A 66 14.57 -6.14 11.06
N PRO A 67 13.93 -5.39 11.98
CA PRO A 67 13.07 -5.98 13.01
C PRO A 67 11.77 -6.55 12.43
N ASN A 68 11.10 -5.76 11.59
CA ASN A 68 9.86 -6.18 10.97
C ASN A 68 9.90 -5.95 9.47
N LYS A 69 10.97 -6.40 8.82
CA LYS A 69 11.13 -6.24 7.38
C LYS A 69 10.20 -7.17 6.62
N LEU A 70 8.93 -6.79 6.53
CA LEU A 70 7.93 -7.60 5.83
C LEU A 70 8.03 -7.39 4.32
N ARG A 71 8.09 -8.50 3.58
CA ARG A 71 8.19 -8.44 2.14
C ARG A 71 7.12 -9.30 1.47
N CYS A 72 6.80 -8.99 0.23
CA CYS A 72 5.78 -9.74 -0.51
C CYS A 72 6.32 -11.09 -0.96
N GLN A 73 5.57 -12.15 -0.66
CA GLN A 73 5.97 -13.50 -1.04
C GLN A 73 4.77 -14.31 -1.50
N GLU A 74 4.86 -14.86 -2.71
CA GLU A 74 3.78 -15.66 -3.28
C GLU A 74 3.35 -16.75 -2.30
N GLU A 75 2.11 -16.68 -1.85
CA GLU A 75 1.57 -17.67 -0.92
C GLU A 75 1.49 -19.05 -1.57
N SER A 76 1.67 -20.09 -0.78
CA SER A 76 1.62 -21.46 -1.28
C SER A 76 0.27 -22.10 -0.94
N SER A 1 -15.50 -0.20 -6.04
CA SER A 1 -14.48 0.63 -6.68
C SER A 1 -13.68 1.42 -5.65
N VAL A 2 -12.44 1.74 -5.99
CA VAL A 2 -11.57 2.49 -5.09
C VAL A 2 -11.85 3.99 -5.17
N THR A 3 -11.94 4.64 -4.01
CA THR A 3 -12.20 6.07 -3.96
C THR A 3 -11.17 6.78 -3.08
N CYS A 4 -10.30 7.57 -3.71
CA CYS A 4 -9.27 8.30 -2.98
C CYS A 4 -9.29 9.78 -3.37
N GLY A 5 -9.05 10.64 -2.39
CA GLY A 5 -9.04 12.08 -2.64
C GLY A 5 -10.31 12.55 -3.32
N GLY A 6 -11.45 12.03 -2.87
CA GLY A 6 -12.72 12.42 -3.46
C GLY A 6 -12.81 12.07 -4.93
N LYS A 7 -11.96 11.15 -5.38
CA LYS A 7 -11.95 10.74 -6.78
C LYS A 7 -11.86 9.21 -6.90
N GLN A 8 -12.59 8.66 -7.85
CA GLN A 8 -12.59 7.22 -8.07
C GLN A 8 -11.41 6.79 -8.94
N CYS A 9 -10.74 5.72 -8.54
CA CYS A 9 -9.60 5.22 -9.28
C CYS A 9 -9.80 3.75 -9.67
N LYS A 10 -8.94 3.26 -10.56
CA LYS A 10 -9.03 1.88 -11.03
C LYS A 10 -8.69 0.91 -9.90
N PRO A 11 -9.11 -0.35 -10.06
CA PRO A 11 -8.85 -1.40 -9.06
C PRO A 11 -7.38 -1.79 -9.00
N ASN A 12 -7.04 -2.65 -8.05
CA ASN A 12 -5.66 -3.12 -7.88
C ASN A 12 -4.74 -1.95 -7.54
N SER A 13 -5.31 -0.91 -6.93
CA SER A 13 -4.54 0.26 -6.55
C SER A 13 -5.01 0.81 -5.20
N CYS A 14 -4.09 0.83 -4.23
CA CYS A 14 -4.40 1.31 -2.90
C CYS A 14 -4.17 2.83 -2.80
N CYS A 15 -4.65 3.42 -1.72
CA CYS A 15 -4.50 4.86 -1.49
C CYS A 15 -3.24 5.15 -0.68
N VAL A 16 -2.42 6.05 -1.19
CA VAL A 16 -1.18 6.43 -0.51
C VAL A 16 -1.19 7.91 -0.13
N GLN A 17 -0.64 8.21 1.05
CA GLN A 17 -0.59 9.59 1.53
C GLN A 17 0.85 10.04 1.70
N ASN A 18 1.13 11.27 1.26
CA ASN A 18 2.47 11.82 1.36
C ASN A 18 2.44 13.24 1.93
N SER A 19 1.41 13.52 2.73
CA SER A 19 1.25 14.84 3.34
C SER A 19 2.50 15.23 4.12
N HIS A 20 3.01 16.43 3.84
CA HIS A 20 4.21 16.93 4.52
C HIS A 20 3.83 17.91 5.63
N GLY A 21 2.62 17.78 6.15
CA GLY A 21 2.16 18.66 7.21
C GLY A 21 1.68 19.99 6.67
N LYS A 22 1.29 20.02 5.40
CA LYS A 22 0.80 21.23 4.77
C LYS A 22 -0.64 21.51 5.16
N GLY A 23 -1.37 20.45 5.50
CA GLY A 23 -2.76 20.59 5.90
C GLY A 23 -3.72 20.29 4.76
N LYS A 24 -3.21 19.64 3.72
CA LYS A 24 -4.02 19.27 2.57
C LYS A 24 -3.90 17.79 2.25
N ASP A 25 -4.73 16.97 2.91
CA ASP A 25 -4.71 15.53 2.70
C ASP A 25 -5.08 15.19 1.26
N SER A 26 -4.05 15.03 0.42
CA SER A 26 -4.27 14.70 -0.98
C SER A 26 -3.56 13.40 -1.35
N PRO A 27 -4.24 12.27 -1.10
CA PRO A 27 -3.69 10.94 -1.40
C PRO A 27 -3.60 10.68 -2.90
N ARG A 28 -2.87 9.62 -3.27
CA ARG A 28 -2.70 9.26 -4.67
C ARG A 28 -2.96 7.77 -4.88
N CYS A 29 -3.14 7.39 -6.14
CA CYS A 29 -3.39 5.99 -6.48
C CYS A 29 -2.10 5.29 -6.89
N HIS A 30 -1.73 4.26 -6.14
CA HIS A 30 -0.51 3.50 -6.43
C HIS A 30 -0.83 2.04 -6.72
N PRO A 31 -0.02 1.41 -7.57
CA PRO A 31 -0.19 0.00 -7.94
C PRO A 31 0.11 -0.95 -6.79
N LEU A 32 -0.58 -2.08 -6.75
CA LEU A 32 -0.38 -3.07 -5.70
C LEU A 32 1.08 -3.53 -5.66
N GLY A 33 1.55 -3.90 -4.47
CA GLY A 33 2.92 -4.35 -4.32
C GLY A 33 3.19 -5.64 -5.08
N LYS A 34 4.39 -5.77 -5.61
CA LYS A 34 4.78 -6.96 -6.36
C LYS A 34 5.60 -7.91 -5.50
N LEU A 35 6.14 -8.96 -6.12
CA LEU A 35 6.96 -9.94 -5.42
C LEU A 35 8.32 -9.36 -5.07
N ASN A 36 8.91 -9.85 -3.98
CA ASN A 36 10.22 -9.38 -3.55
C ASN A 36 10.21 -7.87 -3.30
N ASN A 37 9.02 -7.34 -3.06
CA ASN A 37 8.87 -5.91 -2.80
C ASN A 37 8.34 -5.66 -1.39
N PRO A 38 8.56 -4.43 -0.88
CA PRO A 38 8.11 -4.04 0.46
C PRO A 38 6.59 -3.91 0.55
N CYS A 39 6.03 -4.35 1.67
CA CYS A 39 4.59 -4.29 1.89
C CYS A 39 4.26 -4.12 3.36
N GLU A 40 3.02 -3.76 3.66
CA GLU A 40 2.58 -3.57 5.03
C GLU A 40 1.35 -4.42 5.33
N VAL A 41 1.27 -4.96 6.54
CA VAL A 41 0.15 -5.78 6.95
C VAL A 41 -1.18 -5.09 6.68
N GLU A 42 -1.37 -3.93 7.32
CA GLU A 42 -2.59 -3.17 7.15
C GLU A 42 -2.30 -1.66 7.12
N PRO A 43 -3.21 -0.89 6.51
CA PRO A 43 -3.07 0.56 6.41
C PRO A 43 -3.24 1.26 7.75
N ASN A 44 -3.37 2.59 7.71
CA ASN A 44 -3.54 3.36 8.93
C ASN A 44 -4.96 3.23 9.47
N GLU A 45 -5.30 4.06 10.44
CA GLU A 45 -6.63 4.04 11.05
C GLU A 45 -7.69 4.46 10.04
N ASN A 46 -7.26 5.15 8.98
CA ASN A 46 -8.17 5.61 7.94
C ASN A 46 -8.19 4.64 6.77
N GLY A 47 -7.07 3.95 6.57
CA GLY A 47 -6.98 3.01 5.46
C GLY A 47 -6.08 3.49 4.34
N ILE A 48 -5.05 4.26 4.71
CA ILE A 48 -4.12 4.79 3.73
C ILE A 48 -2.71 4.25 3.94
N TYR A 49 -1.92 4.24 2.89
CA TYR A 49 -0.55 3.74 2.96
C TYR A 49 0.46 4.87 2.77
N SER A 50 1.73 4.52 2.73
CA SER A 50 2.80 5.50 2.56
C SER A 50 3.24 5.58 1.10
N GLN A 51 4.05 4.60 0.68
CA GLN A 51 4.54 4.55 -0.70
C GLN A 51 4.15 3.24 -1.36
N HIS A 52 4.62 2.13 -0.79
CA HIS A 52 4.32 0.81 -1.33
C HIS A 52 2.90 0.39 -1.00
N CYS A 53 2.35 -0.54 -1.79
CA CYS A 53 1.00 -1.03 -1.58
C CYS A 53 1.01 -2.45 -1.04
N PRO A 54 -0.11 -2.86 -0.43
CA PRO A 54 -0.26 -4.20 0.14
C PRO A 54 -0.34 -5.28 -0.94
N CYS A 55 -0.15 -6.53 -0.54
CA CYS A 55 -0.20 -7.66 -1.46
C CYS A 55 -1.61 -7.84 -2.02
N GLY A 56 -1.72 -7.90 -3.34
CA GLY A 56 -3.02 -8.08 -3.96
C GLY A 56 -2.93 -8.81 -5.29
N GLU A 57 -1.80 -9.48 -5.51
CA GLU A 57 -1.58 -10.22 -6.75
C GLU A 57 -1.16 -11.66 -6.46
N GLY A 58 -1.59 -12.17 -5.31
CA GLY A 58 -1.25 -13.53 -4.93
C GLY A 58 -0.04 -13.59 -4.01
N LEU A 59 0.27 -12.47 -3.38
CA LEU A 59 1.41 -12.40 -2.47
C LEU A 59 0.94 -12.28 -1.02
N SER A 60 1.86 -12.52 -0.09
CA SER A 60 1.55 -12.45 1.33
C SER A 60 2.71 -11.87 2.12
N CYS A 61 2.43 -10.82 2.89
CA CYS A 61 3.45 -10.16 3.69
C CYS A 61 4.14 -11.16 4.62
N THR A 62 5.34 -11.58 4.24
CA THR A 62 6.10 -12.53 5.03
C THR A 62 7.42 -11.93 5.50
N LYS A 63 7.79 -12.23 6.74
CA LYS A 63 9.04 -11.72 7.30
C LYS A 63 10.25 -12.38 6.65
N VAL A 64 11.16 -11.56 6.13
CA VAL A 64 12.36 -12.07 5.48
C VAL A 64 13.62 -11.45 6.09
N GLY A 65 13.45 -10.80 7.24
CA GLY A 65 14.58 -10.17 7.90
C GLY A 65 14.22 -9.60 9.26
N GLU A 66 15.09 -8.77 9.80
CA GLU A 66 14.84 -8.16 11.11
C GLU A 66 15.35 -6.71 11.13
N PRO A 67 14.83 -5.92 12.08
CA PRO A 67 13.84 -6.40 13.05
C PRO A 67 12.48 -6.67 12.41
N ASN A 68 12.00 -5.73 11.62
CA ASN A 68 10.71 -5.86 10.94
C ASN A 68 10.86 -5.66 9.44
N LYS A 69 11.42 -6.67 8.77
CA LYS A 69 11.62 -6.59 7.32
C LYS A 69 10.55 -7.40 6.59
N LEU A 70 9.36 -6.82 6.47
CA LEU A 70 8.25 -7.47 5.79
C LEU A 70 8.37 -7.32 4.28
N ARG A 71 8.11 -8.40 3.56
CA ARG A 71 8.19 -8.38 2.09
C ARG A 71 7.11 -9.28 1.48
N CYS A 72 6.73 -8.97 0.25
CA CYS A 72 5.72 -9.76 -0.45
C CYS A 72 6.28 -11.08 -0.94
N GLN A 73 5.54 -12.16 -0.71
CA GLN A 73 5.98 -13.49 -1.13
C GLN A 73 4.80 -14.31 -1.64
N GLU A 74 5.03 -15.02 -2.75
CA GLU A 74 3.98 -15.83 -3.34
C GLU A 74 3.35 -16.76 -2.30
N GLU A 75 2.06 -16.57 -2.05
CA GLU A 75 1.35 -17.39 -1.06
C GLU A 75 1.00 -18.76 -1.65
N SER A 76 0.76 -19.72 -0.78
CA SER A 76 0.41 -21.07 -1.20
C SER A 76 -1.09 -21.31 -1.11
N SER A 1 -14.94 0.31 -6.96
CA SER A 1 -13.68 0.85 -7.45
C SER A 1 -12.98 1.68 -6.38
N VAL A 2 -11.69 1.89 -6.56
CA VAL A 2 -10.90 2.68 -5.61
C VAL A 2 -11.27 4.16 -5.67
N THR A 3 -11.46 4.76 -4.50
CA THR A 3 -11.82 6.17 -4.43
C THR A 3 -11.22 6.82 -3.18
N CYS A 4 -10.26 7.70 -3.40
CA CYS A 4 -9.59 8.39 -2.30
C CYS A 4 -9.18 9.81 -2.72
N GLY A 5 -9.45 10.77 -1.85
CA GLY A 5 -9.11 12.15 -2.14
C GLY A 5 -10.09 12.81 -3.09
N GLY A 6 -11.28 12.24 -3.18
CA GLY A 6 -12.30 12.79 -4.06
C GLY A 6 -12.06 12.44 -5.52
N LYS A 7 -11.30 11.38 -5.75
CA LYS A 7 -10.98 10.94 -7.11
C LYS A 7 -10.94 9.42 -7.19
N GLN A 8 -11.55 8.87 -8.25
CA GLN A 8 -11.57 7.43 -8.44
C GLN A 8 -10.40 6.99 -9.33
N CYS A 9 -9.84 5.83 -9.01
CA CYS A 9 -8.72 5.29 -9.77
C CYS A 9 -8.97 3.83 -10.15
N LYS A 10 -8.12 3.29 -11.01
CA LYS A 10 -8.25 1.91 -11.46
C LYS A 10 -8.20 0.95 -10.27
N PRO A 11 -8.69 -0.28 -10.47
CA PRO A 11 -8.71 -1.31 -9.43
C PRO A 11 -7.32 -1.82 -9.09
N ASN A 12 -7.24 -2.68 -8.08
CA ASN A 12 -5.96 -3.25 -7.66
C ASN A 12 -5.00 -2.15 -7.24
N SER A 13 -5.53 -1.11 -6.59
CA SER A 13 -4.71 0.01 -6.14
C SER A 13 -5.18 0.50 -4.77
N CYS A 14 -4.23 0.59 -3.84
CA CYS A 14 -4.54 1.03 -2.49
C CYS A 14 -4.39 2.55 -2.37
N CYS A 15 -4.87 3.11 -1.26
CA CYS A 15 -4.79 4.55 -1.03
C CYS A 15 -3.51 4.91 -0.29
N VAL A 16 -2.76 5.84 -0.86
CA VAL A 16 -1.50 6.28 -0.26
C VAL A 16 -1.51 7.79 0.01
N GLN A 17 -0.71 8.22 0.97
CA GLN A 17 -0.63 9.63 1.32
C GLN A 17 0.70 10.23 0.86
N ASN A 18 0.62 11.38 0.19
CA ASN A 18 1.81 12.06 -0.31
C ASN A 18 2.07 13.34 0.48
N SER A 19 1.01 13.91 1.04
CA SER A 19 1.13 15.15 1.80
C SER A 19 2.19 15.02 2.89
N HIS A 20 3.21 15.87 2.82
CA HIS A 20 4.29 15.85 3.79
C HIS A 20 4.12 16.96 4.82
N GLY A 21 2.87 17.35 5.06
CA GLY A 21 2.59 18.40 6.03
C GLY A 21 2.31 19.73 5.36
N LYS A 22 1.90 19.69 4.10
CA LYS A 22 1.60 20.89 3.35
C LYS A 22 0.33 21.56 3.88
N GLY A 23 -0.55 20.77 4.48
CA GLY A 23 -1.79 21.30 5.03
C GLY A 23 -2.99 20.90 4.21
N LYS A 24 -2.75 20.24 3.09
CA LYS A 24 -3.83 19.81 2.21
C LYS A 24 -3.78 18.29 2.00
N ASP A 25 -4.47 17.55 2.86
CA ASP A 25 -4.51 16.11 2.76
C ASP A 25 -5.06 15.66 1.42
N SER A 26 -4.17 15.27 0.51
CA SER A 26 -4.56 14.83 -0.82
C SER A 26 -3.83 13.55 -1.21
N PRO A 27 -4.38 12.40 -0.78
CA PRO A 27 -3.79 11.09 -1.08
C PRO A 27 -3.92 10.72 -2.55
N ARG A 28 -3.17 9.70 -2.96
CA ARG A 28 -3.18 9.24 -4.35
C ARG A 28 -3.35 7.73 -4.41
N CYS A 29 -3.59 7.22 -5.63
CA CYS A 29 -3.77 5.79 -5.83
C CYS A 29 -2.48 5.15 -6.36
N HIS A 30 -2.07 4.06 -5.73
CA HIS A 30 -0.86 3.35 -6.12
C HIS A 30 -1.17 1.89 -6.43
N PRO A 31 -0.39 1.31 -7.37
CA PRO A 31 -0.56 -0.09 -7.78
C PRO A 31 -0.14 -1.07 -6.68
N LEU A 32 -0.87 -2.18 -6.58
CA LEU A 32 -0.57 -3.19 -5.57
C LEU A 32 0.88 -3.64 -5.66
N GLY A 33 1.43 -4.07 -4.53
CA GLY A 33 2.81 -4.53 -4.51
C GLY A 33 3.01 -5.80 -5.30
N LYS A 34 4.26 -6.05 -5.70
CA LYS A 34 4.58 -7.24 -6.47
C LYS A 34 5.42 -8.21 -5.64
N LEU A 35 5.86 -9.29 -6.28
CA LEU A 35 6.69 -10.29 -5.61
C LEU A 35 8.08 -9.75 -5.29
N ASN A 36 8.62 -10.15 -4.15
CA ASN A 36 9.94 -9.70 -3.74
C ASN A 36 9.99 -8.18 -3.64
N ASN A 37 8.92 -7.59 -3.14
CA ASN A 37 8.84 -6.14 -2.98
C ASN A 37 8.42 -5.77 -1.55
N PRO A 38 8.71 -4.52 -1.16
CA PRO A 38 8.37 -4.01 0.17
C PRO A 38 6.87 -3.83 0.35
N CYS A 39 6.31 -4.47 1.37
CA CYS A 39 4.87 -4.38 1.65
C CYS A 39 4.62 -4.35 3.16
N GLU A 40 3.39 -4.04 3.53
CA GLU A 40 3.02 -3.97 4.95
C GLU A 40 1.77 -4.81 5.21
N VAL A 41 1.70 -5.40 6.41
CA VAL A 41 0.56 -6.22 6.79
C VAL A 41 -0.75 -5.47 6.58
N GLU A 42 -0.94 -4.39 7.31
CA GLU A 42 -2.16 -3.60 7.21
C GLU A 42 -1.84 -2.10 7.27
N PRO A 43 -2.74 -1.27 6.72
CA PRO A 43 -2.57 0.18 6.71
C PRO A 43 -2.71 0.80 8.09
N ASN A 44 -2.79 2.12 8.14
CA ASN A 44 -2.92 2.83 9.42
C ASN A 44 -4.32 2.68 9.97
N GLU A 45 -4.64 3.47 11.01
CA GLU A 45 -5.95 3.43 11.63
C GLU A 45 -7.02 3.95 10.69
N ASN A 46 -6.59 4.66 9.65
CA ASN A 46 -7.51 5.22 8.67
C ASN A 46 -7.64 4.31 7.46
N GLY A 47 -6.58 3.56 7.17
CA GLY A 47 -6.61 2.65 6.04
C GLY A 47 -5.81 3.18 4.86
N ILE A 48 -4.76 3.94 5.15
CA ILE A 48 -3.93 4.51 4.10
C ILE A 48 -2.47 4.05 4.25
N TYR A 49 -1.78 3.93 3.12
CA TYR A 49 -0.39 3.51 3.12
C TYR A 49 0.54 4.70 2.86
N SER A 50 1.84 4.41 2.76
CA SER A 50 2.83 5.45 2.52
C SER A 50 3.16 5.56 1.03
N GLN A 51 3.95 4.61 0.53
CA GLN A 51 4.33 4.61 -0.87
C GLN A 51 3.93 3.29 -1.53
N HIS A 52 4.47 2.19 -1.01
CA HIS A 52 4.17 0.86 -1.55
C HIS A 52 2.77 0.41 -1.13
N CYS A 53 2.25 -0.60 -1.82
CA CYS A 53 0.93 -1.13 -1.54
C CYS A 53 1.01 -2.56 -1.03
N PRO A 54 -0.05 -3.01 -0.34
CA PRO A 54 -0.12 -4.37 0.20
C PRO A 54 -0.26 -5.43 -0.89
N CYS A 55 -0.09 -6.69 -0.51
CA CYS A 55 -0.20 -7.80 -1.46
C CYS A 55 -1.63 -7.96 -1.93
N GLY A 56 -1.81 -8.06 -3.25
CA GLY A 56 -3.13 -8.23 -3.81
C GLY A 56 -3.10 -8.90 -5.16
N GLU A 57 -2.01 -9.59 -5.46
CA GLU A 57 -1.85 -10.27 -6.74
C GLU A 57 -1.46 -11.73 -6.54
N GLY A 58 -1.84 -12.28 -5.38
CA GLY A 58 -1.52 -13.67 -5.08
C GLY A 58 -0.28 -13.80 -4.21
N LEU A 59 0.08 -12.72 -3.52
CA LEU A 59 1.25 -12.72 -2.64
C LEU A 59 0.83 -12.70 -1.18
N SER A 60 1.82 -12.79 -0.30
CA SER A 60 1.56 -12.78 1.14
C SER A 60 2.68 -12.08 1.89
N CYS A 61 2.35 -10.97 2.54
CA CYS A 61 3.34 -10.21 3.30
C CYS A 61 4.03 -11.09 4.33
N THR A 62 5.28 -11.43 4.05
CA THR A 62 6.07 -12.27 4.95
C THR A 62 7.31 -11.54 5.45
N LYS A 63 7.62 -11.71 6.73
CA LYS A 63 8.79 -11.07 7.33
C LYS A 63 10.08 -11.66 6.77
N VAL A 64 10.92 -10.80 6.19
CA VAL A 64 12.18 -11.24 5.62
C VAL A 64 13.36 -10.60 6.35
N GLY A 65 13.09 -9.51 7.07
CA GLY A 65 14.13 -8.83 7.79
C GLY A 65 13.65 -8.30 9.13
N GLU A 66 14.35 -7.29 9.66
CA GLU A 66 13.99 -6.70 10.94
C GLU A 66 14.24 -5.20 10.93
N PRO A 67 13.58 -4.49 11.86
CA PRO A 67 12.67 -5.10 12.83
C PRO A 67 11.39 -5.62 12.18
N ASN A 68 10.77 -4.78 11.36
CA ASN A 68 9.54 -5.15 10.66
C ASN A 68 9.70 -5.00 9.15
N LYS A 69 10.74 -5.63 8.62
CA LYS A 69 11.01 -5.58 7.18
C LYS A 69 10.29 -6.71 6.45
N LEU A 70 8.99 -6.53 6.24
CA LEU A 70 8.18 -7.54 5.55
C LEU A 70 8.22 -7.32 4.05
N ARG A 71 7.97 -8.39 3.29
CA ARG A 71 7.97 -8.31 1.84
C ARG A 71 6.95 -9.29 1.25
N CYS A 72 6.53 -9.02 0.01
CA CYS A 72 5.56 -9.87 -0.66
C CYS A 72 6.19 -11.20 -1.07
N GLN A 73 5.43 -12.28 -0.92
CA GLN A 73 5.92 -13.61 -1.27
C GLN A 73 4.78 -14.50 -1.75
N GLU A 74 4.93 -15.08 -2.94
CA GLU A 74 3.91 -15.95 -3.50
C GLU A 74 3.51 -17.04 -2.50
N GLU A 75 2.25 -17.04 -2.09
CA GLU A 75 1.76 -18.02 -1.14
C GLU A 75 1.76 -19.42 -1.75
N SER A 76 1.76 -20.44 -0.90
CA SER A 76 1.77 -21.82 -1.36
C SER A 76 0.38 -22.24 -1.84
N SER A 1 -14.62 -0.24 -6.92
CA SER A 1 -13.73 0.77 -7.49
C SER A 1 -13.02 1.54 -6.40
N VAL A 2 -11.73 1.80 -6.60
CA VAL A 2 -10.93 2.52 -5.62
C VAL A 2 -11.24 4.02 -5.67
N THR A 3 -11.42 4.61 -4.50
CA THR A 3 -11.72 6.04 -4.40
C THR A 3 -10.96 6.69 -3.25
N CYS A 4 -9.96 7.49 -3.60
CA CYS A 4 -9.14 8.18 -2.60
C CYS A 4 -8.92 9.63 -2.98
N GLY A 5 -8.82 10.49 -1.97
CA GLY A 5 -8.61 11.91 -2.22
C GLY A 5 -9.71 12.51 -3.07
N GLY A 6 -10.94 12.07 -2.84
CA GLY A 6 -12.07 12.59 -3.59
C GLY A 6 -11.97 12.29 -5.07
N LYS A 7 -11.20 11.25 -5.41
CA LYS A 7 -11.01 10.86 -6.80
C LYS A 7 -10.96 9.34 -6.93
N GLN A 8 -11.53 8.83 -8.02
CA GLN A 8 -11.54 7.39 -8.27
C GLN A 8 -10.39 6.98 -9.18
N CYS A 9 -9.88 5.76 -8.98
CA CYS A 9 -8.77 5.26 -9.77
C CYS A 9 -9.01 3.79 -10.15
N LYS A 10 -8.18 3.29 -11.07
CA LYS A 10 -8.30 1.91 -11.51
C LYS A 10 -8.25 0.95 -10.33
N PRO A 11 -8.73 -0.29 -10.55
CA PRO A 11 -8.76 -1.33 -9.52
C PRO A 11 -7.36 -1.83 -9.16
N ASN A 12 -7.28 -2.70 -8.16
CA ASN A 12 -6.01 -3.25 -7.73
C ASN A 12 -5.05 -2.14 -7.31
N SER A 13 -5.58 -1.13 -6.64
CA SER A 13 -4.78 0.00 -6.19
C SER A 13 -5.21 0.45 -4.79
N CYS A 14 -4.24 0.62 -3.90
CA CYS A 14 -4.52 1.04 -2.53
C CYS A 14 -4.39 2.56 -2.41
N CYS A 15 -4.86 3.09 -1.28
CA CYS A 15 -4.79 4.53 -1.03
C CYS A 15 -3.49 4.89 -0.33
N VAL A 16 -2.73 5.80 -0.92
CA VAL A 16 -1.47 6.25 -0.35
C VAL A 16 -1.48 7.75 -0.08
N GLN A 17 -0.83 8.15 0.99
CA GLN A 17 -0.76 9.57 1.37
C GLN A 17 0.45 10.24 0.75
N ASN A 18 0.22 11.32 0.01
CA ASN A 18 1.30 12.05 -0.64
C ASN A 18 1.18 13.54 -0.37
N SER A 19 0.77 13.89 0.85
CA SER A 19 0.61 15.29 1.24
C SER A 19 1.97 15.93 1.51
N HIS A 20 2.13 17.18 1.08
CA HIS A 20 3.38 17.91 1.27
C HIS A 20 3.51 18.38 2.72
N GLY A 21 2.37 18.51 3.40
CA GLY A 21 2.38 18.97 4.77
C GLY A 21 2.03 20.44 4.91
N LYS A 22 1.15 20.91 4.04
CA LYS A 22 0.72 22.31 4.06
C LYS A 22 -0.69 22.44 4.61
N GLY A 23 -1.10 21.47 5.42
CA GLY A 23 -2.44 21.51 6.00
C GLY A 23 -3.49 20.94 5.07
N LYS A 24 -3.07 20.61 3.85
CA LYS A 24 -3.99 20.04 2.86
C LYS A 24 -3.54 18.64 2.44
N ASP A 25 -4.19 17.63 2.99
CA ASP A 25 -3.86 16.25 2.67
C ASP A 25 -4.50 15.82 1.35
N SER A 26 -3.67 15.38 0.42
CA SER A 26 -4.15 14.95 -0.89
C SER A 26 -3.50 13.64 -1.31
N PRO A 27 -4.09 12.51 -0.85
CA PRO A 27 -3.58 11.18 -1.17
C PRO A 27 -3.79 10.80 -2.63
N ARG A 28 -3.11 9.75 -3.07
CA ARG A 28 -3.21 9.30 -4.45
C ARG A 28 -3.38 7.78 -4.50
N CYS A 29 -3.62 7.26 -5.71
CA CYS A 29 -3.80 5.83 -5.90
C CYS A 29 -2.54 5.18 -6.44
N HIS A 30 -2.12 4.08 -5.79
CA HIS A 30 -0.92 3.37 -6.20
C HIS A 30 -1.24 1.91 -6.50
N PRO A 31 -0.47 1.32 -7.43
CA PRO A 31 -0.65 -0.08 -7.84
C PRO A 31 -0.24 -1.06 -6.74
N LEU A 32 -0.93 -2.18 -6.66
CA LEU A 32 -0.63 -3.20 -5.66
C LEU A 32 0.82 -3.63 -5.75
N GLY A 33 1.38 -4.03 -4.60
CA GLY A 33 2.77 -4.47 -4.57
C GLY A 33 2.98 -5.78 -5.32
N LYS A 34 4.22 -6.02 -5.74
CA LYS A 34 4.55 -7.23 -6.47
C LYS A 34 5.41 -8.17 -5.62
N LEU A 35 5.91 -9.23 -6.23
CA LEU A 35 6.75 -10.19 -5.53
C LEU A 35 8.13 -9.60 -5.22
N ASN A 36 8.70 -9.99 -4.09
CA ASN A 36 10.01 -9.50 -3.69
C ASN A 36 10.01 -7.98 -3.58
N ASN A 37 8.89 -7.42 -3.16
CA ASN A 37 8.76 -5.97 -3.01
C ASN A 37 8.34 -5.60 -1.60
N PRO A 38 8.59 -4.34 -1.21
CA PRO A 38 8.24 -3.83 0.11
C PRO A 38 6.73 -3.69 0.30
N CYS A 39 6.19 -4.42 1.28
CA CYS A 39 4.76 -4.37 1.57
C CYS A 39 4.52 -4.29 3.08
N GLU A 40 3.27 -4.01 3.45
CA GLU A 40 2.90 -3.91 4.85
C GLU A 40 1.66 -4.75 5.15
N VAL A 41 1.62 -5.34 6.34
CA VAL A 41 0.49 -6.17 6.74
C VAL A 41 -0.82 -5.43 6.56
N GLU A 42 -0.99 -4.33 7.31
CA GLU A 42 -2.21 -3.54 7.24
C GLU A 42 -1.88 -2.05 7.28
N PRO A 43 -2.81 -1.22 6.76
CA PRO A 43 -2.64 0.23 6.73
C PRO A 43 -2.73 0.86 8.11
N ASN A 44 -2.78 2.18 8.15
CA ASN A 44 -2.88 2.90 9.41
C ASN A 44 -4.27 2.77 10.02
N GLU A 45 -4.55 3.57 11.05
CA GLU A 45 -5.84 3.54 11.72
C GLU A 45 -6.93 4.08 10.79
N ASN A 46 -6.52 4.76 9.73
CA ASN A 46 -7.47 5.32 8.77
C ASN A 46 -7.64 4.40 7.57
N GLY A 47 -6.59 3.63 7.27
CA GLY A 47 -6.64 2.73 6.14
C GLY A 47 -5.87 3.24 4.95
N ILE A 48 -4.79 3.98 5.20
CA ILE A 48 -3.96 4.52 4.14
C ILE A 48 -2.52 4.05 4.26
N TYR A 49 -1.84 3.93 3.14
CA TYR A 49 -0.45 3.48 3.12
C TYR A 49 0.50 4.66 2.88
N SER A 50 1.79 4.36 2.77
CA SER A 50 2.79 5.39 2.54
C SER A 50 3.14 5.49 1.05
N GLN A 51 3.94 4.55 0.57
CA GLN A 51 4.33 4.54 -0.83
C GLN A 51 3.95 3.22 -1.49
N HIS A 52 4.47 2.12 -0.98
CA HIS A 52 4.17 0.80 -1.52
C HIS A 52 2.77 0.36 -1.13
N CYS A 53 2.24 -0.61 -1.86
CA CYS A 53 0.89 -1.13 -1.60
C CYS A 53 0.95 -2.56 -1.09
N PRO A 54 -0.13 -3.00 -0.43
CA PRO A 54 -0.22 -4.36 0.12
C PRO A 54 -0.33 -5.43 -0.96
N CYS A 55 -0.17 -6.68 -0.56
CA CYS A 55 -0.26 -7.79 -1.50
C CYS A 55 -1.68 -7.98 -2.00
N GLY A 56 -1.84 -8.07 -3.32
CA GLY A 56 -3.16 -8.25 -3.90
C GLY A 56 -3.10 -8.92 -5.26
N GLU A 57 -2.00 -9.59 -5.54
CA GLU A 57 -1.82 -10.28 -6.81
C GLU A 57 -1.42 -11.73 -6.60
N GLY A 58 -1.81 -12.28 -5.45
CA GLY A 58 -1.48 -13.66 -5.14
C GLY A 58 -0.24 -13.79 -4.28
N LEU A 59 0.09 -12.71 -3.56
CA LEU A 59 1.27 -12.71 -2.69
C LEU A 59 0.86 -12.73 -1.22
N SER A 60 1.84 -12.76 -0.33
CA SER A 60 1.59 -12.78 1.10
C SER A 60 2.71 -12.09 1.86
N CYS A 61 2.38 -10.97 2.50
CA CYS A 61 3.35 -10.21 3.27
C CYS A 61 4.03 -11.08 4.32
N THR A 62 5.28 -11.44 4.06
CA THR A 62 6.04 -12.28 4.98
C THR A 62 7.28 -11.55 5.49
N LYS A 63 7.57 -11.71 6.77
CA LYS A 63 8.72 -11.07 7.39
C LYS A 63 10.02 -11.69 6.87
N VAL A 64 10.89 -10.86 6.32
CA VAL A 64 12.17 -11.31 5.78
C VAL A 64 13.34 -10.70 6.56
N GLY A 65 13.07 -9.58 7.22
CA GLY A 65 14.11 -8.91 7.97
C GLY A 65 13.59 -8.29 9.26
N GLU A 66 14.37 -7.40 9.85
CA GLU A 66 13.98 -6.72 11.08
C GLU A 66 14.24 -5.22 10.99
N PRO A 67 13.56 -4.46 11.85
CA PRO A 67 12.62 -5.00 12.84
C PRO A 67 11.36 -5.55 12.18
N ASN A 68 10.76 -4.77 11.30
CA ASN A 68 9.55 -5.17 10.61
C ASN A 68 9.72 -5.07 9.10
N LYS A 69 10.80 -5.64 8.58
CA LYS A 69 11.08 -5.62 7.16
C LYS A 69 10.34 -6.74 6.43
N LEU A 70 9.05 -6.54 6.20
CA LEU A 70 8.23 -7.52 5.52
C LEU A 70 8.30 -7.34 4.00
N ARG A 71 8.06 -8.43 3.28
CA ARG A 71 8.10 -8.39 1.82
C ARG A 71 7.08 -9.35 1.22
N CYS A 72 6.57 -9.00 0.05
CA CYS A 72 5.58 -9.83 -0.63
C CYS A 72 6.19 -11.15 -1.07
N GLN A 73 5.45 -12.23 -0.89
CA GLN A 73 5.92 -13.57 -1.27
C GLN A 73 4.76 -14.45 -1.72
N GLU A 74 4.89 -15.01 -2.92
CA GLU A 74 3.84 -15.87 -3.47
C GLU A 74 3.46 -16.97 -2.47
N GLU A 75 2.21 -16.95 -2.03
CA GLU A 75 1.72 -17.95 -1.08
C GLU A 75 1.49 -19.29 -1.77
N SER A 76 1.48 -20.36 -0.98
CA SER A 76 1.26 -21.69 -1.51
C SER A 76 -0.01 -21.75 -2.35
N SER A 1 -14.53 -1.23 -6.11
CA SER A 1 -13.90 -0.06 -6.73
C SER A 1 -13.25 0.82 -5.68
N VAL A 2 -11.98 1.16 -5.91
CA VAL A 2 -11.22 1.99 -4.98
C VAL A 2 -11.74 3.43 -5.01
N THR A 3 -11.80 4.05 -3.83
CA THR A 3 -12.27 5.42 -3.72
C THR A 3 -11.59 6.15 -2.57
N CYS A 4 -10.80 7.16 -2.89
CA CYS A 4 -10.09 7.93 -1.87
C CYS A 4 -9.98 9.40 -2.29
N GLY A 5 -9.89 10.28 -1.30
CA GLY A 5 -9.78 11.70 -1.57
C GLY A 5 -11.00 12.24 -2.30
N GLY A 6 -12.14 11.58 -2.12
CA GLY A 6 -13.36 12.01 -2.77
C GLY A 6 -13.34 11.76 -4.26
N LYS A 7 -12.52 10.80 -4.69
CA LYS A 7 -12.41 10.47 -6.11
C LYS A 7 -12.20 8.97 -6.29
N GLN A 8 -12.62 8.45 -7.44
CA GLN A 8 -12.47 7.04 -7.74
C GLN A 8 -11.17 6.76 -8.49
N CYS A 9 -10.50 5.67 -8.12
CA CYS A 9 -9.24 5.30 -8.75
C CYS A 9 -9.37 3.95 -9.45
N LYS A 10 -8.30 3.55 -10.14
CA LYS A 10 -8.29 2.28 -10.87
C LYS A 10 -8.09 1.12 -9.90
N PRO A 11 -8.46 -0.09 -10.35
CA PRO A 11 -8.34 -1.31 -9.55
C PRO A 11 -6.87 -1.72 -9.35
N ASN A 12 -6.65 -2.64 -8.41
CA ASN A 12 -5.31 -3.12 -8.11
C ASN A 12 -4.39 -1.96 -7.72
N SER A 13 -4.97 -0.95 -7.05
CA SER A 13 -4.22 0.21 -6.62
C SER A 13 -4.68 0.69 -5.26
N CYS A 14 -3.73 0.93 -4.36
CA CYS A 14 -4.06 1.40 -3.01
C CYS A 14 -3.91 2.91 -2.91
N CYS A 15 -4.40 3.48 -1.82
CA CYS A 15 -4.33 4.91 -1.59
C CYS A 15 -3.12 5.27 -0.74
N VAL A 16 -2.28 6.15 -1.26
CA VAL A 16 -1.08 6.58 -0.53
C VAL A 16 -1.11 8.09 -0.27
N GLN A 17 -0.82 8.46 0.98
CA GLN A 17 -0.83 9.86 1.37
C GLN A 17 0.51 10.52 1.03
N ASN A 18 0.45 11.61 0.27
CA ASN A 18 1.65 12.33 -0.14
C ASN A 18 1.45 13.84 0.02
N SER A 19 0.94 14.24 1.18
CA SER A 19 0.70 15.65 1.46
C SER A 19 2.01 16.43 1.50
N HIS A 20 1.92 17.75 1.39
CA HIS A 20 3.10 18.60 1.42
C HIS A 20 3.06 19.54 2.63
N GLY A 21 2.35 19.13 3.68
CA GLY A 21 2.25 19.95 4.86
C GLY A 21 1.29 21.11 4.69
N LYS A 22 0.25 20.91 3.89
CA LYS A 22 -0.74 21.94 3.64
C LYS A 22 -1.92 21.81 4.59
N GLY A 23 -2.28 20.56 4.92
CA GLY A 23 -3.39 20.33 5.82
C GLY A 23 -4.60 19.77 5.09
N LYS A 24 -4.40 19.30 3.87
CA LYS A 24 -5.48 18.74 3.07
C LYS A 24 -5.14 17.34 2.59
N ASP A 25 -5.72 16.34 3.25
CA ASP A 25 -5.48 14.95 2.89
C ASP A 25 -5.73 14.72 1.41
N SER A 26 -4.66 14.53 0.65
CA SER A 26 -4.76 14.30 -0.78
C SER A 26 -3.96 13.07 -1.19
N PRO A 27 -4.59 11.88 -1.08
CA PRO A 27 -3.96 10.61 -1.44
C PRO A 27 -3.76 10.46 -2.93
N ARG A 28 -2.96 9.48 -3.33
CA ARG A 28 -2.68 9.23 -4.75
C ARG A 28 -2.95 7.77 -5.10
N CYS A 29 -2.89 7.48 -6.39
CA CYS A 29 -3.14 6.11 -6.87
C CYS A 29 -1.82 5.42 -7.23
N HIS A 30 -1.51 4.34 -6.52
CA HIS A 30 -0.29 3.59 -6.76
C HIS A 30 -0.60 2.11 -7.02
N PRO A 31 0.24 1.46 -7.85
CA PRO A 31 0.08 0.05 -8.18
C PRO A 31 0.38 -0.87 -7.01
N LEU A 32 -0.29 -2.02 -6.98
CA LEU A 32 -0.09 -2.99 -5.90
C LEU A 32 1.35 -3.48 -5.87
N GLY A 33 1.77 -3.98 -4.71
CA GLY A 33 3.13 -4.47 -4.57
C GLY A 33 3.35 -5.80 -5.28
N LYS A 34 4.59 -6.09 -5.61
CA LYS A 34 4.93 -7.33 -6.29
C LYS A 34 5.66 -8.30 -5.36
N LEU A 35 6.13 -9.41 -5.91
CA LEU A 35 6.85 -10.41 -5.13
C LEU A 35 8.23 -9.89 -4.72
N ASN A 36 8.70 -10.33 -3.56
CA ASN A 36 10.01 -9.92 -3.06
C ASN A 36 10.12 -8.40 -3.01
N ASN A 37 9.00 -7.75 -2.68
CA ASN A 37 8.97 -6.29 -2.59
C ASN A 37 8.49 -5.84 -1.21
N PRO A 38 8.81 -4.59 -0.86
CA PRO A 38 8.40 -4.01 0.43
C PRO A 38 6.90 -3.75 0.50
N CYS A 39 6.25 -4.42 1.45
CA CYS A 39 4.81 -4.27 1.63
C CYS A 39 4.46 -4.10 3.10
N GLU A 40 3.20 -3.76 3.38
CA GLU A 40 2.74 -3.57 4.74
C GLU A 40 1.51 -4.41 5.03
N VAL A 41 1.38 -4.85 6.28
CA VAL A 41 0.25 -5.68 6.69
C VAL A 41 -1.08 -4.96 6.42
N GLU A 42 -1.28 -3.84 7.10
CA GLU A 42 -2.50 -3.06 6.94
C GLU A 42 -2.21 -1.56 6.98
N PRO A 43 -3.07 -0.76 6.35
CA PRO A 43 -2.92 0.69 6.31
C PRO A 43 -3.18 1.35 7.66
N ASN A 44 -3.28 2.67 7.67
CA ASN A 44 -3.53 3.41 8.90
C ASN A 44 -4.98 3.29 9.33
N GLU A 45 -5.38 4.09 10.31
CA GLU A 45 -6.75 4.08 10.81
C GLU A 45 -7.73 4.53 9.73
N ASN A 46 -7.22 5.28 8.76
CA ASN A 46 -8.05 5.79 7.67
C ASN A 46 -8.01 4.84 6.48
N GLY A 47 -6.92 4.09 6.35
CA GLY A 47 -6.77 3.16 5.26
C GLY A 47 -5.83 3.67 4.18
N ILE A 48 -4.86 4.48 4.59
CA ILE A 48 -3.90 5.04 3.66
C ILE A 48 -2.52 4.41 3.85
N TYR A 49 -1.71 4.45 2.80
CA TYR A 49 -0.36 3.88 2.85
C TYR A 49 0.70 4.98 2.71
N SER A 50 1.96 4.57 2.68
CA SER A 50 3.07 5.51 2.55
C SER A 50 3.51 5.61 1.10
N GLN A 51 4.30 4.65 0.65
CA GLN A 51 4.81 4.64 -0.71
C GLN A 51 4.41 3.35 -1.43
N HIS A 52 4.83 2.22 -0.87
CA HIS A 52 4.52 0.92 -1.45
C HIS A 52 3.08 0.51 -1.16
N CYS A 53 2.54 -0.40 -1.96
CA CYS A 53 1.17 -0.87 -1.79
C CYS A 53 1.15 -2.29 -1.24
N PRO A 54 0.02 -2.68 -0.64
CA PRO A 54 -0.16 -4.01 -0.07
C PRO A 54 -0.25 -5.09 -1.14
N CYS A 55 -0.15 -6.35 -0.71
CA CYS A 55 -0.22 -7.48 -1.63
C CYS A 55 -1.62 -7.63 -2.22
N GLY A 56 -1.70 -7.80 -3.54
CA GLY A 56 -2.99 -7.94 -4.19
C GLY A 56 -2.88 -8.68 -5.51
N GLU A 57 -1.79 -9.43 -5.68
CA GLU A 57 -1.57 -10.19 -6.91
C GLU A 57 -1.24 -11.64 -6.59
N GLY A 58 -1.72 -12.13 -5.45
CA GLY A 58 -1.47 -13.50 -5.06
C GLY A 58 -0.28 -13.61 -4.12
N LEU A 59 0.05 -12.53 -3.44
CA LEU A 59 1.17 -12.52 -2.50
C LEU A 59 0.69 -12.43 -1.07
N SER A 60 1.63 -12.48 -0.13
CA SER A 60 1.30 -12.40 1.29
C SER A 60 2.45 -11.81 2.09
N CYS A 61 2.17 -10.71 2.79
CA CYS A 61 3.18 -10.05 3.60
C CYS A 61 3.83 -11.01 4.59
N THR A 62 5.10 -11.32 4.37
CA THR A 62 5.83 -12.24 5.23
C THR A 62 7.17 -11.65 5.64
N LYS A 63 7.52 -11.80 6.91
CA LYS A 63 8.77 -11.29 7.44
C LYS A 63 9.96 -12.03 6.83
N VAL A 64 10.90 -11.27 6.27
CA VAL A 64 12.09 -11.86 5.66
C VAL A 64 13.35 -11.43 6.39
N GLY A 65 13.28 -10.31 7.09
CA GLY A 65 14.44 -9.81 7.83
C GLY A 65 14.03 -9.09 9.10
N GLU A 66 14.98 -8.39 9.71
CA GLU A 66 14.74 -7.65 10.94
C GLU A 66 14.98 -6.16 10.75
N PRO A 67 14.39 -5.35 11.63
CA PRO A 67 13.56 -5.85 12.74
C PRO A 67 12.25 -6.43 12.26
N ASN A 68 11.55 -5.68 11.39
CA ASN A 68 10.26 -6.12 10.86
C ASN A 68 10.24 -5.96 9.35
N LYS A 69 11.32 -6.34 8.69
CA LYS A 69 11.41 -6.25 7.24
C LYS A 69 10.44 -7.21 6.57
N LEU A 70 9.22 -6.72 6.32
CA LEU A 70 8.19 -7.52 5.67
C LEU A 70 8.30 -7.45 4.15
N ARG A 71 8.17 -8.60 3.50
CA ARG A 71 8.26 -8.65 2.05
C ARG A 71 7.15 -9.53 1.47
N CYS A 72 6.66 -9.16 0.29
CA CYS A 72 5.59 -9.91 -0.37
C CYS A 72 6.09 -11.29 -0.80
N GLN A 73 5.27 -12.31 -0.57
CA GLN A 73 5.62 -13.67 -0.93
C GLN A 73 4.39 -14.45 -1.37
N GLU A 74 4.46 -15.04 -2.57
CA GLU A 74 3.36 -15.81 -3.12
C GLU A 74 2.87 -16.86 -2.12
N GLU A 75 1.63 -16.72 -1.67
CA GLU A 75 1.05 -17.66 -0.72
C GLU A 75 0.86 -19.03 -1.34
N SER A 76 0.83 -20.06 -0.49
CA SER A 76 0.67 -21.43 -0.96
C SER A 76 -0.61 -21.57 -1.78
N SER A 1 -15.49 -0.52 -5.77
CA SER A 1 -14.35 0.11 -6.42
C SER A 1 -13.51 0.90 -5.41
N VAL A 2 -12.33 1.33 -5.84
CA VAL A 2 -11.43 2.09 -4.97
C VAL A 2 -11.73 3.58 -5.06
N THR A 3 -11.78 4.23 -3.91
CA THR A 3 -12.05 5.67 -3.84
C THR A 3 -11.05 6.38 -2.94
N CYS A 4 -10.17 7.17 -3.55
CA CYS A 4 -9.17 7.92 -2.80
C CYS A 4 -9.20 9.40 -3.16
N GLY A 5 -9.08 10.26 -2.15
CA GLY A 5 -9.09 11.68 -2.39
C GLY A 5 -10.44 12.18 -2.87
N GLY A 6 -11.48 11.38 -2.65
CA GLY A 6 -12.82 11.76 -3.08
C GLY A 6 -13.15 11.24 -4.45
N LYS A 7 -12.13 10.90 -5.23
CA LYS A 7 -12.32 10.40 -6.58
C LYS A 7 -12.00 8.91 -6.65
N GLN A 8 -12.62 8.21 -7.60
CA GLN A 8 -12.40 6.79 -7.77
C GLN A 8 -11.12 6.53 -8.56
N CYS A 9 -10.42 5.46 -8.21
CA CYS A 9 -9.18 5.10 -8.88
C CYS A 9 -9.27 3.71 -9.48
N LYS A 10 -8.40 3.42 -10.45
CA LYS A 10 -8.38 2.13 -11.11
C LYS A 10 -8.21 1.00 -10.11
N PRO A 11 -8.56 -0.23 -10.52
CA PRO A 11 -8.45 -1.41 -9.66
C PRO A 11 -7.00 -1.81 -9.41
N ASN A 12 -6.79 -2.70 -8.44
CA ASN A 12 -5.45 -3.16 -8.10
C ASN A 12 -4.55 -2.00 -7.69
N SER A 13 -5.16 -1.00 -7.04
CA SER A 13 -4.42 0.17 -6.58
C SER A 13 -4.91 0.64 -5.22
N CYS A 14 -4.00 0.72 -4.26
CA CYS A 14 -4.35 1.16 -2.92
C CYS A 14 -4.25 2.67 -2.79
N CYS A 15 -4.76 3.20 -1.69
CA CYS A 15 -4.74 4.64 -1.45
C CYS A 15 -3.45 5.05 -0.72
N VAL A 16 -2.68 5.92 -1.35
CA VAL A 16 -1.42 6.38 -0.77
C VAL A 16 -1.46 7.89 -0.52
N GLN A 17 -0.88 8.31 0.60
CA GLN A 17 -0.85 9.73 0.96
C GLN A 17 0.55 10.30 0.78
N ASN A 18 0.65 11.35 -0.04
CA ASN A 18 1.93 11.99 -0.30
C ASN A 18 1.84 13.49 -0.09
N SER A 19 2.13 13.94 1.12
CA SER A 19 2.08 15.35 1.46
C SER A 19 3.48 15.93 1.62
N HIS A 20 3.61 17.24 1.38
CA HIS A 20 4.90 17.90 1.51
C HIS A 20 4.91 18.86 2.69
N GLY A 21 4.10 18.55 3.70
CA GLY A 21 4.03 19.38 4.89
C GLY A 21 3.30 20.69 4.63
N LYS A 22 2.43 20.69 3.62
CA LYS A 22 1.66 21.87 3.28
C LYS A 22 0.36 21.94 4.08
N GLY A 23 -0.14 20.77 4.47
CA GLY A 23 -1.37 20.72 5.25
C GLY A 23 -2.58 20.40 4.40
N LYS A 24 -2.33 19.91 3.19
CA LYS A 24 -3.41 19.55 2.27
C LYS A 24 -3.36 18.08 1.90
N ASP A 25 -4.04 17.25 2.69
CA ASP A 25 -4.07 15.81 2.43
C ASP A 25 -4.54 15.52 1.02
N SER A 26 -3.59 15.19 0.14
CA SER A 26 -3.90 14.89 -1.26
C SER A 26 -3.26 13.58 -1.68
N PRO A 27 -3.94 12.46 -1.41
CA PRO A 27 -3.45 11.12 -1.75
C PRO A 27 -3.47 10.87 -3.26
N ARG A 28 -2.79 9.81 -3.69
CA ARG A 28 -2.73 9.46 -5.10
C ARG A 28 -2.96 7.97 -5.30
N CYS A 29 -3.05 7.55 -6.56
CA CYS A 29 -3.26 6.15 -6.89
C CYS A 29 -1.94 5.45 -7.21
N HIS A 30 -1.71 4.31 -6.57
CA HIS A 30 -0.48 3.55 -6.79
C HIS A 30 -0.79 2.08 -7.00
N PRO A 31 0.04 1.41 -7.82
CA PRO A 31 -0.13 -0.02 -8.12
C PRO A 31 0.19 -0.90 -6.93
N LEU A 32 -0.39 -2.10 -6.93
CA LEU A 32 -0.19 -3.05 -5.84
C LEU A 32 1.27 -3.47 -5.75
N GLY A 33 1.67 -4.02 -4.60
CA GLY A 33 3.04 -4.46 -4.42
C GLY A 33 3.35 -5.75 -5.18
N LYS A 34 4.60 -5.91 -5.58
CA LYS A 34 5.01 -7.09 -6.31
C LYS A 34 5.71 -8.08 -5.38
N LEU A 35 6.25 -9.15 -5.96
CA LEU A 35 6.94 -10.18 -5.19
C LEU A 35 8.28 -9.66 -4.67
N ASN A 36 8.65 -10.08 -3.47
CA ASN A 36 9.91 -9.65 -2.87
C ASN A 36 9.98 -8.13 -2.77
N ASN A 37 8.81 -7.49 -2.69
CA ASN A 37 8.75 -6.04 -2.58
C ASN A 37 8.29 -5.62 -1.20
N PRO A 38 8.57 -4.36 -0.84
CA PRO A 38 8.20 -3.80 0.46
C PRO A 38 6.69 -3.58 0.58
N CYS A 39 6.08 -4.26 1.56
CA CYS A 39 4.64 -4.14 1.77
C CYS A 39 4.33 -4.02 3.26
N GLU A 40 3.09 -3.62 3.57
CA GLU A 40 2.67 -3.47 4.96
C GLU A 40 1.41 -4.28 5.24
N VAL A 41 1.33 -4.86 6.43
CA VAL A 41 0.18 -5.66 6.83
C VAL A 41 -1.12 -4.90 6.60
N GLU A 42 -1.28 -3.79 7.30
CA GLU A 42 -2.48 -2.97 7.18
C GLU A 42 -2.13 -1.49 7.17
N PRO A 43 -3.03 -0.67 6.61
CA PRO A 43 -2.84 0.78 6.52
C PRO A 43 -2.94 1.46 7.88
N ASN A 44 -2.98 2.78 7.88
CA ASN A 44 -3.08 3.56 9.11
C ASN A 44 -4.47 3.45 9.71
N GLU A 45 -4.74 4.28 10.72
CA GLU A 45 -6.05 4.27 11.38
C GLU A 45 -7.14 4.78 10.44
N ASN A 46 -6.72 5.41 9.34
CA ASN A 46 -7.66 5.95 8.38
C ASN A 46 -7.86 4.99 7.21
N GLY A 47 -6.83 4.19 6.93
CA GLY A 47 -6.91 3.23 5.84
C GLY A 47 -6.11 3.67 4.62
N ILE A 48 -5.01 4.38 4.87
CA ILE A 48 -4.15 4.86 3.78
C ILE A 48 -2.72 4.41 3.98
N TYR A 49 -2.01 4.20 2.87
CA TYR A 49 -0.62 3.77 2.92
C TYR A 49 0.33 4.94 2.71
N SER A 50 1.62 4.66 2.65
CA SER A 50 2.62 5.69 2.46
C SER A 50 3.01 5.80 0.99
N GLN A 51 3.85 4.86 0.53
CA GLN A 51 4.29 4.85 -0.85
C GLN A 51 3.95 3.52 -1.53
N HIS A 52 4.46 2.43 -0.97
CA HIS A 52 4.21 1.10 -1.52
C HIS A 52 2.79 0.64 -1.19
N CYS A 53 2.32 -0.36 -1.91
CA CYS A 53 0.97 -0.90 -1.69
C CYS A 53 1.04 -2.32 -1.16
N PRO A 54 -0.05 -2.77 -0.52
CA PRO A 54 -0.14 -4.12 0.05
C PRO A 54 -0.22 -5.20 -1.02
N CYS A 55 -0.07 -6.45 -0.62
CA CYS A 55 -0.12 -7.57 -1.54
C CYS A 55 -1.54 -7.74 -2.09
N GLY A 56 -1.64 -7.76 -3.41
CA GLY A 56 -2.94 -7.92 -4.05
C GLY A 56 -2.84 -8.62 -5.39
N GLU A 57 -1.71 -9.27 -5.64
CA GLU A 57 -1.51 -9.98 -6.90
C GLU A 57 -1.10 -11.43 -6.64
N GLY A 58 -1.69 -12.03 -5.61
CA GLY A 58 -1.38 -13.40 -5.27
C GLY A 58 -0.18 -13.53 -4.36
N LEU A 59 0.11 -12.46 -3.62
CA LEU A 59 1.24 -12.45 -2.70
C LEU A 59 0.77 -12.47 -1.25
N SER A 60 1.72 -12.56 -0.32
CA SER A 60 1.40 -12.59 1.11
C SER A 60 2.53 -11.97 1.92
N CYS A 61 2.21 -10.90 2.64
CA CYS A 61 3.19 -10.21 3.45
C CYS A 61 3.85 -11.17 4.44
N THR A 62 5.13 -11.45 4.22
CA THR A 62 5.87 -12.37 5.08
C THR A 62 7.20 -11.76 5.51
N LYS A 63 7.58 -11.98 6.76
CA LYS A 63 8.83 -11.46 7.29
C LYS A 63 10.02 -12.14 6.62
N VAL A 64 10.86 -11.34 5.97
CA VAL A 64 12.04 -11.86 5.29
C VAL A 64 13.31 -11.39 5.98
N GLY A 65 13.21 -10.31 6.74
CA GLY A 65 14.36 -9.79 7.45
C GLY A 65 14.04 -9.40 8.88
N GLU A 66 14.85 -8.50 9.44
CA GLU A 66 14.65 -8.06 10.81
C GLU A 66 15.01 -6.58 10.96
N PRO A 67 14.48 -5.94 12.03
CA PRO A 67 13.62 -6.62 12.99
C PRO A 67 12.26 -6.97 12.41
N ASN A 68 11.63 -6.01 11.76
CA ASN A 68 10.31 -6.22 11.15
C ASN A 68 10.34 -5.87 9.67
N LYS A 69 11.21 -6.54 8.93
CA LYS A 69 11.33 -6.30 7.49
C LYS A 69 10.39 -7.22 6.70
N LEU A 70 9.13 -6.82 6.60
CA LEU A 70 8.14 -7.60 5.88
C LEU A 70 8.33 -7.46 4.37
N ARG A 71 7.99 -8.52 3.63
CA ARG A 71 8.12 -8.51 2.18
C ARG A 71 7.08 -9.42 1.54
N CYS A 72 6.62 -9.03 0.35
CA CYS A 72 5.61 -9.81 -0.36
C CYS A 72 6.19 -11.16 -0.80
N GLN A 73 5.37 -12.20 -0.72
CA GLN A 73 5.80 -13.54 -1.11
C GLN A 73 4.61 -14.36 -1.61
N GLU A 74 4.75 -14.93 -2.79
CA GLU A 74 3.69 -15.75 -3.39
C GLU A 74 3.23 -16.83 -2.41
N GLU A 75 1.96 -16.75 -2.01
CA GLU A 75 1.39 -17.71 -1.09
C GLU A 75 1.23 -19.08 -1.75
N SER A 76 1.16 -20.12 -0.94
CA SER A 76 1.01 -21.48 -1.45
C SER A 76 -0.28 -22.11 -0.91
N SER A 1 -15.21 -0.72 -5.95
CA SER A 1 -14.29 0.25 -6.55
C SER A 1 -13.59 1.07 -5.47
N VAL A 2 -12.31 1.36 -5.70
CA VAL A 2 -11.53 2.14 -4.75
C VAL A 2 -11.91 3.60 -4.79
N THR A 3 -11.89 4.25 -3.63
CA THR A 3 -12.24 5.66 -3.54
C THR A 3 -11.45 6.35 -2.43
N CYS A 4 -10.73 7.41 -2.79
CA CYS A 4 -9.93 8.15 -1.83
C CYS A 4 -9.82 9.62 -2.23
N GLY A 5 -9.68 10.50 -1.24
CA GLY A 5 -9.56 11.92 -1.52
C GLY A 5 -10.76 12.46 -2.28
N GLY A 6 -11.94 11.96 -1.95
CA GLY A 6 -13.15 12.42 -2.61
C GLY A 6 -13.14 12.10 -4.10
N LYS A 7 -12.32 11.15 -4.50
CA LYS A 7 -12.22 10.75 -5.90
C LYS A 7 -12.09 9.24 -6.04
N GLN A 8 -12.51 8.71 -7.18
CA GLN A 8 -12.44 7.27 -7.44
C GLN A 8 -11.16 6.91 -8.17
N CYS A 9 -10.54 5.82 -7.76
CA CYS A 9 -9.30 5.36 -8.38
C CYS A 9 -9.51 4.04 -9.11
N LYS A 10 -8.47 3.57 -9.80
CA LYS A 10 -8.54 2.32 -10.55
C LYS A 10 -8.32 1.13 -9.62
N PRO A 11 -8.74 -0.06 -10.08
CA PRO A 11 -8.60 -1.30 -9.31
C PRO A 11 -7.14 -1.76 -9.20
N ASN A 12 -6.88 -2.67 -8.28
CA ASN A 12 -5.53 -3.18 -8.08
C ASN A 12 -4.57 -2.05 -7.69
N SER A 13 -5.12 -1.00 -7.11
CA SER A 13 -4.31 0.15 -6.69
C SER A 13 -4.82 0.72 -5.37
N CYS A 14 -3.96 0.72 -4.37
CA CYS A 14 -4.31 1.24 -3.05
C CYS A 14 -4.07 2.74 -2.97
N CYS A 15 -4.57 3.36 -1.92
CA CYS A 15 -4.41 4.80 -1.72
C CYS A 15 -3.13 5.10 -0.96
N VAL A 16 -2.37 6.07 -1.46
CA VAL A 16 -1.11 6.47 -0.83
C VAL A 16 -1.07 7.96 -0.58
N GLN A 17 -0.85 8.35 0.68
CA GLN A 17 -0.78 9.75 1.06
C GLN A 17 0.60 10.33 0.77
N ASN A 18 0.63 11.42 0.01
CA ASN A 18 1.90 12.07 -0.33
C ASN A 18 1.86 13.55 0.03
N SER A 19 1.42 13.84 1.25
CA SER A 19 1.33 15.23 1.71
C SER A 19 2.71 15.75 2.12
N HIS A 20 2.85 17.07 2.13
CA HIS A 20 4.11 17.70 2.49
C HIS A 20 3.93 18.65 3.67
N GLY A 21 2.95 18.35 4.51
CA GLY A 21 2.68 19.19 5.66
C GLY A 21 1.91 20.44 5.31
N LYS A 22 1.21 20.41 4.17
CA LYS A 22 0.43 21.55 3.72
C LYS A 22 -0.91 21.61 4.44
N GLY A 23 -1.42 20.45 4.82
CA GLY A 23 -2.70 20.38 5.52
C GLY A 23 -3.83 19.95 4.61
N LYS A 24 -3.49 19.41 3.45
CA LYS A 24 -4.48 18.95 2.49
C LYS A 24 -4.26 17.48 2.14
N ASP A 25 -5.09 16.61 2.71
CA ASP A 25 -5.00 15.18 2.45
C ASP A 25 -5.35 14.87 1.01
N SER A 26 -4.33 14.65 0.18
CA SER A 26 -4.52 14.35 -1.23
C SER A 26 -3.75 13.09 -1.62
N PRO A 27 -4.36 11.92 -1.39
CA PRO A 27 -3.75 10.63 -1.72
C PRO A 27 -3.65 10.40 -3.23
N ARG A 28 -2.86 9.39 -3.62
CA ARG A 28 -2.69 9.08 -5.03
C ARG A 28 -2.99 7.60 -5.29
N CYS A 29 -2.99 7.22 -6.56
CA CYS A 29 -3.26 5.84 -6.94
C CYS A 29 -1.97 5.12 -7.34
N HIS A 30 -1.56 4.16 -6.51
CA HIS A 30 -0.35 3.40 -6.77
C HIS A 30 -0.68 1.92 -7.00
N PRO A 31 0.14 1.26 -7.84
CA PRO A 31 -0.04 -0.15 -8.16
C PRO A 31 0.29 -1.06 -6.98
N LEU A 32 -0.34 -2.24 -6.95
CA LEU A 32 -0.13 -3.19 -5.87
C LEU A 32 1.32 -3.70 -5.89
N GLY A 33 1.83 -4.01 -4.70
CA GLY A 33 3.18 -4.51 -4.59
C GLY A 33 3.41 -5.79 -5.35
N LYS A 34 4.64 -6.03 -5.78
CA LYS A 34 4.97 -7.23 -6.53
C LYS A 34 5.71 -8.23 -5.65
N LEU A 35 6.24 -9.29 -6.27
CA LEU A 35 6.98 -10.31 -5.54
C LEU A 35 8.34 -9.80 -5.10
N ASN A 36 8.76 -10.19 -3.90
CA ASN A 36 10.05 -9.78 -3.37
C ASN A 36 10.13 -8.26 -3.25
N ASN A 37 8.99 -7.64 -2.94
CA ASN A 37 8.93 -6.19 -2.81
C ASN A 37 8.45 -5.79 -1.41
N PRO A 38 8.75 -4.54 -1.01
CA PRO A 38 8.36 -4.02 0.31
C PRO A 38 6.86 -3.81 0.42
N CYS A 39 6.24 -4.49 1.37
CA CYS A 39 4.80 -4.39 1.58
C CYS A 39 4.48 -4.27 3.08
N GLU A 40 3.28 -3.79 3.38
CA GLU A 40 2.85 -3.62 4.77
C GLU A 40 1.58 -4.41 5.04
N VAL A 41 1.45 -4.92 6.26
CA VAL A 41 0.27 -5.69 6.65
C VAL A 41 -1.01 -4.92 6.38
N GLU A 42 -1.19 -3.81 7.09
CA GLU A 42 -2.37 -2.97 6.92
C GLU A 42 -2.00 -1.49 6.92
N PRO A 43 -2.87 -0.67 6.32
CA PRO A 43 -2.66 0.78 6.25
C PRO A 43 -2.79 1.46 7.60
N ASN A 44 -2.83 2.79 7.59
CA ASN A 44 -2.96 3.57 8.82
C ASN A 44 -4.37 3.45 9.38
N GLU A 45 -4.68 4.28 10.38
CA GLU A 45 -6.00 4.28 11.00
C GLU A 45 -7.05 4.78 10.04
N ASN A 46 -6.61 5.43 8.97
CA ASN A 46 -7.52 5.97 7.97
C ASN A 46 -7.70 4.99 6.80
N GLY A 47 -6.67 4.19 6.56
CA GLY A 47 -6.73 3.22 5.48
C GLY A 47 -5.91 3.64 4.28
N ILE A 48 -4.81 4.34 4.54
CA ILE A 48 -3.93 4.80 3.47
C ILE A 48 -2.49 4.36 3.71
N TYR A 49 -1.76 4.14 2.63
CA TYR A 49 -0.37 3.71 2.72
C TYR A 49 0.58 4.86 2.46
N SER A 50 1.88 4.57 2.44
CA SER A 50 2.89 5.59 2.21
C SER A 50 3.28 5.66 0.73
N GLN A 51 4.09 4.70 0.30
CA GLN A 51 4.53 4.64 -1.09
C GLN A 51 4.16 3.31 -1.73
N HIS A 52 4.65 2.22 -1.15
CA HIS A 52 4.37 0.89 -1.67
C HIS A 52 2.96 0.45 -1.29
N CYS A 53 2.44 -0.54 -2.02
CA CYS A 53 1.10 -1.06 -1.76
C CYS A 53 1.16 -2.48 -1.23
N PRO A 54 0.06 -2.91 -0.57
CA PRO A 54 -0.04 -4.26 -0.01
C PRO A 54 -0.14 -5.34 -1.08
N CYS A 55 0.01 -6.59 -0.66
CA CYS A 55 -0.06 -7.71 -1.58
C CYS A 55 -1.47 -7.90 -2.12
N GLY A 56 -1.61 -7.93 -3.44
CA GLY A 56 -2.92 -8.10 -4.05
C GLY A 56 -2.84 -8.80 -5.39
N GLU A 57 -1.73 -9.49 -5.65
CA GLU A 57 -1.54 -10.20 -6.90
C GLU A 57 -1.15 -11.65 -6.66
N GLY A 58 -1.58 -12.18 -5.52
CA GLY A 58 -1.28 -13.56 -5.18
C GLY A 58 -0.04 -13.68 -4.30
N LEU A 59 0.27 -12.61 -3.58
CA LEU A 59 1.43 -12.60 -2.69
C LEU A 59 1.00 -12.59 -1.23
N SER A 60 1.95 -12.80 -0.33
CA SER A 60 1.67 -12.82 1.10
C SER A 60 2.79 -12.15 1.89
N CYS A 61 2.45 -11.07 2.57
CA CYS A 61 3.44 -10.33 3.37
C CYS A 61 4.12 -11.25 4.38
N THR A 62 5.36 -11.63 4.08
CA THR A 62 6.12 -12.51 4.96
C THR A 62 7.35 -11.80 5.50
N LYS A 63 7.60 -11.98 6.80
CA LYS A 63 8.75 -11.36 7.46
C LYS A 63 10.06 -11.97 6.96
N VAL A 64 10.95 -11.12 6.46
CA VAL A 64 12.24 -11.59 5.96
C VAL A 64 13.38 -10.84 6.63
N GLY A 65 13.07 -10.13 7.70
CA GLY A 65 14.09 -9.38 8.41
C GLY A 65 13.56 -8.75 9.69
N GLU A 66 14.34 -7.85 10.27
CA GLU A 66 13.95 -7.18 11.50
C GLU A 66 14.04 -5.66 11.36
N PRO A 67 13.32 -4.93 12.22
CA PRO A 67 12.49 -5.54 13.26
C PRO A 67 11.26 -6.24 12.69
N ASN A 68 10.55 -5.55 11.81
CA ASN A 68 9.36 -6.11 11.18
C ASN A 68 9.44 -6.01 9.67
N LYS A 69 10.60 -6.34 9.12
CA LYS A 69 10.82 -6.29 7.67
C LYS A 69 9.94 -7.31 6.96
N LEU A 70 8.85 -6.84 6.38
CA LEU A 70 7.92 -7.72 5.66
C LEU A 70 8.08 -7.55 4.14
N ARG A 71 8.04 -8.67 3.43
CA ARG A 71 8.18 -8.65 1.98
C ARG A 71 7.15 -9.58 1.33
N CYS A 72 6.75 -9.23 0.11
CA CYS A 72 5.76 -10.01 -0.62
C CYS A 72 6.36 -11.34 -1.08
N GLN A 73 5.56 -12.40 -0.99
CA GLN A 73 6.01 -13.74 -1.38
C GLN A 73 4.84 -14.58 -1.85
N GLU A 74 4.99 -15.19 -3.03
CA GLU A 74 3.94 -16.03 -3.60
C GLU A 74 3.49 -17.08 -2.59
N GLU A 75 2.22 -17.01 -2.19
CA GLU A 75 1.67 -17.96 -1.24
C GLU A 75 1.60 -19.36 -1.83
N SER A 76 1.73 -20.37 -0.98
CA SER A 76 1.68 -21.76 -1.42
C SER A 76 0.25 -22.27 -1.44
N SER A 1 -13.67 -0.15 -8.69
CA SER A 1 -13.07 1.16 -8.86
C SER A 1 -12.70 1.78 -7.52
N VAL A 2 -11.40 2.04 -7.32
CA VAL A 2 -10.92 2.62 -6.08
C VAL A 2 -11.16 4.12 -6.05
N THR A 3 -11.49 4.64 -4.86
CA THR A 3 -11.75 6.06 -4.70
C THR A 3 -10.93 6.64 -3.55
N CYS A 4 -10.02 7.55 -3.87
CA CYS A 4 -9.18 8.18 -2.87
C CYS A 4 -9.05 9.68 -3.13
N GLY A 5 -9.38 10.48 -2.11
CA GLY A 5 -9.29 11.93 -2.25
C GLY A 5 -10.45 12.50 -3.04
N GLY A 6 -11.52 11.72 -3.18
CA GLY A 6 -12.67 12.17 -3.94
C GLY A 6 -12.59 11.79 -5.40
N LYS A 7 -11.40 11.42 -5.86
CA LYS A 7 -11.20 11.04 -7.24
C LYS A 7 -11.20 9.52 -7.38
N GLN A 8 -11.59 9.03 -8.57
CA GLN A 8 -11.63 7.60 -8.83
C GLN A 8 -10.37 7.13 -9.54
N CYS A 9 -10.04 5.87 -9.39
CA CYS A 9 -8.85 5.30 -10.03
C CYS A 9 -9.09 3.84 -10.41
N LYS A 10 -8.13 3.27 -11.15
CA LYS A 10 -8.23 1.87 -11.58
C LYS A 10 -8.22 0.93 -10.38
N PRO A 11 -8.69 -0.30 -10.59
CA PRO A 11 -8.74 -1.33 -9.54
C PRO A 11 -7.35 -1.81 -9.15
N ASN A 12 -7.29 -2.68 -8.13
CA ASN A 12 -6.02 -3.23 -7.66
C ASN A 12 -5.06 -2.11 -7.26
N SER A 13 -5.60 -1.05 -6.67
CA SER A 13 -4.79 0.08 -6.24
C SER A 13 -5.29 0.62 -4.89
N CYS A 14 -4.38 0.65 -3.92
CA CYS A 14 -4.72 1.13 -2.59
C CYS A 14 -4.51 2.64 -2.49
N CYS A 15 -5.01 3.23 -1.41
CA CYS A 15 -4.88 4.67 -1.20
C CYS A 15 -3.61 5.00 -0.43
N VAL A 16 -2.88 6.01 -0.89
CA VAL A 16 -1.64 6.43 -0.24
C VAL A 16 -1.63 7.93 0.02
N GLN A 17 -1.03 8.32 1.14
CA GLN A 17 -0.95 9.73 1.50
C GLN A 17 0.30 10.37 0.92
N ASN A 18 0.11 11.45 0.15
CA ASN A 18 1.23 12.15 -0.46
C ASN A 18 1.27 13.61 -0.01
N SER A 19 1.93 13.85 1.13
CA SER A 19 2.04 15.18 1.68
C SER A 19 3.44 15.43 2.24
N HIS A 20 4.08 16.50 1.77
CA HIS A 20 5.43 16.84 2.23
C HIS A 20 5.37 18.01 3.22
N GLY A 21 4.26 18.12 3.93
CA GLY A 21 4.11 19.20 4.90
C GLY A 21 3.57 20.47 4.27
N LYS A 22 2.80 20.32 3.22
CA LYS A 22 2.22 21.47 2.52
C LYS A 22 0.99 21.98 3.26
N GLY A 23 0.28 21.08 3.91
CA GLY A 23 -0.92 21.46 4.65
C GLY A 23 -2.20 21.07 3.94
N LYS A 24 -2.06 20.56 2.72
CA LYS A 24 -3.21 20.14 1.93
C LYS A 24 -3.22 18.63 1.72
N ASP A 25 -3.84 17.91 2.65
CA ASP A 25 -3.93 16.46 2.57
C ASP A 25 -4.56 16.02 1.25
N SER A 26 -3.73 15.54 0.33
CA SER A 26 -4.21 15.09 -0.98
C SER A 26 -3.57 13.77 -1.36
N PRO A 27 -4.17 12.66 -0.89
CA PRO A 27 -3.68 11.31 -1.17
C PRO A 27 -3.89 10.92 -2.62
N ARG A 28 -3.22 9.84 -3.04
CA ARG A 28 -3.34 9.35 -4.41
C ARG A 28 -3.49 7.83 -4.44
N CYS A 29 -3.71 7.29 -5.63
CA CYS A 29 -3.89 5.85 -5.80
C CYS A 29 -2.61 5.21 -6.32
N HIS A 30 -2.18 4.14 -5.65
CA HIS A 30 -0.97 3.43 -6.06
C HIS A 30 -1.28 1.97 -6.36
N PRO A 31 -0.50 1.39 -7.29
CA PRO A 31 -0.67 -0.01 -7.69
C PRO A 31 -0.25 -0.99 -6.60
N LEU A 32 -0.97 -2.11 -6.51
CA LEU A 32 -0.68 -3.12 -5.50
C LEU A 32 0.78 -3.56 -5.58
N GLY A 33 1.34 -3.94 -4.43
CA GLY A 33 2.72 -4.38 -4.39
C GLY A 33 2.95 -5.66 -5.14
N LYS A 34 4.17 -5.85 -5.63
CA LYS A 34 4.52 -7.05 -6.39
C LYS A 34 5.39 -7.98 -5.56
N LEU A 35 5.89 -9.03 -6.19
CA LEU A 35 6.74 -10.01 -5.52
C LEU A 35 8.14 -9.44 -5.27
N ASN A 36 8.78 -9.90 -4.21
CA ASN A 36 10.12 -9.44 -3.87
C ASN A 36 10.13 -7.94 -3.60
N ASN A 37 8.96 -7.40 -3.27
CA ASN A 37 8.83 -5.98 -2.99
C ASN A 37 8.34 -5.75 -1.56
N PRO A 38 8.58 -4.53 -1.04
CA PRO A 38 8.17 -4.16 0.32
C PRO A 38 6.66 -4.03 0.46
N CYS A 39 6.13 -4.38 1.62
CA CYS A 39 4.70 -4.31 1.87
C CYS A 39 4.43 -4.14 3.37
N GLU A 40 3.18 -3.79 3.70
CA GLU A 40 2.78 -3.61 5.09
C GLU A 40 1.56 -4.45 5.42
N VAL A 41 1.51 -4.93 6.66
CA VAL A 41 0.39 -5.76 7.11
C VAL A 41 -0.94 -5.06 6.86
N GLU A 42 -1.16 -3.95 7.55
CA GLU A 42 -2.39 -3.18 7.40
C GLU A 42 -2.11 -1.68 7.40
N PRO A 43 -3.03 -0.91 6.81
CA PRO A 43 -2.90 0.55 6.73
C PRO A 43 -3.06 1.23 8.09
N ASN A 44 -3.16 2.55 8.08
CA ASN A 44 -3.32 3.32 9.31
C ASN A 44 -4.74 3.20 9.84
N GLU A 45 -5.07 4.01 10.84
CA GLU A 45 -6.40 4.00 11.44
C GLU A 45 -7.45 4.48 10.43
N ASN A 46 -6.99 5.12 9.36
CA ASN A 46 -7.89 5.64 8.34
C ASN A 46 -7.99 4.65 7.18
N GLY A 47 -6.93 3.89 6.96
CA GLY A 47 -6.91 2.92 5.88
C GLY A 47 -6.10 3.38 4.70
N ILE A 48 -5.04 4.15 4.97
CA ILE A 48 -4.17 4.66 3.91
C ILE A 48 -2.73 4.23 4.13
N TYR A 49 -2.01 4.00 3.04
CA TYR A 49 -0.61 3.59 3.11
C TYR A 49 0.32 4.77 2.89
N SER A 50 1.62 4.49 2.85
CA SER A 50 2.62 5.53 2.64
C SER A 50 2.96 5.67 1.16
N GLN A 51 3.76 4.73 0.66
CA GLN A 51 4.17 4.74 -0.75
C GLN A 51 3.79 3.44 -1.43
N HIS A 52 4.30 2.33 -0.91
CA HIS A 52 4.01 1.01 -1.47
C HIS A 52 2.61 0.55 -1.08
N CYS A 53 2.14 -0.50 -1.74
CA CYS A 53 0.81 -1.04 -1.46
C CYS A 53 0.90 -2.48 -0.95
N PRO A 54 -0.16 -2.94 -0.28
CA PRO A 54 -0.23 -4.29 0.27
C PRO A 54 -0.32 -5.36 -0.81
N CYS A 55 -0.14 -6.61 -0.42
CA CYS A 55 -0.20 -7.74 -1.35
C CYS A 55 -1.63 -7.94 -1.85
N GLY A 56 -1.79 -7.99 -3.17
CA GLY A 56 -3.11 -8.19 -3.75
C GLY A 56 -3.04 -8.85 -5.12
N GLU A 57 -1.92 -9.50 -5.41
CA GLU A 57 -1.74 -10.17 -6.68
C GLU A 57 -1.31 -11.62 -6.48
N GLY A 58 -1.71 -12.19 -5.34
CA GLY A 58 -1.35 -13.57 -5.05
C GLY A 58 -0.13 -13.68 -4.16
N LEU A 59 0.18 -12.60 -3.45
CA LEU A 59 1.33 -12.58 -2.55
C LEU A 59 0.88 -12.56 -1.09
N SER A 60 1.86 -12.59 -0.18
CA SER A 60 1.56 -12.58 1.25
C SER A 60 2.71 -11.96 2.02
N CYS A 61 2.41 -10.91 2.78
CA CYS A 61 3.42 -10.22 3.58
C CYS A 61 4.13 -11.20 4.51
N THR A 62 5.39 -11.50 4.20
CA THR A 62 6.18 -12.41 5.02
C THR A 62 7.47 -11.75 5.49
N LYS A 63 7.93 -12.17 6.66
CA LYS A 63 9.15 -11.62 7.24
C LYS A 63 10.38 -12.32 6.67
N VAL A 64 11.28 -11.53 6.07
CA VAL A 64 12.50 -12.08 5.48
C VAL A 64 13.74 -11.37 6.03
N GLY A 65 13.55 -10.62 7.10
CA GLY A 65 14.66 -9.90 7.71
C GLY A 65 14.31 -9.33 9.08
N GLU A 66 15.17 -8.47 9.59
CA GLU A 66 14.95 -7.85 10.89
C GLU A 66 15.35 -6.39 10.88
N PRO A 67 14.83 -5.62 11.84
CA PRO A 67 13.92 -6.15 12.87
C PRO A 67 12.56 -6.53 12.30
N ASN A 68 12.01 -5.65 11.46
CA ASN A 68 10.71 -5.90 10.85
C ASN A 68 10.77 -5.65 9.35
N LYS A 69 11.47 -6.54 8.64
CA LYS A 69 11.61 -6.43 7.19
C LYS A 69 10.56 -7.28 6.48
N LEU A 70 9.33 -6.76 6.42
CA LEU A 70 8.23 -7.46 5.78
C LEU A 70 8.24 -7.20 4.27
N ARG A 71 8.00 -8.25 3.49
CA ARG A 71 7.97 -8.14 2.04
C ARG A 71 6.91 -9.06 1.44
N CYS A 72 6.66 -8.91 0.14
CA CYS A 72 5.67 -9.72 -0.55
C CYS A 72 6.27 -11.06 -0.97
N GLN A 73 5.53 -12.13 -0.75
CA GLN A 73 5.98 -13.47 -1.11
C GLN A 73 4.81 -14.35 -1.53
N GLU A 74 4.96 -15.02 -2.68
CA GLU A 74 3.91 -15.89 -3.20
C GLU A 74 3.45 -16.88 -2.13
N GLU A 75 2.19 -16.79 -1.74
CA GLU A 75 1.63 -17.68 -0.73
C GLU A 75 1.62 -19.12 -1.23
N SER A 76 1.75 -20.06 -0.29
CA SER A 76 1.76 -21.49 -0.63
C SER A 76 0.42 -21.91 -1.21
N SER A 1 -14.31 -0.41 -7.03
CA SER A 1 -13.73 0.82 -7.57
C SER A 1 -13.00 1.59 -6.48
N VAL A 2 -11.72 1.88 -6.73
CA VAL A 2 -10.91 2.62 -5.77
C VAL A 2 -11.23 4.10 -5.81
N THR A 3 -11.42 4.69 -4.63
CA THR A 3 -11.74 6.12 -4.53
C THR A 3 -10.93 6.78 -3.41
N CYS A 4 -9.97 7.60 -3.79
CA CYS A 4 -9.14 8.31 -2.82
C CYS A 4 -8.94 9.76 -3.22
N GLY A 5 -9.03 10.66 -2.24
CA GLY A 5 -8.85 12.07 -2.51
C GLY A 5 -9.93 12.64 -3.41
N GLY A 6 -11.16 12.19 -3.19
CA GLY A 6 -12.28 12.66 -4.00
C GLY A 6 -12.09 12.36 -5.47
N LYS A 7 -11.36 11.29 -5.77
CA LYS A 7 -11.11 10.90 -7.15
C LYS A 7 -11.06 9.37 -7.29
N GLN A 8 -11.65 8.87 -8.36
CA GLN A 8 -11.67 7.43 -8.61
C GLN A 8 -10.46 6.99 -9.40
N CYS A 9 -10.01 5.75 -9.15
CA CYS A 9 -8.85 5.21 -9.84
C CYS A 9 -9.08 3.74 -10.23
N LYS A 10 -8.17 3.21 -11.02
CA LYS A 10 -8.28 1.82 -11.46
C LYS A 10 -8.25 0.86 -10.27
N PRO A 11 -8.72 -0.37 -10.50
CA PRO A 11 -8.76 -1.39 -9.45
C PRO A 11 -7.36 -1.89 -9.06
N ASN A 12 -7.30 -2.72 -8.03
CA ASN A 12 -6.03 -3.26 -7.55
C ASN A 12 -5.08 -2.14 -7.17
N SER A 13 -5.62 -1.08 -6.57
CA SER A 13 -4.81 0.06 -6.16
C SER A 13 -5.28 0.59 -4.80
N CYS A 14 -4.36 0.62 -3.84
CA CYS A 14 -4.68 1.10 -2.50
C CYS A 14 -4.47 2.61 -2.40
N CYS A 15 -4.95 3.20 -1.32
CA CYS A 15 -4.82 4.63 -1.10
C CYS A 15 -3.53 4.95 -0.36
N VAL A 16 -2.76 5.90 -0.89
CA VAL A 16 -1.50 6.31 -0.28
C VAL A 16 -1.49 7.80 0.03
N GLN A 17 -0.71 8.19 1.04
CA GLN A 17 -0.62 9.59 1.43
C GLN A 17 0.78 10.13 1.13
N ASN A 18 0.83 11.35 0.59
CA ASN A 18 2.09 11.99 0.25
C ASN A 18 1.98 13.51 0.35
N SER A 19 2.71 14.09 1.29
CA SER A 19 2.67 15.54 1.49
C SER A 19 4.09 16.11 1.44
N HIS A 20 4.18 17.43 1.24
CA HIS A 20 5.47 18.10 1.18
C HIS A 20 5.76 18.87 2.46
N GLY A 21 4.72 19.07 3.27
CA GLY A 21 4.88 19.78 4.52
C GLY A 21 4.36 21.20 4.44
N LYS A 22 3.28 21.40 3.70
CA LYS A 22 2.68 22.72 3.55
C LYS A 22 1.35 22.81 4.29
N GLY A 23 0.76 21.65 4.57
CA GLY A 23 -0.51 21.61 5.28
C GLY A 23 -1.67 21.23 4.39
N LYS A 24 -1.35 20.67 3.22
CA LYS A 24 -2.37 20.25 2.26
C LYS A 24 -2.29 18.75 2.01
N ASP A 25 -3.16 17.99 2.68
CA ASP A 25 -3.19 16.55 2.52
C ASP A 25 -3.86 16.16 1.21
N SER A 26 -3.08 15.58 0.30
CA SER A 26 -3.60 15.16 -0.99
C SER A 26 -3.06 13.77 -1.36
N PRO A 27 -3.75 12.73 -0.89
CA PRO A 27 -3.37 11.34 -1.16
C PRO A 27 -3.60 10.94 -2.61
N ARG A 28 -3.03 9.81 -3.01
CA ARG A 28 -3.18 9.33 -4.38
C ARG A 28 -3.36 7.81 -4.41
N CYS A 29 -3.63 7.27 -5.58
CA CYS A 29 -3.82 5.83 -5.75
C CYS A 29 -2.56 5.17 -6.29
N HIS A 30 -2.13 4.10 -5.63
CA HIS A 30 -0.94 3.37 -6.05
C HIS A 30 -1.27 1.91 -6.33
N PRO A 31 -0.52 1.31 -7.27
CA PRO A 31 -0.71 -0.10 -7.66
C PRO A 31 -0.29 -1.07 -6.55
N LEU A 32 -0.98 -2.19 -6.46
CA LEU A 32 -0.68 -3.20 -5.46
C LEU A 32 0.78 -3.65 -5.57
N GLY A 33 1.36 -4.01 -4.42
CA GLY A 33 2.74 -4.46 -4.39
C GLY A 33 2.95 -5.73 -5.20
N LYS A 34 4.17 -5.93 -5.68
CA LYS A 34 4.51 -7.12 -6.45
C LYS A 34 5.37 -8.08 -5.64
N LEU A 35 5.83 -9.14 -6.30
CA LEU A 35 6.67 -10.14 -5.64
C LEU A 35 8.06 -9.57 -5.35
N ASN A 36 8.64 -9.99 -4.22
CA ASN A 36 9.96 -9.52 -3.84
C ASN A 36 9.99 -8.00 -3.69
N ASN A 37 8.90 -7.44 -3.16
CA ASN A 37 8.80 -6.01 -2.97
C ASN A 37 8.36 -5.68 -1.55
N PRO A 38 8.63 -4.44 -1.12
CA PRO A 38 8.27 -3.96 0.22
C PRO A 38 6.76 -3.80 0.39
N CYS A 39 6.23 -4.35 1.48
CA CYS A 39 4.80 -4.27 1.75
C CYS A 39 4.55 -4.14 3.25
N GLU A 40 3.29 -3.87 3.62
CA GLU A 40 2.92 -3.71 5.02
C GLU A 40 1.69 -4.57 5.35
N VAL A 41 1.64 -5.06 6.58
CA VAL A 41 0.53 -5.89 7.03
C VAL A 41 -0.81 -5.18 6.80
N GLU A 42 -1.04 -4.10 7.53
CA GLU A 42 -2.27 -3.34 7.40
C GLU A 42 -2.00 -1.84 7.43
N PRO A 43 -2.92 -1.06 6.85
CA PRO A 43 -2.80 0.41 6.81
C PRO A 43 -2.96 1.05 8.18
N ASN A 44 -3.07 2.37 8.20
CA ASN A 44 -3.23 3.11 9.45
C ASN A 44 -4.64 2.97 9.99
N GLU A 45 -4.97 3.77 11.00
CA GLU A 45 -6.29 3.73 11.60
C GLU A 45 -7.36 4.23 10.62
N ASN A 46 -6.91 4.90 9.57
CA ASN A 46 -7.81 5.43 8.56
C ASN A 46 -7.90 4.49 7.36
N GLY A 47 -6.82 3.75 7.12
CA GLY A 47 -6.79 2.82 6.00
C GLY A 47 -5.98 3.35 4.83
N ILE A 48 -4.95 4.13 5.12
CA ILE A 48 -4.09 4.70 4.09
C ILE A 48 -2.65 4.24 4.26
N TYR A 49 -1.97 4.07 3.13
CA TYR A 49 -0.57 3.64 3.14
C TYR A 49 0.37 4.80 2.88
N SER A 50 1.66 4.51 2.79
CA SER A 50 2.67 5.54 2.55
C SER A 50 3.03 5.60 1.07
N GLN A 51 3.84 4.65 0.61
CA GLN A 51 4.26 4.60 -0.78
C GLN A 51 3.89 3.26 -1.41
N HIS A 52 4.42 2.19 -0.85
CA HIS A 52 4.15 0.84 -1.35
C HIS A 52 2.75 0.39 -0.95
N CYS A 53 2.21 -0.58 -1.69
CA CYS A 53 0.88 -1.11 -1.42
C CYS A 53 0.97 -2.55 -0.91
N PRO A 54 -0.11 -3.00 -0.24
CA PRO A 54 -0.18 -4.36 0.30
C PRO A 54 -0.30 -5.42 -0.79
N CYS A 55 -0.13 -6.68 -0.40
CA CYS A 55 -0.21 -7.78 -1.34
C CYS A 55 -1.65 -7.99 -1.81
N GLY A 56 -1.83 -8.05 -3.13
CA GLY A 56 -3.16 -8.25 -3.68
C GLY A 56 -3.13 -8.90 -5.05
N GLU A 57 -2.01 -9.56 -5.37
CA GLU A 57 -1.86 -10.22 -6.66
C GLU A 57 -1.42 -11.66 -6.48
N GLY A 58 -1.81 -12.25 -5.35
CA GLY A 58 -1.45 -13.63 -5.07
C GLY A 58 -0.20 -13.75 -4.22
N LEU A 59 0.13 -12.69 -3.50
CA LEU A 59 1.31 -12.67 -2.64
C LEU A 59 0.92 -12.71 -1.17
N SER A 60 1.91 -12.78 -0.29
CA SER A 60 1.68 -12.82 1.14
C SER A 60 2.81 -12.13 1.90
N CYS A 61 2.45 -11.08 2.64
CA CYS A 61 3.43 -10.33 3.41
C CYS A 61 4.20 -11.26 4.37
N THR A 62 5.47 -11.51 4.05
CA THR A 62 6.30 -12.37 4.88
C THR A 62 7.54 -11.64 5.36
N LYS A 63 7.89 -11.83 6.63
CA LYS A 63 9.06 -11.18 7.21
C LYS A 63 10.34 -11.82 6.68
N VAL A 64 11.21 -11.00 6.10
CA VAL A 64 12.48 -11.48 5.55
C VAL A 64 13.67 -10.89 6.30
N GLY A 65 13.42 -9.77 6.99
CA GLY A 65 14.48 -9.11 7.74
C GLY A 65 13.98 -8.50 9.02
N GLU A 66 14.86 -7.77 9.71
CA GLU A 66 14.49 -7.13 10.97
C GLU A 66 14.61 -5.61 10.85
N PRO A 67 13.91 -4.90 11.76
CA PRO A 67 13.10 -5.52 12.80
C PRO A 67 11.86 -6.20 12.24
N ASN A 68 11.13 -5.49 11.39
CA ASN A 68 9.92 -6.02 10.78
C ASN A 68 9.92 -5.81 9.27
N LYS A 69 11.04 -6.12 8.64
CA LYS A 69 11.18 -5.97 7.19
C LYS A 69 10.32 -6.99 6.46
N LEU A 70 9.05 -6.67 6.27
CA LEU A 70 8.14 -7.56 5.58
C LEU A 70 8.20 -7.35 4.07
N ARG A 71 8.03 -8.43 3.32
CA ARG A 71 8.08 -8.37 1.87
C ARG A 71 7.05 -9.31 1.24
N CYS A 72 6.63 -9.01 0.02
CA CYS A 72 5.65 -9.83 -0.68
C CYS A 72 6.28 -11.15 -1.14
N GLN A 73 5.53 -12.24 -1.00
CA GLN A 73 6.01 -13.55 -1.40
C GLN A 73 4.85 -14.43 -1.85
N GLU A 74 4.99 -15.03 -3.03
CA GLU A 74 3.96 -15.90 -3.58
C GLU A 74 3.56 -16.98 -2.57
N GLU A 75 2.30 -16.95 -2.14
CA GLU A 75 1.81 -17.92 -1.17
C GLU A 75 1.73 -19.31 -1.79
N SER A 76 1.81 -20.33 -0.95
CA SER A 76 1.74 -21.72 -1.41
C SER A 76 0.34 -22.27 -1.24
N SER A 1 -14.00 -0.22 -8.11
CA SER A 1 -13.36 1.08 -8.31
C SER A 1 -12.91 1.68 -6.97
N VAL A 2 -11.60 1.88 -6.84
CA VAL A 2 -11.04 2.45 -5.62
C VAL A 2 -11.38 3.93 -5.48
N THR A 3 -11.60 4.38 -4.25
CA THR A 3 -11.94 5.77 -4.00
C THR A 3 -11.05 6.36 -2.90
N CYS A 4 -10.34 7.42 -3.23
CA CYS A 4 -9.45 8.09 -2.28
C CYS A 4 -9.55 9.61 -2.42
N GLY A 5 -9.72 10.28 -1.28
CA GLY A 5 -9.82 11.73 -1.29
C GLY A 5 -10.99 12.23 -2.13
N GLY A 6 -11.98 11.36 -2.33
CA GLY A 6 -13.14 11.74 -3.12
C GLY A 6 -12.96 11.43 -4.59
N LYS A 7 -11.73 11.12 -4.98
CA LYS A 7 -11.43 10.80 -6.37
C LYS A 7 -11.49 9.29 -6.61
N GLN A 8 -12.06 8.90 -7.75
CA GLN A 8 -12.18 7.48 -8.09
C GLN A 8 -11.03 7.05 -9.00
N CYS A 9 -10.56 5.83 -8.80
CA CYS A 9 -9.46 5.29 -9.60
C CYS A 9 -9.71 3.83 -9.95
N LYS A 10 -8.83 3.26 -10.76
CA LYS A 10 -8.95 1.87 -11.18
C LYS A 10 -8.60 0.93 -10.03
N PRO A 11 -9.05 -0.33 -10.13
CA PRO A 11 -8.79 -1.34 -9.11
C PRO A 11 -7.32 -1.76 -9.06
N ASN A 12 -6.99 -2.65 -8.13
CA ASN A 12 -5.62 -3.13 -7.98
C ASN A 12 -4.69 -1.99 -7.60
N SER A 13 -5.23 -0.97 -6.95
CA SER A 13 -4.45 0.19 -6.54
C SER A 13 -4.89 0.70 -5.17
N CYS A 14 -3.99 0.64 -4.20
CA CYS A 14 -4.29 1.09 -2.85
C CYS A 14 -4.12 2.59 -2.72
N CYS A 15 -4.60 3.16 -1.61
CA CYS A 15 -4.50 4.59 -1.38
C CYS A 15 -3.23 4.92 -0.62
N VAL A 16 -2.50 5.92 -1.12
CA VAL A 16 -1.25 6.35 -0.49
C VAL A 16 -1.28 7.83 -0.16
N GLN A 17 -0.62 8.20 0.93
CA GLN A 17 -0.57 9.60 1.35
C GLN A 17 0.86 10.12 1.37
N ASN A 18 1.05 11.34 0.86
CA ASN A 18 2.38 11.93 0.82
C ASN A 18 2.35 13.36 1.37
N SER A 19 1.42 13.60 2.30
CA SER A 19 1.28 14.92 2.90
C SER A 19 2.57 15.33 3.60
N HIS A 20 2.73 16.63 3.83
CA HIS A 20 3.92 17.16 4.48
C HIS A 20 3.54 17.99 5.70
N GLY A 21 2.38 17.69 6.29
CA GLY A 21 1.92 18.43 7.45
C GLY A 21 1.50 19.84 7.13
N LYS A 22 0.95 20.03 5.92
CA LYS A 22 0.51 21.34 5.48
C LYS A 22 -0.98 21.54 5.78
N GLY A 23 -1.71 20.44 5.90
CA GLY A 23 -3.13 20.52 6.19
C GLY A 23 -3.99 20.16 5.00
N LYS A 24 -3.37 19.54 3.99
CA LYS A 24 -4.08 19.14 2.79
C LYS A 24 -3.87 17.67 2.48
N ASP A 25 -4.81 16.84 2.91
CA ASP A 25 -4.71 15.39 2.68
C ASP A 25 -5.14 15.04 1.26
N SER A 26 -4.15 14.92 0.37
CA SER A 26 -4.41 14.59 -1.03
C SER A 26 -3.66 13.33 -1.44
N PRO A 27 -4.27 12.17 -1.17
CA PRO A 27 -3.68 10.87 -1.50
C PRO A 27 -3.65 10.61 -3.01
N ARG A 28 -2.88 9.62 -3.42
CA ARG A 28 -2.76 9.28 -4.84
C ARG A 28 -2.96 7.77 -5.04
N CYS A 29 -3.23 7.39 -6.29
CA CYS A 29 -3.44 5.99 -6.63
C CYS A 29 -2.12 5.32 -7.02
N HIS A 30 -1.77 4.27 -6.28
CA HIS A 30 -0.53 3.53 -6.55
C HIS A 30 -0.83 2.07 -6.84
N PRO A 31 0.01 1.45 -7.69
CA PRO A 31 -0.14 0.05 -8.07
C PRO A 31 0.17 -0.90 -6.91
N LEU A 32 -0.40 -2.10 -6.95
CA LEU A 32 -0.17 -3.10 -5.91
C LEU A 32 1.28 -3.55 -5.90
N GLY A 33 1.72 -4.09 -4.77
CA GLY A 33 3.09 -4.56 -4.65
C GLY A 33 3.32 -5.88 -5.36
N LYS A 34 4.58 -6.16 -5.69
CA LYS A 34 4.93 -7.39 -6.38
C LYS A 34 5.70 -8.33 -5.46
N LEU A 35 6.19 -9.42 -6.03
CA LEU A 35 6.95 -10.41 -5.26
C LEU A 35 8.31 -9.84 -4.86
N ASN A 36 8.79 -10.23 -3.68
CA ASN A 36 10.07 -9.77 -3.18
C ASN A 36 10.12 -8.24 -3.13
N ASN A 37 9.02 -7.63 -2.72
CA ASN A 37 8.92 -6.18 -2.63
C ASN A 37 8.44 -5.75 -1.24
N PRO A 38 8.72 -4.50 -0.88
CA PRO A 38 8.32 -3.93 0.41
C PRO A 38 6.82 -3.73 0.52
N CYS A 39 6.21 -4.38 1.52
CA CYS A 39 4.77 -4.27 1.72
C CYS A 39 4.44 -4.24 3.22
N GLU A 40 3.25 -3.74 3.54
CA GLU A 40 2.82 -3.64 4.93
C GLU A 40 1.56 -4.48 5.16
N VAL A 41 1.48 -5.11 6.33
CA VAL A 41 0.34 -5.94 6.68
C VAL A 41 -0.97 -5.18 6.48
N GLU A 42 -1.12 -4.07 7.20
CA GLU A 42 -2.32 -3.26 7.10
C GLU A 42 -1.98 -1.78 7.11
N PRO A 43 -2.88 -0.95 6.57
CA PRO A 43 -2.70 0.50 6.51
C PRO A 43 -2.79 1.16 7.88
N ASN A 44 -2.83 2.48 7.89
CA ASN A 44 -2.90 3.23 9.14
C ASN A 44 -4.32 3.17 9.72
N GLU A 45 -4.57 3.97 10.74
CA GLU A 45 -5.88 4.01 11.39
C GLU A 45 -6.94 4.54 10.44
N ASN A 46 -6.51 5.18 9.36
CA ASN A 46 -7.41 5.74 8.37
C ASN A 46 -7.61 4.79 7.21
N GLY A 47 -6.60 3.97 6.94
CA GLY A 47 -6.67 3.02 5.85
C GLY A 47 -5.87 3.45 4.64
N ILE A 48 -4.77 4.15 4.88
CA ILE A 48 -3.91 4.64 3.80
C ILE A 48 -2.47 4.18 4.01
N TYR A 49 -1.76 4.00 2.91
CA TYR A 49 -0.36 3.56 2.96
C TYR A 49 0.58 4.74 2.73
N SER A 50 1.88 4.45 2.68
CA SER A 50 2.89 5.48 2.47
C SER A 50 3.21 5.63 0.99
N GLN A 51 4.01 4.70 0.47
CA GLN A 51 4.40 4.74 -0.94
C GLN A 51 4.01 3.44 -1.64
N HIS A 52 4.53 2.32 -1.14
CA HIS A 52 4.23 1.02 -1.71
C HIS A 52 2.82 0.56 -1.34
N CYS A 53 2.37 -0.51 -1.98
CA CYS A 53 1.04 -1.05 -1.72
C CYS A 53 1.13 -2.48 -1.19
N PRO A 54 0.06 -2.92 -0.51
CA PRO A 54 -0.01 -4.27 0.05
C PRO A 54 -0.14 -5.34 -1.03
N CYS A 55 0.04 -6.60 -0.63
CA CYS A 55 -0.06 -7.72 -1.57
C CYS A 55 -1.47 -7.84 -2.13
N GLY A 56 -1.59 -7.83 -3.45
CA GLY A 56 -2.89 -7.94 -4.09
C GLY A 56 -2.82 -8.63 -5.43
N GLU A 57 -1.73 -9.33 -5.68
CA GLU A 57 -1.53 -10.03 -6.94
C GLU A 57 -1.20 -11.51 -6.72
N GLY A 58 -1.69 -12.05 -5.60
CA GLY A 58 -1.42 -13.44 -5.28
C GLY A 58 -0.22 -13.61 -4.36
N LEU A 59 0.11 -12.54 -3.64
CA LEU A 59 1.24 -12.58 -2.71
C LEU A 59 0.77 -12.56 -1.27
N SER A 60 1.73 -12.59 -0.34
CA SER A 60 1.40 -12.58 1.08
C SER A 60 2.54 -11.95 1.89
N CYS A 61 2.25 -10.83 2.54
CA CYS A 61 3.24 -10.12 3.34
C CYS A 61 3.84 -11.05 4.39
N THR A 62 5.11 -11.40 4.19
CA THR A 62 5.81 -12.28 5.12
C THR A 62 7.11 -11.65 5.61
N LYS A 63 7.36 -11.77 6.91
CA LYS A 63 8.57 -11.22 7.50
C LYS A 63 9.82 -11.92 6.97
N VAL A 64 10.73 -11.14 6.41
CA VAL A 64 11.98 -11.68 5.85
C VAL A 64 13.19 -11.15 6.60
N GLY A 65 13.01 -10.03 7.31
CA GLY A 65 14.10 -9.45 8.06
C GLY A 65 13.63 -8.77 9.34
N GLU A 66 14.49 -7.94 9.92
CA GLU A 66 14.15 -7.23 11.14
C GLU A 66 14.49 -5.74 11.02
N PRO A 67 13.86 -4.93 11.88
CA PRO A 67 12.90 -5.41 12.88
C PRO A 67 11.60 -5.90 12.25
N ASN A 68 11.04 -5.10 11.35
CA ASN A 68 9.80 -5.46 10.68
C ASN A 68 9.96 -5.38 9.17
N LYS A 69 11.04 -5.97 8.66
CA LYS A 69 11.31 -5.96 7.23
C LYS A 69 10.47 -7.02 6.52
N LEU A 70 9.20 -6.72 6.30
CA LEU A 70 8.29 -7.64 5.62
C LEU A 70 8.44 -7.55 4.11
N ARG A 71 8.14 -8.64 3.41
CA ARG A 71 8.25 -8.68 1.96
C ARG A 71 7.16 -9.57 1.37
N CYS A 72 6.67 -9.19 0.19
CA CYS A 72 5.63 -9.95 -0.48
C CYS A 72 6.15 -11.31 -0.93
N GLN A 73 5.35 -12.36 -0.70
CA GLN A 73 5.73 -13.71 -1.07
C GLN A 73 4.52 -14.50 -1.56
N GLU A 74 4.63 -15.05 -2.77
CA GLU A 74 3.55 -15.83 -3.36
C GLU A 74 3.08 -16.91 -2.38
N GLU A 75 1.82 -16.82 -1.96
CA GLU A 75 1.24 -17.78 -1.04
C GLU A 75 1.03 -19.13 -1.73
N SER A 76 0.97 -20.19 -0.93
CA SER A 76 0.77 -21.53 -1.46
C SER A 76 -0.60 -22.08 -1.05
N SER A 1 -15.40 -0.42 -5.87
CA SER A 1 -14.60 0.62 -6.53
C SER A 1 -13.77 1.39 -5.51
N VAL A 2 -12.53 1.68 -5.89
CA VAL A 2 -11.63 2.42 -5.00
C VAL A 2 -11.95 3.91 -5.01
N THR A 3 -11.85 4.54 -3.84
CA THR A 3 -12.12 5.96 -3.70
C THR A 3 -11.09 6.65 -2.82
N CYS A 4 -10.26 7.49 -3.44
CA CYS A 4 -9.22 8.21 -2.72
C CYS A 4 -9.33 9.71 -2.97
N GLY A 5 -9.30 10.49 -1.89
CA GLY A 5 -9.39 11.93 -2.02
C GLY A 5 -10.71 12.38 -2.61
N GLY A 6 -11.72 11.52 -2.52
CA GLY A 6 -13.02 11.85 -3.06
C GLY A 6 -13.20 11.38 -4.49
N LYS A 7 -12.09 11.14 -5.17
CA LYS A 7 -12.12 10.69 -6.56
C LYS A 7 -11.90 9.18 -6.64
N GLN A 8 -12.56 8.55 -7.61
CA GLN A 8 -12.43 7.10 -7.80
C GLN A 8 -11.26 6.78 -8.73
N CYS A 9 -10.63 5.63 -8.50
CA CYS A 9 -9.50 5.21 -9.32
C CYS A 9 -9.66 3.76 -9.76
N LYS A 10 -8.79 3.31 -10.64
CA LYS A 10 -8.84 1.94 -11.15
C LYS A 10 -8.55 0.94 -10.03
N PRO A 11 -8.95 -0.32 -10.24
CA PRO A 11 -8.73 -1.40 -9.27
C PRO A 11 -7.26 -1.77 -9.13
N ASN A 12 -6.97 -2.67 -8.20
CA ASN A 12 -5.60 -3.12 -7.97
C ASN A 12 -4.69 -1.94 -7.63
N SER A 13 -5.27 -0.92 -7.00
CA SER A 13 -4.51 0.27 -6.62
C SER A 13 -4.97 0.79 -5.27
N CYS A 14 -4.05 0.85 -4.32
CA CYS A 14 -4.35 1.34 -2.98
C CYS A 14 -4.13 2.85 -2.88
N CYS A 15 -4.60 3.44 -1.79
CA CYS A 15 -4.46 4.88 -1.58
C CYS A 15 -3.17 5.19 -0.82
N VAL A 16 -2.37 6.08 -1.39
CA VAL A 16 -1.10 6.46 -0.78
C VAL A 16 -1.06 7.96 -0.50
N GLN A 17 -0.56 8.32 0.68
CA GLN A 17 -0.46 9.73 1.06
C GLN A 17 0.98 10.22 0.96
N ASN A 18 1.17 11.33 0.26
CA ASN A 18 2.49 11.91 0.09
C ASN A 18 2.53 13.34 0.62
N SER A 19 1.75 13.60 1.66
CA SER A 19 1.69 14.94 2.26
C SER A 19 3.01 15.27 2.97
N HIS A 20 3.32 16.56 3.04
CA HIS A 20 4.54 17.01 3.69
C HIS A 20 4.24 18.03 4.78
N GLY A 21 3.03 17.95 5.33
CA GLY A 21 2.63 18.87 6.39
C GLY A 21 2.15 20.20 5.83
N LYS A 22 1.57 20.18 4.63
CA LYS A 22 1.07 21.39 4.00
C LYS A 22 -0.35 21.69 4.48
N GLY A 23 -1.09 20.65 4.83
CA GLY A 23 -2.45 20.83 5.30
C GLY A 23 -3.47 20.43 4.26
N LYS A 24 -3.02 19.81 3.19
CA LYS A 24 -3.90 19.37 2.12
C LYS A 24 -3.69 17.89 1.81
N ASP A 25 -4.43 17.04 2.51
CA ASP A 25 -4.34 15.59 2.32
C ASP A 25 -4.75 15.21 0.90
N SER A 26 -3.79 15.10 0.01
CA SER A 26 -4.05 14.75 -1.38
C SER A 26 -3.36 13.45 -1.75
N PRO A 27 -4.02 12.31 -1.45
CA PRO A 27 -3.48 10.98 -1.74
C PRO A 27 -3.47 10.69 -3.24
N ARG A 28 -2.73 9.64 -3.62
CA ARG A 28 -2.64 9.25 -5.02
C ARG A 28 -2.94 7.77 -5.19
N CYS A 29 -3.04 7.32 -6.44
CA CYS A 29 -3.33 5.93 -6.75
C CYS A 29 -2.06 5.20 -7.17
N HIS A 30 -1.62 4.26 -6.35
CA HIS A 30 -0.43 3.47 -6.65
C HIS A 30 -0.77 2.01 -6.90
N PRO A 31 0.02 1.35 -7.75
CA PRO A 31 -0.19 -0.06 -8.09
C PRO A 31 0.13 -0.98 -6.93
N LEU A 32 -0.54 -2.13 -6.88
CA LEU A 32 -0.33 -3.11 -5.82
C LEU A 32 1.12 -3.57 -5.80
N GLY A 33 1.61 -3.89 -4.60
CA GLY A 33 2.98 -4.36 -4.47
C GLY A 33 3.24 -5.65 -5.22
N LYS A 34 4.49 -5.90 -5.56
CA LYS A 34 4.87 -7.10 -6.29
C LYS A 34 5.63 -8.07 -5.38
N LEU A 35 6.19 -9.11 -5.98
CA LEU A 35 6.95 -10.11 -5.23
C LEU A 35 8.30 -9.56 -4.81
N ASN A 36 8.77 -9.99 -3.64
CA ASN A 36 10.05 -9.54 -3.12
C ASN A 36 10.09 -8.02 -3.01
N ASN A 37 8.95 -7.42 -2.73
CA ASN A 37 8.86 -5.97 -2.60
C ASN A 37 8.37 -5.57 -1.21
N PRO A 38 8.64 -4.31 -0.83
CA PRO A 38 8.25 -3.78 0.48
C PRO A 38 6.73 -3.60 0.59
N CYS A 39 6.13 -4.31 1.54
CA CYS A 39 4.69 -4.23 1.76
C CYS A 39 4.36 -4.11 3.25
N GLU A 40 3.11 -3.80 3.54
CA GLU A 40 2.67 -3.66 4.93
C GLU A 40 1.41 -4.48 5.19
N VAL A 41 1.31 -5.03 6.40
CA VAL A 41 0.15 -5.83 6.78
C VAL A 41 -1.14 -5.08 6.52
N GLU A 42 -1.33 -3.97 7.24
CA GLU A 42 -2.53 -3.16 7.09
C GLU A 42 -2.19 -1.67 7.11
N PRO A 43 -3.07 -0.85 6.52
CA PRO A 43 -2.89 0.60 6.45
C PRO A 43 -3.04 1.26 7.82
N ASN A 44 -3.10 2.59 7.83
CA ASN A 44 -3.24 3.35 9.06
C ASN A 44 -4.68 3.29 9.58
N GLU A 45 -4.99 4.13 10.56
CA GLU A 45 -6.33 4.17 11.13
C GLU A 45 -7.35 4.65 10.10
N ASN A 46 -6.87 5.38 9.10
CA ASN A 46 -7.74 5.90 8.05
C ASN A 46 -7.84 4.91 6.89
N GLY A 47 -6.78 4.12 6.70
CA GLY A 47 -6.77 3.15 5.63
C GLY A 47 -5.95 3.59 4.44
N ILE A 48 -4.88 4.35 4.72
CA ILE A 48 -4.00 4.84 3.66
C ILE A 48 -2.57 4.35 3.87
N TYR A 49 -1.85 4.20 2.78
CA TYR A 49 -0.47 3.75 2.84
C TYR A 49 0.51 4.90 2.61
N SER A 50 1.79 4.59 2.56
CA SER A 50 2.83 5.60 2.35
C SER A 50 3.24 5.66 0.89
N GLN A 51 4.05 4.69 0.47
CA GLN A 51 4.53 4.64 -0.91
C GLN A 51 4.14 3.30 -1.56
N HIS A 52 4.63 2.21 -0.98
CA HIS A 52 4.35 0.88 -1.50
C HIS A 52 2.91 0.46 -1.17
N CYS A 53 2.39 -0.50 -1.93
CA CYS A 53 1.04 -0.98 -1.72
C CYS A 53 1.04 -2.40 -1.17
N PRO A 54 -0.07 -2.81 -0.55
CA PRO A 54 -0.22 -4.15 0.04
C PRO A 54 -0.29 -5.24 -1.02
N CYS A 55 -0.17 -6.48 -0.59
CA CYS A 55 -0.22 -7.62 -1.50
C CYS A 55 -1.63 -7.81 -2.05
N GLY A 56 -1.73 -7.82 -3.38
CA GLY A 56 -3.03 -8.00 -4.02
C GLY A 56 -2.93 -8.69 -5.36
N GLU A 57 -1.80 -9.35 -5.60
CA GLU A 57 -1.58 -10.06 -6.86
C GLU A 57 -1.18 -11.51 -6.61
N GLY A 58 -1.63 -12.05 -5.47
CA GLY A 58 -1.30 -13.42 -5.14
C GLY A 58 -0.10 -13.53 -4.23
N LEU A 59 0.22 -12.44 -3.53
CA LEU A 59 1.36 -12.42 -2.63
C LEU A 59 0.90 -12.41 -1.17
N SER A 60 1.86 -12.58 -0.26
CA SER A 60 1.55 -12.61 1.16
C SER A 60 2.69 -12.00 1.98
N CYS A 61 2.39 -10.93 2.70
CA CYS A 61 3.39 -10.25 3.52
C CYS A 61 4.05 -11.22 4.49
N THR A 62 5.32 -11.53 4.24
CA THR A 62 6.06 -12.46 5.10
C THR A 62 7.38 -11.84 5.55
N LYS A 63 7.72 -12.05 6.83
CA LYS A 63 8.95 -11.51 7.39
C LYS A 63 10.17 -12.19 6.76
N VAL A 64 11.10 -11.38 6.27
CA VAL A 64 12.31 -11.89 5.64
C VAL A 64 13.56 -11.31 6.30
N GLY A 65 13.37 -10.67 7.46
CA GLY A 65 14.48 -10.07 8.17
C GLY A 65 14.07 -9.48 9.50
N GLU A 66 14.87 -8.54 10.00
CA GLU A 66 14.60 -7.89 11.27
C GLU A 66 14.92 -6.41 11.21
N PRO A 67 14.32 -5.63 12.12
CA PRO A 67 13.41 -6.17 13.14
C PRO A 67 12.09 -6.63 12.54
N ASN A 68 11.56 -5.85 11.59
CA ASN A 68 10.30 -6.20 10.94
C ASN A 68 10.40 -6.00 9.43
N LYS A 69 11.27 -6.78 8.80
CA LYS A 69 11.46 -6.70 7.36
C LYS A 69 10.39 -7.50 6.61
N LEU A 70 9.22 -6.89 6.48
CA LEU A 70 8.10 -7.55 5.80
C LEU A 70 8.22 -7.38 4.28
N ARG A 71 8.04 -8.47 3.56
CA ARG A 71 8.13 -8.45 2.10
C ARG A 71 7.09 -9.37 1.48
N CYS A 72 6.60 -8.99 0.29
CA CYS A 72 5.59 -9.78 -0.40
C CYS A 72 6.18 -11.09 -0.90
N GLN A 73 5.50 -12.19 -0.60
CA GLN A 73 5.95 -13.51 -1.01
C GLN A 73 4.79 -14.34 -1.57
N GLU A 74 4.98 -14.89 -2.76
CA GLU A 74 3.94 -15.70 -3.39
C GLU A 74 3.45 -16.79 -2.45
N GLU A 75 2.17 -16.77 -2.14
CA GLU A 75 1.57 -17.76 -1.24
C GLU A 75 1.66 -19.16 -1.85
N SER A 76 1.66 -20.18 -0.99
CA SER A 76 1.73 -21.56 -1.45
C SER A 76 0.40 -22.01 -2.03
N SER A 1 -13.30 -0.05 -8.86
CA SER A 1 -12.71 1.28 -8.99
C SER A 1 -12.42 1.88 -7.61
N VAL A 2 -11.13 2.06 -7.33
CA VAL A 2 -10.72 2.63 -6.05
C VAL A 2 -11.05 4.12 -5.98
N THR A 3 -11.45 4.57 -4.78
CA THR A 3 -11.80 5.97 -4.58
C THR A 3 -11.07 6.56 -3.38
N CYS A 4 -10.20 7.52 -3.64
CA CYS A 4 -9.43 8.16 -2.58
C CYS A 4 -9.36 9.68 -2.80
N GLY A 5 -9.81 10.43 -1.80
CA GLY A 5 -9.79 11.88 -1.90
C GLY A 5 -10.84 12.40 -2.86
N GLY A 6 -11.84 11.59 -3.14
CA GLY A 6 -12.90 12.00 -4.05
C GLY A 6 -12.59 11.64 -5.50
N LYS A 7 -11.35 11.28 -5.76
CA LYS A 7 -10.93 10.91 -7.11
C LYS A 7 -10.98 9.40 -7.30
N GLN A 8 -11.45 8.97 -8.47
CA GLN A 8 -11.56 7.55 -8.77
C GLN A 8 -10.36 7.08 -9.60
N CYS A 9 -9.83 5.90 -9.26
CA CYS A 9 -8.70 5.34 -9.97
C CYS A 9 -8.95 3.88 -10.34
N LYS A 10 -8.04 3.31 -11.13
CA LYS A 10 -8.16 1.93 -11.57
C LYS A 10 -8.12 0.99 -10.37
N PRO A 11 -8.61 -0.25 -10.57
CA PRO A 11 -8.63 -1.27 -9.53
C PRO A 11 -7.24 -1.78 -9.18
N ASN A 12 -7.17 -2.68 -8.20
CA ASN A 12 -5.89 -3.24 -7.77
C ASN A 12 -4.93 -2.15 -7.34
N SER A 13 -5.47 -1.11 -6.72
CA SER A 13 -4.66 0.02 -6.25
C SER A 13 -5.16 0.52 -4.90
N CYS A 14 -4.26 0.57 -3.92
CA CYS A 14 -4.59 1.03 -2.59
C CYS A 14 -4.43 2.54 -2.48
N CYS A 15 -4.94 3.12 -1.39
CA CYS A 15 -4.85 4.56 -1.17
C CYS A 15 -3.59 4.90 -0.39
N VAL A 16 -2.80 5.84 -0.92
CA VAL A 16 -1.57 6.27 -0.27
C VAL A 16 -1.60 7.76 0.05
N GLN A 17 -0.67 8.19 0.88
CA GLN A 17 -0.59 9.60 1.27
C GLN A 17 0.72 10.22 0.82
N ASN A 18 0.65 11.44 0.30
CA ASN A 18 1.84 12.14 -0.18
C ASN A 18 1.90 13.56 0.40
N SER A 19 1.33 13.74 1.58
CA SER A 19 1.32 15.05 2.23
C SER A 19 2.73 15.52 2.54
N HIS A 20 2.94 16.83 2.42
CA HIS A 20 4.26 17.41 2.69
C HIS A 20 4.15 18.55 3.70
N GLY A 21 3.13 18.49 4.54
CA GLY A 21 2.93 19.53 5.55
C GLY A 21 2.46 20.84 4.95
N LYS A 22 1.64 20.75 3.91
CA LYS A 22 1.12 21.94 3.24
C LYS A 22 -0.18 22.39 3.90
N GLY A 23 -0.89 21.47 4.54
CA GLY A 23 -2.13 21.81 5.19
C GLY A 23 -3.34 21.28 4.45
N LYS A 24 -3.12 20.71 3.27
CA LYS A 24 -4.20 20.16 2.47
C LYS A 24 -3.93 18.69 2.13
N ASP A 25 -4.44 17.79 2.96
CA ASP A 25 -4.26 16.36 2.73
C ASP A 25 -4.82 15.94 1.38
N SER A 26 -3.94 15.44 0.51
CA SER A 26 -4.35 15.01 -0.81
C SER A 26 -3.68 13.69 -1.18
N PRO A 27 -4.30 12.58 -0.75
CA PRO A 27 -3.80 11.23 -1.03
C PRO A 27 -3.92 10.85 -2.49
N ARG A 28 -3.20 9.79 -2.89
CA ARG A 28 -3.24 9.33 -4.27
C ARG A 28 -3.41 7.81 -4.33
N CYS A 29 -3.58 7.29 -5.54
CA CYS A 29 -3.77 5.86 -5.73
C CYS A 29 -2.49 5.21 -6.27
N HIS A 30 -2.09 4.10 -5.66
CA HIS A 30 -0.88 3.39 -6.07
C HIS A 30 -1.19 1.93 -6.37
N PRO A 31 -0.44 1.35 -7.31
CA PRO A 31 -0.62 -0.05 -7.72
C PRO A 31 -0.19 -1.03 -6.62
N LEU A 32 -0.90 -2.16 -6.53
CA LEU A 32 -0.59 -3.17 -5.54
C LEU A 32 0.87 -3.59 -5.61
N GLY A 33 1.45 -3.97 -4.47
CA GLY A 33 2.84 -4.39 -4.44
C GLY A 33 3.07 -5.70 -5.18
N LYS A 34 4.31 -5.91 -5.61
CA LYS A 34 4.65 -7.13 -6.33
C LYS A 34 5.45 -8.08 -5.45
N LEU A 35 6.00 -9.13 -6.06
CA LEU A 35 6.78 -10.11 -5.32
C LEU A 35 8.14 -9.54 -4.91
N ASN A 36 8.66 -10.01 -3.79
CA ASN A 36 9.95 -9.55 -3.29
C ASN A 36 9.98 -8.02 -3.20
N ASN A 37 8.83 -7.43 -2.89
CA ASN A 37 8.73 -5.98 -2.78
C ASN A 37 8.33 -5.58 -1.36
N PRO A 38 8.60 -4.31 -1.00
CA PRO A 38 8.28 -3.78 0.32
C PRO A 38 6.78 -3.61 0.53
N CYS A 39 6.23 -4.33 1.51
CA CYS A 39 4.81 -4.27 1.80
C CYS A 39 4.58 -4.09 3.30
N GLU A 40 3.33 -3.83 3.68
CA GLU A 40 2.97 -3.64 5.08
C GLU A 40 1.75 -4.48 5.45
N VAL A 41 1.73 -4.96 6.69
CA VAL A 41 0.62 -5.78 7.17
C VAL A 41 -0.72 -5.09 6.92
N GLU A 42 -0.94 -3.96 7.59
CA GLU A 42 -2.18 -3.22 7.44
C GLU A 42 -1.91 -1.72 7.45
N PRO A 43 -2.84 -0.95 6.85
CA PRO A 43 -2.72 0.52 6.77
C PRO A 43 -2.90 1.18 8.13
N ASN A 44 -3.01 2.50 8.12
CA ASN A 44 -3.18 3.27 9.35
C ASN A 44 -4.60 3.13 9.89
N GLU A 45 -4.94 3.94 10.88
CA GLU A 45 -6.26 3.91 11.47
C GLU A 45 -7.32 4.38 10.48
N ASN A 46 -6.88 5.02 9.41
CA ASN A 46 -7.79 5.53 8.38
C ASN A 46 -7.85 4.57 7.20
N GLY A 47 -6.75 3.84 6.98
CA GLY A 47 -6.71 2.89 5.88
C GLY A 47 -5.90 3.40 4.71
N ILE A 48 -4.88 4.19 5.01
CA ILE A 48 -4.02 4.76 3.96
C ILE A 48 -2.57 4.30 4.14
N TYR A 49 -1.88 4.10 3.02
CA TYR A 49 -0.49 3.66 3.05
C TYR A 49 0.46 4.82 2.77
N SER A 50 1.75 4.52 2.69
CA SER A 50 2.76 5.55 2.43
C SER A 50 3.10 5.61 0.95
N GLN A 51 3.90 4.65 0.50
CA GLN A 51 4.31 4.59 -0.90
C GLN A 51 3.92 3.25 -1.52
N HIS A 52 4.46 2.18 -0.96
CA HIS A 52 4.17 0.83 -1.46
C HIS A 52 2.78 0.38 -1.04
N CYS A 53 2.23 -0.60 -1.76
CA CYS A 53 0.91 -1.12 -1.47
C CYS A 53 0.98 -2.55 -0.95
N PRO A 54 -0.08 -3.00 -0.27
CA PRO A 54 -0.16 -4.35 0.30
C PRO A 54 -0.28 -5.41 -0.79
N CYS A 55 -0.10 -6.67 -0.39
CA CYS A 55 -0.20 -7.79 -1.32
C CYS A 55 -1.64 -7.97 -1.82
N GLY A 56 -1.81 -7.94 -3.13
CA GLY A 56 -3.13 -8.09 -3.72
C GLY A 56 -3.09 -8.75 -5.08
N GLU A 57 -1.98 -9.39 -5.39
CA GLU A 57 -1.81 -10.06 -6.69
C GLU A 57 -1.41 -11.52 -6.50
N GLY A 58 -1.83 -12.11 -5.39
CA GLY A 58 -1.50 -13.50 -5.10
C GLY A 58 -0.28 -13.63 -4.22
N LEU A 59 0.05 -12.57 -3.50
CA LEU A 59 1.21 -12.58 -2.61
C LEU A 59 0.78 -12.59 -1.15
N SER A 60 1.75 -12.60 -0.25
CA SER A 60 1.47 -12.60 1.18
C SER A 60 2.61 -11.98 1.97
N CYS A 61 2.30 -10.91 2.70
CA CYS A 61 3.30 -10.22 3.50
C CYS A 61 4.01 -11.17 4.45
N THR A 62 5.27 -11.48 4.15
CA THR A 62 6.05 -12.39 4.98
C THR A 62 7.36 -11.74 5.41
N LYS A 63 7.71 -11.92 6.68
CA LYS A 63 8.95 -11.36 7.22
C LYS A 63 10.17 -12.00 6.58
N VAL A 64 11.04 -11.16 6.03
CA VAL A 64 12.26 -11.65 5.38
C VAL A 64 13.51 -11.16 6.10
N GLY A 65 13.35 -10.08 6.86
CA GLY A 65 14.47 -9.53 7.61
C GLY A 65 14.05 -8.91 8.92
N GLU A 66 14.92 -8.07 9.48
CA GLU A 66 14.63 -7.41 10.75
C GLU A 66 14.88 -5.90 10.65
N PRO A 67 14.27 -5.14 11.58
CA PRO A 67 13.42 -5.71 12.62
C PRO A 67 12.10 -6.25 12.06
N ASN A 68 11.44 -5.45 11.23
CA ASN A 68 10.17 -5.86 10.64
C ASN A 68 10.21 -5.70 9.12
N LYS A 69 11.29 -6.17 8.51
CA LYS A 69 11.45 -6.09 7.06
C LYS A 69 10.54 -7.08 6.36
N LEU A 70 9.26 -6.73 6.26
CA LEU A 70 8.28 -7.59 5.60
C LEU A 70 8.36 -7.44 4.08
N ARG A 71 8.19 -8.55 3.38
CA ARG A 71 8.24 -8.55 1.92
C ARG A 71 7.16 -9.45 1.33
N CYS A 72 6.62 -9.06 0.19
CA CYS A 72 5.57 -9.83 -0.48
C CYS A 72 6.12 -11.16 -0.99
N GLN A 73 5.36 -12.22 -0.79
CA GLN A 73 5.77 -13.55 -1.22
C GLN A 73 4.57 -14.38 -1.67
N GLU A 74 4.64 -14.91 -2.88
CA GLU A 74 3.55 -15.72 -3.42
C GLU A 74 3.16 -16.82 -2.44
N GLU A 75 1.92 -16.77 -1.98
CA GLU A 75 1.41 -17.76 -1.03
C GLU A 75 1.36 -19.15 -1.67
N SER A 76 1.48 -20.18 -0.84
CA SER A 76 1.46 -21.55 -1.32
C SER A 76 0.07 -21.92 -1.85
N SER A 1 -15.75 0.08 -5.79
CA SER A 1 -14.60 0.69 -6.46
C SER A 1 -13.81 1.57 -5.49
N VAL A 2 -12.51 1.69 -5.75
CA VAL A 2 -11.64 2.50 -4.91
C VAL A 2 -11.92 3.99 -5.11
N THR A 3 -12.10 4.70 -4.00
CA THR A 3 -12.37 6.13 -4.04
C THR A 3 -11.58 6.88 -2.98
N CYS A 4 -10.64 7.72 -3.43
CA CYS A 4 -9.82 8.49 -2.51
C CYS A 4 -9.60 9.91 -3.03
N GLY A 5 -9.30 10.83 -2.13
CA GLY A 5 -9.08 12.21 -2.51
C GLY A 5 -10.31 12.84 -3.12
N GLY A 6 -11.47 12.21 -2.91
CA GLY A 6 -12.71 12.72 -3.45
C GLY A 6 -13.01 12.18 -4.83
N LYS A 7 -12.00 11.59 -5.48
CA LYS A 7 -12.16 11.03 -6.81
C LYS A 7 -12.00 9.52 -6.78
N GLN A 8 -12.46 8.86 -7.85
CA GLN A 8 -12.36 7.41 -7.94
C GLN A 8 -11.10 6.99 -8.70
N CYS A 9 -10.64 5.77 -8.44
CA CYS A 9 -9.44 5.26 -9.09
C CYS A 9 -9.68 3.85 -9.61
N LYS A 10 -8.67 3.29 -10.28
CA LYS A 10 -8.77 1.94 -10.83
C LYS A 10 -8.52 0.89 -9.75
N PRO A 11 -8.97 -0.35 -10.01
CA PRO A 11 -8.80 -1.45 -9.08
C PRO A 11 -7.34 -1.90 -8.95
N ASN A 12 -7.08 -2.74 -7.95
CA ASN A 12 -5.72 -3.23 -7.72
C ASN A 12 -4.77 -2.08 -7.38
N SER A 13 -5.32 -1.03 -6.79
CA SER A 13 -4.52 0.13 -6.41
C SER A 13 -5.01 0.71 -5.09
N CYS A 14 -4.11 0.72 -4.09
CA CYS A 14 -4.45 1.24 -2.77
C CYS A 14 -4.18 2.75 -2.70
N CYS A 15 -4.67 3.37 -1.63
CA CYS A 15 -4.49 4.81 -1.44
C CYS A 15 -3.22 5.09 -0.64
N VAL A 16 -2.35 5.93 -1.20
CA VAL A 16 -1.10 6.28 -0.54
C VAL A 16 -1.06 7.76 -0.18
N GLN A 17 -0.25 8.11 0.82
CA GLN A 17 -0.13 9.49 1.25
C GLN A 17 1.29 10.00 1.07
N ASN A 18 1.43 11.15 0.43
CA ASN A 18 2.74 11.75 0.17
C ASN A 18 2.64 13.27 0.07
N SER A 19 2.89 13.95 1.17
CA SER A 19 2.82 15.41 1.19
C SER A 19 4.21 16.01 1.47
N HIS A 20 4.35 17.30 1.18
CA HIS A 20 5.61 17.99 1.40
C HIS A 20 5.58 18.77 2.71
N GLY A 21 4.76 18.31 3.65
CA GLY A 21 4.66 18.98 4.93
C GLY A 21 4.04 20.35 4.83
N LYS A 22 3.28 20.58 3.76
CA LYS A 22 2.64 21.86 3.54
C LYS A 22 1.37 21.98 4.37
N GLY A 23 0.74 20.84 4.66
CA GLY A 23 -0.47 20.84 5.45
C GLY A 23 -1.70 20.55 4.61
N LYS A 24 -1.49 20.05 3.40
CA LYS A 24 -2.59 19.73 2.49
C LYS A 24 -2.60 18.24 2.16
N ASP A 25 -3.37 17.46 2.92
CA ASP A 25 -3.47 16.02 2.70
C ASP A 25 -3.94 15.73 1.28
N SER A 26 -3.03 15.22 0.46
CA SER A 26 -3.34 14.89 -0.93
C SER A 26 -2.76 13.53 -1.31
N PRO A 27 -3.51 12.46 -1.00
CA PRO A 27 -3.09 11.09 -1.31
C PRO A 27 -3.11 10.80 -2.81
N ARG A 28 -2.46 9.71 -3.20
CA ARG A 28 -2.40 9.31 -4.61
C ARG A 28 -2.70 7.83 -4.76
N CYS A 29 -2.80 7.38 -6.01
CA CYS A 29 -3.08 5.98 -6.30
C CYS A 29 -1.81 5.25 -6.75
N HIS A 30 -1.56 4.10 -6.14
CA HIS A 30 -0.38 3.31 -6.48
C HIS A 30 -0.76 1.84 -6.70
N PRO A 31 0.00 1.17 -7.59
CA PRO A 31 -0.24 -0.24 -7.91
C PRO A 31 0.11 -1.18 -6.75
N LEU A 32 -0.64 -2.27 -6.63
CA LEU A 32 -0.41 -3.24 -5.57
C LEU A 32 1.03 -3.73 -5.58
N GLY A 33 1.55 -4.08 -4.40
CA GLY A 33 2.91 -4.56 -4.30
C GLY A 33 3.15 -5.81 -5.12
N LYS A 34 4.38 -6.00 -5.57
CA LYS A 34 4.75 -7.16 -6.37
C LYS A 34 5.59 -8.14 -5.57
N LEU A 35 6.02 -9.22 -6.22
CA LEU A 35 6.84 -10.23 -5.56
C LEU A 35 8.24 -9.68 -5.26
N ASN A 36 8.79 -10.08 -4.12
CA ASN A 36 10.12 -9.64 -3.73
C ASN A 36 10.16 -8.13 -3.57
N ASN A 37 9.09 -7.55 -3.03
CA ASN A 37 9.01 -6.11 -2.83
C ASN A 37 8.52 -5.79 -1.42
N PRO A 38 8.80 -4.55 -0.97
CA PRO A 38 8.40 -4.09 0.36
C PRO A 38 6.90 -3.89 0.48
N CYS A 39 6.31 -4.40 1.56
CA CYS A 39 4.88 -4.29 1.79
C CYS A 39 4.58 -4.20 3.28
N GLU A 40 3.34 -3.84 3.61
CA GLU A 40 2.92 -3.71 4.99
C GLU A 40 1.67 -4.55 5.26
N VAL A 41 1.55 -5.07 6.48
CA VAL A 41 0.40 -5.88 6.86
C VAL A 41 -0.90 -5.17 6.56
N GLU A 42 -1.13 -4.05 7.24
CA GLU A 42 -2.35 -3.27 7.04
C GLU A 42 -2.05 -1.77 7.11
N PRO A 43 -2.93 -0.96 6.49
CA PRO A 43 -2.78 0.50 6.46
C PRO A 43 -3.02 1.13 7.83
N ASN A 44 -3.11 2.45 7.86
CA ASN A 44 -3.34 3.17 9.11
C ASN A 44 -4.79 3.03 9.55
N GLU A 45 -5.17 3.82 10.56
CA GLU A 45 -6.53 3.79 11.07
C GLU A 45 -7.53 4.30 10.04
N ASN A 46 -7.01 4.99 9.02
CA ASN A 46 -7.86 5.55 7.97
C ASN A 46 -7.87 4.63 6.75
N GLY A 47 -6.78 3.87 6.57
CA GLY A 47 -6.68 2.97 5.44
C GLY A 47 -5.80 3.50 4.33
N ILE A 48 -4.78 4.28 4.71
CA ILE A 48 -3.86 4.84 3.75
C ILE A 48 -2.44 4.34 3.97
N TYR A 49 -1.70 4.18 2.88
CA TYR A 49 -0.33 3.70 2.95
C TYR A 49 0.67 4.83 2.73
N SER A 50 1.94 4.49 2.70
CA SER A 50 3.00 5.48 2.50
C SER A 50 3.35 5.62 1.02
N GLN A 51 4.12 4.66 0.51
CA GLN A 51 4.53 4.67 -0.89
C GLN A 51 4.12 3.38 -1.58
N HIS A 52 4.59 2.25 -1.06
CA HIS A 52 4.27 0.95 -1.63
C HIS A 52 2.86 0.52 -1.24
N CYS A 53 2.38 -0.54 -1.88
CA CYS A 53 1.03 -1.05 -1.59
C CYS A 53 1.11 -2.48 -1.05
N PRO A 54 0.03 -2.92 -0.39
CA PRO A 54 -0.05 -4.26 0.19
C PRO A 54 -0.15 -5.34 -0.88
N CYS A 55 0.02 -6.60 -0.47
CA CYS A 55 -0.06 -7.72 -1.40
C CYS A 55 -1.50 -7.94 -1.87
N GLY A 56 -1.67 -7.98 -3.18
CA GLY A 56 -3.00 -8.19 -3.74
C GLY A 56 -2.95 -8.83 -5.11
N GLU A 57 -1.83 -9.46 -5.43
CA GLU A 57 -1.66 -10.13 -6.72
C GLU A 57 -1.24 -11.58 -6.53
N GLY A 58 -1.69 -12.18 -5.43
CA GLY A 58 -1.36 -13.56 -5.15
C GLY A 58 -0.12 -13.70 -4.28
N LEU A 59 0.20 -12.64 -3.54
CA LEU A 59 1.36 -12.64 -2.67
C LEU A 59 0.95 -12.69 -1.20
N SER A 60 1.94 -12.76 -0.32
CA SER A 60 1.67 -12.82 1.11
C SER A 60 2.78 -12.13 1.90
N CYS A 61 2.43 -11.06 2.60
CA CYS A 61 3.40 -10.31 3.40
C CYS A 61 4.12 -11.23 4.38
N THR A 62 5.36 -11.58 4.06
CA THR A 62 6.16 -12.44 4.91
C THR A 62 7.41 -11.73 5.42
N LYS A 63 7.71 -11.91 6.70
CA LYS A 63 8.88 -11.28 7.30
C LYS A 63 10.16 -12.00 6.89
N VAL A 64 11.09 -11.27 6.29
CA VAL A 64 12.35 -11.83 5.85
C VAL A 64 13.53 -11.21 6.59
N GLY A 65 13.29 -10.03 7.17
CA GLY A 65 14.34 -9.35 7.90
C GLY A 65 13.85 -8.82 9.25
N GLU A 66 14.58 -7.85 9.79
CA GLU A 66 14.23 -7.27 11.08
C GLU A 66 14.43 -5.75 11.06
N PRO A 67 13.76 -5.06 12.00
CA PRO A 67 12.88 -5.70 12.98
C PRO A 67 11.61 -6.26 12.35
N ASN A 68 10.95 -5.44 11.54
CA ASN A 68 9.72 -5.85 10.86
C ASN A 68 9.84 -5.66 9.36
N LYS A 69 10.89 -6.21 8.76
CA LYS A 69 11.11 -6.10 7.33
C LYS A 69 10.24 -7.09 6.56
N LEU A 70 8.97 -6.76 6.42
CA LEU A 70 8.04 -7.63 5.70
C LEU A 70 8.15 -7.44 4.19
N ARG A 71 8.07 -8.54 3.45
CA ARG A 71 8.16 -8.49 2.00
C ARG A 71 7.14 -9.43 1.35
N CYS A 72 6.73 -9.10 0.13
CA CYS A 72 5.76 -9.89 -0.59
C CYS A 72 6.37 -11.23 -1.03
N GLN A 73 5.58 -12.29 -0.95
CA GLN A 73 6.03 -13.62 -1.34
C GLN A 73 4.87 -14.48 -1.81
N GLU A 74 5.04 -15.09 -2.98
CA GLU A 74 3.99 -15.95 -3.54
C GLU A 74 3.54 -16.99 -2.53
N GLU A 75 2.27 -16.92 -2.14
CA GLU A 75 1.71 -17.86 -1.18
C GLU A 75 1.72 -19.28 -1.74
N SER A 76 1.86 -20.27 -0.84
CA SER A 76 1.88 -21.66 -1.25
C SER A 76 0.47 -22.20 -1.43
N SER A 1 -14.70 -0.74 -6.19
CA SER A 1 -14.12 0.41 -6.86
C SER A 1 -13.43 1.34 -5.85
N VAL A 2 -12.14 1.58 -6.07
CA VAL A 2 -11.38 2.45 -5.18
C VAL A 2 -11.82 3.91 -5.32
N THR A 3 -11.90 4.60 -4.19
CA THR A 3 -12.30 6.00 -4.18
C THR A 3 -11.53 6.79 -3.13
N CYS A 4 -10.61 7.63 -3.60
CA CYS A 4 -9.80 8.45 -2.70
C CYS A 4 -9.48 9.80 -3.33
N GLY A 5 -9.33 10.82 -2.49
CA GLY A 5 -9.03 12.15 -2.99
C GLY A 5 -10.19 12.77 -3.73
N GLY A 6 -11.39 12.25 -3.49
CA GLY A 6 -12.57 12.78 -4.16
C GLY A 6 -12.63 12.42 -5.63
N LYS A 7 -11.97 11.31 -5.98
CA LYS A 7 -11.94 10.85 -7.37
C LYS A 7 -11.83 9.33 -7.44
N GLN A 8 -12.60 8.73 -8.34
CA GLN A 8 -12.60 7.28 -8.50
C GLN A 8 -11.37 6.83 -9.29
N CYS A 9 -10.70 5.80 -8.78
CA CYS A 9 -9.50 5.27 -9.44
C CYS A 9 -9.72 3.82 -9.87
N LYS A 10 -8.72 3.25 -10.54
CA LYS A 10 -8.79 1.88 -11.00
C LYS A 10 -8.54 0.90 -9.85
N PRO A 11 -8.97 -0.36 -10.04
CA PRO A 11 -8.79 -1.41 -9.04
C PRO A 11 -7.34 -1.82 -8.87
N ASN A 12 -7.06 -2.63 -7.86
CA ASN A 12 -5.70 -3.10 -7.59
C ASN A 12 -4.79 -1.94 -7.26
N SER A 13 -5.36 -0.87 -6.70
CA SER A 13 -4.60 0.31 -6.33
C SER A 13 -5.06 0.87 -4.99
N CYS A 14 -4.17 0.87 -4.01
CA CYS A 14 -4.49 1.37 -2.68
C CYS A 14 -4.22 2.87 -2.59
N CYS A 15 -4.71 3.49 -1.51
CA CYS A 15 -4.52 4.93 -1.30
C CYS A 15 -3.25 5.19 -0.49
N VAL A 16 -2.43 6.11 -0.98
CA VAL A 16 -1.19 6.46 -0.30
C VAL A 16 -1.12 7.96 0.00
N GLN A 17 -0.94 8.30 1.27
CA GLN A 17 -0.86 9.69 1.69
C GLN A 17 0.51 10.28 1.39
N ASN A 18 0.53 11.39 0.66
CA ASN A 18 1.79 12.05 0.30
C ASN A 18 1.76 13.51 0.71
N SER A 19 0.98 13.82 1.73
CA SER A 19 0.87 15.18 2.24
C SER A 19 2.18 15.63 2.89
N HIS A 20 2.37 16.94 2.98
CA HIS A 20 3.57 17.50 3.59
C HIS A 20 3.24 18.19 4.91
N GLY A 21 2.18 17.74 5.57
CA GLY A 21 1.78 18.33 6.83
C GLY A 21 1.16 19.70 6.66
N LYS A 22 0.58 19.95 5.49
CA LYS A 22 -0.05 21.24 5.20
C LYS A 22 -1.46 21.29 5.76
N GLY A 23 -2.08 20.11 5.92
CA GLY A 23 -3.43 20.05 6.44
C GLY A 23 -4.44 19.68 5.38
N LYS A 24 -3.97 19.18 4.25
CA LYS A 24 -4.85 18.79 3.15
C LYS A 24 -4.66 17.32 2.80
N ASP A 25 -5.59 16.49 3.25
CA ASP A 25 -5.54 15.06 2.98
C ASP A 25 -5.78 14.76 1.51
N SER A 26 -4.70 14.53 0.77
CA SER A 26 -4.78 14.25 -0.66
C SER A 26 -3.97 13.02 -1.03
N PRO A 27 -4.58 11.83 -0.86
CA PRO A 27 -3.93 10.56 -1.17
C PRO A 27 -3.72 10.36 -2.67
N ARG A 28 -2.90 9.37 -3.02
CA ARG A 28 -2.61 9.08 -4.42
C ARG A 28 -2.99 7.64 -4.76
N CYS A 29 -2.95 7.31 -6.04
CA CYS A 29 -3.29 5.97 -6.51
C CYS A 29 -2.04 5.22 -6.93
N HIS A 30 -1.63 4.24 -6.12
CA HIS A 30 -0.46 3.44 -6.42
C HIS A 30 -0.82 1.98 -6.64
N PRO A 31 -0.05 1.29 -7.49
CA PRO A 31 -0.29 -0.13 -7.81
C PRO A 31 0.04 -1.04 -6.62
N LEU A 32 -0.63 -2.18 -6.57
CA LEU A 32 -0.42 -3.14 -5.49
C LEU A 32 1.01 -3.66 -5.50
N GLY A 33 1.52 -4.00 -4.31
CA GLY A 33 2.88 -4.50 -4.21
C GLY A 33 3.09 -5.77 -5.01
N LYS A 34 4.31 -5.96 -5.50
CA LYS A 34 4.65 -7.13 -6.30
C LYS A 34 5.51 -8.11 -5.49
N LEU A 35 6.00 -9.15 -6.15
CA LEU A 35 6.83 -10.15 -5.50
C LEU A 35 8.22 -9.59 -5.19
N ASN A 36 8.79 -10.04 -4.08
CA ASN A 36 10.12 -9.58 -3.68
C ASN A 36 10.14 -8.07 -3.50
N ASN A 37 9.04 -7.52 -3.01
CA ASN A 37 8.92 -6.08 -2.79
C ASN A 37 8.43 -5.78 -1.38
N PRO A 38 8.68 -4.54 -0.91
CA PRO A 38 8.25 -4.11 0.43
C PRO A 38 6.74 -3.95 0.52
N CYS A 39 6.18 -4.39 1.65
CA CYS A 39 4.74 -4.30 1.88
C CYS A 39 4.44 -4.09 3.36
N GLU A 40 3.18 -3.81 3.67
CA GLU A 40 2.76 -3.58 5.05
C GLU A 40 1.54 -4.44 5.38
N VAL A 41 1.46 -4.88 6.63
CA VAL A 41 0.35 -5.71 7.08
C VAL A 41 -0.98 -5.03 6.80
N GLU A 42 -1.24 -3.93 7.49
CA GLU A 42 -2.49 -3.18 7.31
C GLU A 42 -2.22 -1.68 7.34
N PRO A 43 -3.14 -0.91 6.72
CA PRO A 43 -3.03 0.55 6.66
C PRO A 43 -3.25 1.20 8.02
N ASN A 44 -3.36 2.53 8.02
CA ASN A 44 -3.57 3.28 9.25
C ASN A 44 -5.02 3.16 9.72
N GLU A 45 -5.39 3.97 10.71
CA GLU A 45 -6.74 3.95 11.25
C GLU A 45 -7.75 4.42 10.20
N ASN A 46 -7.25 5.09 9.17
CA ASN A 46 -8.11 5.60 8.10
C ASN A 46 -8.13 4.63 6.92
N GLY A 47 -7.05 3.87 6.75
CA GLY A 47 -6.96 2.92 5.66
C GLY A 47 -6.08 3.41 4.53
N ILE A 48 -5.06 4.17 4.87
CA ILE A 48 -4.13 4.71 3.88
C ILE A 48 -2.71 4.23 4.14
N TYR A 49 -1.94 4.05 3.07
CA TYR A 49 -0.57 3.59 3.19
C TYR A 49 0.41 4.76 3.00
N SER A 50 1.70 4.45 3.00
CA SER A 50 2.72 5.47 2.84
C SER A 50 3.17 5.56 1.38
N GLN A 51 3.98 4.61 0.95
CA GLN A 51 4.47 4.59 -0.43
C GLN A 51 4.10 3.27 -1.12
N HIS A 52 4.58 2.17 -0.55
CA HIS A 52 4.30 0.85 -1.11
C HIS A 52 2.88 0.41 -0.77
N CYS A 53 2.34 -0.49 -1.60
CA CYS A 53 0.99 -1.00 -1.38
C CYS A 53 1.02 -2.44 -0.86
N PRO A 54 -0.09 -2.87 -0.25
CA PRO A 54 -0.22 -4.23 0.30
C PRO A 54 -0.27 -5.29 -0.79
N CYS A 55 -0.14 -6.55 -0.39
CA CYS A 55 -0.18 -7.66 -1.32
C CYS A 55 -1.60 -7.90 -1.83
N GLY A 56 -1.76 -7.91 -3.15
CA GLY A 56 -3.08 -8.13 -3.73
C GLY A 56 -3.00 -8.76 -5.10
N GLU A 57 -1.85 -9.34 -5.42
CA GLU A 57 -1.65 -9.99 -6.72
C GLU A 57 -1.22 -11.43 -6.54
N GLY A 58 -1.68 -12.06 -5.47
CA GLY A 58 -1.32 -13.45 -5.20
C GLY A 58 -0.10 -13.57 -4.33
N LEU A 59 0.21 -12.52 -3.58
CA LEU A 59 1.36 -12.52 -2.68
C LEU A 59 0.92 -12.60 -1.23
N SER A 60 1.89 -12.67 -0.32
CA SER A 60 1.61 -12.75 1.10
C SER A 60 2.71 -12.08 1.92
N CYS A 61 2.34 -11.05 2.67
CA CYS A 61 3.29 -10.33 3.50
C CYS A 61 4.03 -11.27 4.44
N THR A 62 5.28 -11.58 4.10
CA THR A 62 6.09 -12.47 4.91
C THR A 62 7.37 -11.79 5.36
N LYS A 63 7.81 -12.13 6.57
CA LYS A 63 9.03 -11.55 7.12
C LYS A 63 10.27 -12.27 6.61
N VAL A 64 11.18 -11.53 5.99
CA VAL A 64 12.41 -12.11 5.46
C VAL A 64 13.64 -11.38 6.00
N GLY A 65 13.43 -10.57 7.03
CA GLY A 65 14.54 -9.83 7.62
C GLY A 65 14.24 -9.38 9.03
N GLU A 66 14.95 -8.37 9.50
CA GLU A 66 14.77 -7.85 10.85
C GLU A 66 15.28 -6.42 10.96
N PRO A 67 14.80 -5.70 11.98
CA PRO A 67 13.83 -6.23 12.95
C PRO A 67 12.46 -6.47 12.32
N ASN A 68 12.01 -5.50 11.53
CA ASN A 68 10.70 -5.59 10.88
C ASN A 68 10.84 -5.38 9.38
N LYS A 69 11.35 -6.39 8.68
CA LYS A 69 11.52 -6.31 7.23
C LYS A 69 10.51 -7.20 6.52
N LEU A 70 9.28 -6.73 6.41
CA LEU A 70 8.22 -7.48 5.75
C LEU A 70 8.31 -7.32 4.23
N ARG A 71 8.14 -8.42 3.52
CA ARG A 71 8.20 -8.41 2.05
C ARG A 71 7.14 -9.31 1.46
N CYS A 72 6.76 -9.05 0.22
CA CYS A 72 5.75 -9.84 -0.47
C CYS A 72 6.34 -11.18 -0.94
N GLN A 73 5.54 -12.23 -0.84
CA GLN A 73 5.97 -13.56 -1.25
C GLN A 73 4.81 -14.38 -1.79
N GLU A 74 4.96 -14.92 -2.98
CA GLU A 74 3.92 -15.73 -3.61
C GLU A 74 3.45 -16.83 -2.66
N GLU A 75 2.17 -16.76 -2.27
CA GLU A 75 1.59 -17.75 -1.38
C GLU A 75 1.55 -19.13 -2.03
N SER A 76 1.49 -20.16 -1.20
CA SER A 76 1.45 -21.53 -1.70
C SER A 76 0.14 -22.22 -1.30
N SER A 1 -14.67 -0.62 -5.12
CA SER A 1 -14.01 0.42 -5.89
C SER A 1 -13.14 1.30 -4.99
N VAL A 2 -11.93 1.59 -5.45
CA VAL A 2 -11.01 2.43 -4.69
C VAL A 2 -11.43 3.90 -4.74
N THR A 3 -11.30 4.59 -3.61
CA THR A 3 -11.66 5.99 -3.53
C THR A 3 -10.61 6.78 -2.75
N CYS A 4 -9.84 7.59 -3.47
CA CYS A 4 -8.80 8.40 -2.85
C CYS A 4 -8.96 9.88 -3.21
N GLY A 5 -8.68 10.76 -2.26
CA GLY A 5 -8.80 12.18 -2.51
C GLY A 5 -10.15 12.56 -3.06
N GLY A 6 -11.21 11.99 -2.48
CA GLY A 6 -12.56 12.29 -2.93
C GLY A 6 -12.77 11.94 -4.40
N LYS A 7 -11.90 11.08 -4.93
CA LYS A 7 -11.99 10.67 -6.32
C LYS A 7 -11.82 9.16 -6.45
N GLN A 8 -12.60 8.55 -7.34
CA GLN A 8 -12.52 7.11 -7.56
C GLN A 8 -11.39 6.76 -8.54
N CYS A 9 -10.80 5.59 -8.35
CA CYS A 9 -9.71 5.14 -9.21
C CYS A 9 -9.93 3.69 -9.64
N LYS A 10 -8.99 3.18 -10.45
CA LYS A 10 -9.08 1.81 -10.93
C LYS A 10 -8.73 0.82 -9.82
N PRO A 11 -9.15 -0.44 -10.01
CA PRO A 11 -8.89 -1.51 -9.04
C PRO A 11 -7.42 -1.90 -8.98
N ASN A 12 -7.08 -2.76 -8.02
CA ASN A 12 -5.70 -3.21 -7.85
C ASN A 12 -4.79 -2.04 -7.51
N SER A 13 -5.35 -1.01 -6.88
CA SER A 13 -4.58 0.16 -6.50
C SER A 13 -5.06 0.70 -5.14
N CYS A 14 -4.14 0.70 -4.17
CA CYS A 14 -4.47 1.19 -2.83
C CYS A 14 -4.26 2.70 -2.73
N CYS A 15 -4.74 3.28 -1.64
CA CYS A 15 -4.60 4.71 -1.42
C CYS A 15 -3.35 5.02 -0.61
N VAL A 16 -2.59 6.02 -1.05
CA VAL A 16 -1.37 6.41 -0.37
C VAL A 16 -1.32 7.92 -0.16
N GLN A 17 -0.89 8.34 1.02
CA GLN A 17 -0.80 9.76 1.35
C GLN A 17 0.58 10.30 1.05
N ASN A 18 0.64 11.43 0.34
CA ASN A 18 1.92 12.04 -0.02
C ASN A 18 1.93 13.52 0.37
N SER A 19 1.60 13.80 1.63
CA SER A 19 1.56 15.17 2.12
C SER A 19 2.97 15.64 2.51
N HIS A 20 3.31 16.87 2.12
CA HIS A 20 4.62 17.43 2.44
C HIS A 20 4.52 18.40 3.61
N GLY A 21 3.52 18.20 4.46
CA GLY A 21 3.33 19.06 5.62
C GLY A 21 2.69 20.38 5.25
N LYS A 22 1.95 20.40 4.14
CA LYS A 22 1.29 21.60 3.68
C LYS A 22 -0.07 21.78 4.37
N GLY A 23 -0.67 20.67 4.75
CA GLY A 23 -1.96 20.72 5.43
C GLY A 23 -3.11 20.34 4.51
N LYS A 24 -2.78 19.73 3.37
CA LYS A 24 -3.80 19.32 2.41
C LYS A 24 -3.71 17.82 2.14
N ASP A 25 -4.52 17.05 2.87
CA ASP A 25 -4.54 15.60 2.71
C ASP A 25 -5.07 15.21 1.33
N SER A 26 -4.16 14.98 0.40
CA SER A 26 -4.53 14.62 -0.97
C SER A 26 -3.72 13.41 -1.44
N PRO A 27 -4.19 12.21 -1.10
CA PRO A 27 -3.52 10.96 -1.48
C PRO A 27 -3.62 10.68 -2.98
N ARG A 28 -2.79 9.76 -3.46
CA ARG A 28 -2.79 9.40 -4.87
C ARG A 28 -3.01 7.91 -5.06
N CYS A 29 -3.16 7.48 -6.30
CA CYS A 29 -3.40 6.08 -6.62
C CYS A 29 -2.09 5.38 -7.00
N HIS A 30 -1.83 4.25 -6.37
CA HIS A 30 -0.61 3.48 -6.63
C HIS A 30 -0.94 2.01 -6.88
N PRO A 31 -0.13 1.35 -7.72
CA PRO A 31 -0.30 -0.06 -8.06
C PRO A 31 0.02 -0.98 -6.88
N LEU A 32 -0.58 -2.17 -6.89
CA LEU A 32 -0.35 -3.14 -5.82
C LEU A 32 1.10 -3.62 -5.81
N GLY A 33 1.56 -4.05 -4.66
CA GLY A 33 2.93 -4.53 -4.53
C GLY A 33 3.17 -5.79 -5.34
N LYS A 34 4.44 -6.06 -5.65
CA LYS A 34 4.81 -7.24 -6.42
C LYS A 34 5.64 -8.20 -5.58
N LEU A 35 6.09 -9.29 -6.21
CA LEU A 35 6.90 -10.29 -5.52
C LEU A 35 8.29 -9.73 -5.20
N ASN A 36 8.81 -10.10 -4.03
CA ASN A 36 10.14 -9.64 -3.61
C ASN A 36 10.18 -8.12 -3.51
N ASN A 37 9.10 -7.54 -3.00
CA ASN A 37 9.01 -6.09 -2.85
C ASN A 37 8.53 -5.72 -1.46
N PRO A 38 8.80 -4.47 -1.04
CA PRO A 38 8.40 -3.97 0.27
C PRO A 38 6.90 -3.77 0.38
N CYS A 39 6.31 -4.33 1.44
CA CYS A 39 4.87 -4.22 1.67
C CYS A 39 4.56 -4.18 3.16
N GLU A 40 3.31 -3.83 3.48
CA GLU A 40 2.89 -3.75 4.88
C GLU A 40 1.62 -4.58 5.11
N VAL A 41 1.47 -5.09 6.32
CA VAL A 41 0.31 -5.90 6.67
C VAL A 41 -0.99 -5.15 6.40
N GLU A 42 -1.20 -4.06 7.12
CA GLU A 42 -2.40 -3.25 6.96
C GLU A 42 -2.07 -1.76 7.02
N PRO A 43 -2.95 -0.93 6.43
CA PRO A 43 -2.76 0.51 6.39
C PRO A 43 -2.95 1.16 7.76
N ASN A 44 -3.01 2.48 7.79
CA ASN A 44 -3.18 3.22 9.04
C ASN A 44 -4.62 3.09 9.55
N GLU A 45 -4.95 3.89 10.55
CA GLU A 45 -6.28 3.88 11.13
C GLU A 45 -7.31 4.40 10.14
N ASN A 46 -6.83 5.08 9.09
CA ASN A 46 -7.71 5.64 8.07
C ASN A 46 -7.83 4.69 6.87
N GLY A 47 -6.77 3.91 6.65
CA GLY A 47 -6.78 2.98 5.54
C GLY A 47 -5.92 3.46 4.38
N ILE A 48 -4.86 4.19 4.69
CA ILE A 48 -3.96 4.71 3.67
C ILE A 48 -2.52 4.25 3.91
N TYR A 49 -1.79 4.04 2.83
CA TYR A 49 -0.39 3.60 2.92
C TYR A 49 0.56 4.77 2.71
N SER A 50 1.86 4.48 2.68
CA SER A 50 2.87 5.49 2.49
C SER A 50 3.25 5.61 1.02
N GLN A 51 4.05 4.66 0.54
CA GLN A 51 4.49 4.65 -0.85
C GLN A 51 4.11 3.35 -1.54
N HIS A 52 4.60 2.23 -0.99
CA HIS A 52 4.30 0.92 -1.54
C HIS A 52 2.90 0.46 -1.16
N CYS A 53 2.38 -0.51 -1.90
CA CYS A 53 1.04 -1.03 -1.64
C CYS A 53 1.11 -2.46 -1.12
N PRO A 54 0.02 -2.90 -0.46
CA PRO A 54 -0.07 -4.26 0.11
C PRO A 54 -0.16 -5.32 -0.97
N CYS A 55 0.00 -6.59 -0.57
CA CYS A 55 -0.07 -7.70 -1.51
C CYS A 55 -1.49 -7.89 -2.03
N GLY A 56 -1.63 -7.90 -3.35
CA GLY A 56 -2.94 -8.07 -3.95
C GLY A 56 -2.87 -8.74 -5.32
N GLU A 57 -1.75 -9.42 -5.58
CA GLU A 57 -1.57 -10.10 -6.86
C GLU A 57 -1.18 -11.56 -6.64
N GLY A 58 -1.63 -12.12 -5.51
CA GLY A 58 -1.31 -13.51 -5.21
C GLY A 58 -0.10 -13.65 -4.32
N LEU A 59 0.23 -12.59 -3.58
CA LEU A 59 1.37 -12.60 -2.70
C LEU A 59 0.93 -12.61 -1.23
N SER A 60 1.90 -12.72 -0.33
CA SER A 60 1.62 -12.75 1.10
C SER A 60 2.74 -12.08 1.90
N CYS A 61 2.40 -10.99 2.57
CA CYS A 61 3.38 -10.25 3.37
C CYS A 61 4.05 -11.18 4.38
N THR A 62 5.30 -11.53 4.11
CA THR A 62 6.07 -12.41 4.99
C THR A 62 7.32 -11.72 5.50
N LYS A 63 7.59 -11.89 6.80
CA LYS A 63 8.77 -11.28 7.42
C LYS A 63 10.05 -11.97 6.95
N VAL A 64 10.97 -11.19 6.39
CA VAL A 64 12.23 -11.73 5.92
C VAL A 64 13.41 -11.17 6.70
N GLY A 65 13.18 -10.02 7.35
CA GLY A 65 14.24 -9.38 8.11
C GLY A 65 13.73 -8.86 9.44
N GLU A 66 14.45 -7.87 9.99
CA GLU A 66 14.07 -7.28 11.27
C GLU A 66 14.29 -5.77 11.25
N PRO A 67 13.62 -5.06 12.17
CA PRO A 67 12.70 -5.68 13.14
C PRO A 67 11.44 -6.23 12.47
N ASN A 68 10.82 -5.41 11.64
CA ASN A 68 9.59 -5.81 10.94
C ASN A 68 9.74 -5.63 9.44
N LYS A 69 10.84 -6.16 8.89
CA LYS A 69 11.10 -6.06 7.46
C LYS A 69 10.25 -7.07 6.68
N LEU A 70 8.98 -6.75 6.50
CA LEU A 70 8.07 -7.63 5.76
C LEU A 70 8.22 -7.43 4.26
N ARG A 71 8.00 -8.51 3.51
CA ARG A 71 8.11 -8.46 2.06
C ARG A 71 7.09 -9.39 1.40
N CYS A 72 6.68 -9.04 0.17
CA CYS A 72 5.72 -9.84 -0.57
C CYS A 72 6.32 -11.18 -1.00
N GLN A 73 5.55 -12.24 -0.85
CA GLN A 73 6.00 -13.58 -1.23
C GLN A 73 4.84 -14.43 -1.74
N GLU A 74 5.01 -15.01 -2.92
CA GLU A 74 3.98 -15.85 -3.52
C GLU A 74 3.51 -16.92 -2.54
N GLU A 75 2.23 -16.88 -2.20
CA GLU A 75 1.66 -17.85 -1.27
C GLU A 75 1.72 -19.27 -1.84
N SER A 76 1.70 -20.26 -0.96
CA SER A 76 1.75 -21.65 -1.38
C SER A 76 0.36 -22.18 -1.69
N SER A 1 -15.00 -0.62 -5.51
CA SER A 1 -14.61 0.65 -6.11
C SER A 1 -13.69 1.42 -5.18
N VAL A 2 -12.50 1.75 -5.67
CA VAL A 2 -11.52 2.49 -4.88
C VAL A 2 -11.82 3.98 -4.90
N THR A 3 -11.59 4.64 -3.76
CA THR A 3 -11.84 6.07 -3.64
C THR A 3 -10.78 6.75 -2.79
N CYS A 4 -10.01 7.63 -3.40
CA CYS A 4 -8.95 8.36 -2.70
C CYS A 4 -9.01 9.85 -3.00
N GLY A 5 -8.94 10.67 -1.95
CA GLY A 5 -8.99 12.11 -2.13
C GLY A 5 -10.32 12.58 -2.67
N GLY A 6 -11.35 11.75 -2.51
CA GLY A 6 -12.67 12.11 -3.00
C GLY A 6 -12.93 11.59 -4.40
N LYS A 7 -11.86 11.30 -5.12
CA LYS A 7 -11.98 10.80 -6.49
C LYS A 7 -11.81 9.28 -6.52
N GLN A 8 -12.47 8.63 -7.48
CA GLN A 8 -12.40 7.18 -7.61
C GLN A 8 -11.31 6.79 -8.61
N CYS A 9 -10.68 5.65 -8.37
CA CYS A 9 -9.62 5.16 -9.25
C CYS A 9 -9.84 3.69 -9.59
N LYS A 10 -9.07 3.19 -10.56
CA LYS A 10 -9.18 1.80 -10.98
C LYS A 10 -8.80 0.86 -9.85
N PRO A 11 -9.22 -0.41 -9.97
CA PRO A 11 -8.93 -1.44 -8.96
C PRO A 11 -7.46 -1.83 -8.95
N ASN A 12 -7.09 -2.71 -8.02
CA ASN A 12 -5.72 -3.17 -7.89
C ASN A 12 -4.79 -2.01 -7.56
N SER A 13 -5.34 -0.97 -6.93
CA SER A 13 -4.56 0.20 -6.56
C SER A 13 -5.01 0.75 -5.20
N CYS A 14 -4.09 0.75 -4.24
CA CYS A 14 -4.40 1.24 -2.91
C CYS A 14 -4.16 2.75 -2.81
N CYS A 15 -4.62 3.35 -1.72
CA CYS A 15 -4.46 4.78 -1.50
C CYS A 15 -3.17 5.07 -0.74
N VAL A 16 -2.43 6.06 -1.21
CA VAL A 16 -1.17 6.44 -0.57
C VAL A 16 -1.11 7.95 -0.30
N GLN A 17 -0.69 8.31 0.89
CA GLN A 17 -0.58 9.73 1.26
C GLN A 17 0.82 10.26 1.04
N ASN A 18 0.93 11.31 0.23
CA ASN A 18 2.23 11.91 -0.07
C ASN A 18 2.20 13.42 0.16
N SER A 19 1.57 13.84 1.26
CA SER A 19 1.47 15.25 1.60
C SER A 19 2.81 15.81 2.02
N HIS A 20 2.99 17.12 1.84
CA HIS A 20 4.23 17.78 2.22
C HIS A 20 4.04 18.66 3.45
N GLY A 21 3.06 18.31 4.27
CA GLY A 21 2.78 19.09 5.47
C GLY A 21 2.10 20.40 5.16
N LYS A 22 1.36 20.44 4.06
CA LYS A 22 0.65 21.66 3.65
C LYS A 22 -0.71 21.74 4.34
N GLY A 23 -1.30 20.58 4.62
CA GLY A 23 -2.60 20.55 5.27
C GLY A 23 -3.71 20.13 4.33
N LYS A 24 -3.34 19.57 3.18
CA LYS A 24 -4.31 19.13 2.18
C LYS A 24 -4.18 17.63 1.94
N ASP A 25 -5.05 16.85 2.57
CA ASP A 25 -5.04 15.40 2.41
C ASP A 25 -5.40 15.01 0.97
N SER A 26 -4.37 14.82 0.15
CA SER A 26 -4.58 14.45 -1.24
C SER A 26 -3.78 13.20 -1.59
N PRO A 27 -4.37 12.02 -1.32
CA PRO A 27 -3.74 10.73 -1.59
C PRO A 27 -3.65 10.44 -3.09
N ARG A 28 -2.85 9.43 -3.45
CA ARG A 28 -2.69 9.05 -4.84
C ARG A 28 -2.96 7.57 -5.04
N CYS A 29 -3.22 7.18 -6.28
CA CYS A 29 -3.49 5.78 -6.61
C CYS A 29 -2.23 5.07 -7.07
N HIS A 30 -1.72 4.17 -6.23
CA HIS A 30 -0.52 3.41 -6.55
C HIS A 30 -0.85 1.95 -6.81
N PRO A 31 -0.07 1.30 -7.69
CA PRO A 31 -0.26 -0.10 -8.04
C PRO A 31 0.10 -1.04 -6.90
N LEU A 32 -0.60 -2.18 -6.83
CA LEU A 32 -0.36 -3.15 -5.77
C LEU A 32 1.10 -3.61 -5.78
N GLY A 33 1.60 -3.97 -4.59
CA GLY A 33 2.97 -4.42 -4.49
C GLY A 33 3.23 -5.71 -5.23
N LYS A 34 4.44 -5.87 -5.74
CA LYS A 34 4.81 -7.08 -6.48
C LYS A 34 5.64 -8.02 -5.61
N LEU A 35 6.19 -9.06 -6.22
CA LEU A 35 7.00 -10.03 -5.50
C LEU A 35 8.37 -9.45 -5.17
N ASN A 36 8.92 -9.86 -4.03
CA ASN A 36 10.22 -9.38 -3.58
C ASN A 36 10.21 -7.87 -3.41
N ASN A 37 9.02 -7.32 -3.18
CA ASN A 37 8.88 -5.87 -2.99
C ASN A 37 8.40 -5.56 -1.57
N PRO A 38 8.63 -4.30 -1.14
CA PRO A 38 8.24 -3.85 0.19
C PRO A 38 6.72 -3.73 0.35
N CYS A 39 6.19 -4.39 1.37
CA CYS A 39 4.76 -4.36 1.62
C CYS A 39 4.47 -4.35 3.12
N GLU A 40 3.24 -4.01 3.48
CA GLU A 40 2.84 -3.95 4.89
C GLU A 40 1.57 -4.77 5.12
N VAL A 41 1.38 -5.22 6.36
CA VAL A 41 0.21 -6.00 6.72
C VAL A 41 -1.08 -5.23 6.47
N GLU A 42 -1.22 -4.10 7.16
CA GLU A 42 -2.40 -3.26 7.02
C GLU A 42 -2.02 -1.78 7.04
N PRO A 43 -2.90 -0.94 6.46
CA PRO A 43 -2.68 0.51 6.39
C PRO A 43 -2.81 1.17 7.76
N ASN A 44 -2.83 2.50 7.77
CA ASN A 44 -2.94 3.26 9.01
C ASN A 44 -4.36 3.16 9.56
N GLU A 45 -4.65 3.99 10.58
CA GLU A 45 -5.96 4.00 11.20
C GLU A 45 -7.02 4.55 10.24
N ASN A 46 -6.56 5.18 9.17
CA ASN A 46 -7.46 5.75 8.18
C ASN A 46 -7.63 4.81 6.99
N GLY A 47 -6.61 4.00 6.73
CA GLY A 47 -6.67 3.05 5.63
C GLY A 47 -5.85 3.50 4.44
N ILE A 48 -4.75 4.21 4.71
CA ILE A 48 -3.88 4.70 3.65
C ILE A 48 -2.44 4.22 3.86
N TYR A 49 -1.71 4.07 2.76
CA TYR A 49 -0.33 3.62 2.82
C TYR A 49 0.63 4.78 2.59
N SER A 50 1.92 4.48 2.55
CA SER A 50 2.94 5.49 2.32
C SER A 50 3.33 5.57 0.85
N GLN A 51 4.13 4.60 0.41
CA GLN A 51 4.58 4.56 -0.98
C GLN A 51 4.19 3.24 -1.63
N HIS A 52 4.68 2.14 -1.06
CA HIS A 52 4.39 0.81 -1.60
C HIS A 52 2.97 0.38 -1.23
N CYS A 53 2.44 -0.58 -1.97
CA CYS A 53 1.09 -1.08 -1.72
C CYS A 53 1.13 -2.51 -1.19
N PRO A 54 0.04 -2.94 -0.55
CA PRO A 54 -0.09 -4.28 0.02
C PRO A 54 -0.18 -5.36 -1.06
N CYS A 55 -0.04 -6.62 -0.65
CA CYS A 55 -0.11 -7.73 -1.58
C CYS A 55 -1.53 -7.92 -2.09
N GLY A 56 -1.68 -7.95 -3.41
CA GLY A 56 -2.99 -8.12 -4.02
C GLY A 56 -2.92 -8.80 -5.37
N GLU A 57 -1.80 -9.47 -5.64
CA GLU A 57 -1.61 -10.15 -6.91
C GLU A 57 -1.21 -11.61 -6.68
N GLY A 58 -1.60 -12.16 -5.53
CA GLY A 58 -1.26 -13.53 -5.22
C GLY A 58 -0.03 -13.63 -4.34
N LEU A 59 0.27 -12.56 -3.61
CA LEU A 59 1.42 -12.54 -2.73
C LEU A 59 1.00 -12.54 -1.26
N SER A 60 1.96 -12.69 -0.36
CA SER A 60 1.68 -12.71 1.07
C SER A 60 2.79 -12.01 1.85
N CYS A 61 2.43 -10.96 2.57
CA CYS A 61 3.39 -10.20 3.36
C CYS A 61 4.08 -11.11 4.39
N THR A 62 5.31 -11.50 4.09
CA THR A 62 6.07 -12.36 4.99
C THR A 62 7.30 -11.65 5.52
N LYS A 63 7.60 -11.89 6.81
CA LYS A 63 8.75 -11.26 7.44
C LYS A 63 10.04 -11.97 7.04
N VAL A 64 11.00 -11.19 6.53
CA VAL A 64 12.28 -11.75 6.10
C VAL A 64 13.42 -11.17 6.93
N GLY A 65 13.18 -10.01 7.53
CA GLY A 65 14.20 -9.37 8.35
C GLY A 65 13.64 -8.72 9.59
N GLU A 66 14.50 -8.06 10.35
CA GLU A 66 14.06 -7.39 11.58
C GLU A 66 14.30 -5.89 11.49
N PRO A 67 13.58 -5.12 12.33
CA PRO A 67 12.62 -5.68 13.29
C PRO A 67 11.40 -6.26 12.61
N ASN A 68 10.80 -5.49 11.71
CA ASN A 68 9.61 -5.92 10.99
C ASN A 68 9.77 -5.69 9.49
N LYS A 69 10.70 -6.41 8.88
CA LYS A 69 10.95 -6.29 7.45
C LYS A 69 10.09 -7.25 6.65
N LEU A 70 8.81 -6.91 6.49
CA LEU A 70 7.88 -7.73 5.75
C LEU A 70 7.96 -7.46 4.26
N ARG A 71 7.86 -8.51 3.45
CA ARG A 71 7.92 -8.37 2.00
C ARG A 71 6.93 -9.31 1.33
N CYS A 72 6.55 -8.97 0.10
CA CYS A 72 5.59 -9.77 -0.66
C CYS A 72 6.23 -11.09 -1.12
N GLN A 73 5.53 -12.19 -0.89
CA GLN A 73 6.02 -13.50 -1.28
C GLN A 73 4.88 -14.39 -1.78
N GLU A 74 5.07 -14.99 -2.96
CA GLU A 74 4.07 -15.86 -3.55
C GLU A 74 3.63 -16.93 -2.55
N GLU A 75 2.35 -16.90 -2.19
CA GLU A 75 1.81 -17.87 -1.24
C GLU A 75 1.83 -19.27 -1.84
N SER A 76 2.02 -20.28 -0.97
CA SER A 76 2.06 -21.67 -1.41
C SER A 76 0.79 -22.03 -2.16
N SER A 1 -14.25 -0.92 -5.38
CA SER A 1 -13.77 0.25 -6.10
C SER A 1 -13.02 1.19 -5.16
N VAL A 2 -11.80 1.55 -5.54
CA VAL A 2 -10.99 2.46 -4.74
C VAL A 2 -11.54 3.87 -4.78
N THR A 3 -11.59 4.52 -3.61
CA THR A 3 -12.10 5.87 -3.50
C THR A 3 -11.36 6.66 -2.42
N CYS A 4 -10.52 7.60 -2.86
CA CYS A 4 -9.76 8.43 -1.93
C CYS A 4 -9.55 9.82 -2.49
N GLY A 5 -9.56 10.81 -1.60
CA GLY A 5 -9.37 12.19 -2.03
C GLY A 5 -10.56 12.74 -2.77
N GLY A 6 -11.72 12.11 -2.57
CA GLY A 6 -12.93 12.55 -3.23
C GLY A 6 -12.96 12.19 -4.70
N LYS A 7 -12.20 11.15 -5.06
CA LYS A 7 -12.14 10.70 -6.45
C LYS A 7 -11.99 9.18 -6.53
N GLN A 8 -12.42 8.61 -7.64
CA GLN A 8 -12.34 7.16 -7.83
C GLN A 8 -11.16 6.80 -8.72
N CYS A 9 -10.66 5.57 -8.57
CA CYS A 9 -9.54 5.10 -9.37
C CYS A 9 -9.72 3.64 -9.77
N LYS A 10 -8.82 3.15 -10.62
CA LYS A 10 -8.90 1.77 -11.09
C LYS A 10 -8.59 0.80 -9.95
N PRO A 11 -9.00 -0.46 -10.13
CA PRO A 11 -8.78 -1.52 -9.13
C PRO A 11 -7.31 -1.90 -9.02
N ASN A 12 -7.01 -2.78 -8.07
CA ASN A 12 -5.63 -3.24 -7.85
C ASN A 12 -4.72 -2.06 -7.51
N SER A 13 -5.29 -1.02 -6.92
CA SER A 13 -4.53 0.16 -6.56
C SER A 13 -5.02 0.73 -5.22
N CYS A 14 -4.12 0.76 -4.24
CA CYS A 14 -4.45 1.28 -2.92
C CYS A 14 -4.21 2.78 -2.84
N CYS A 15 -4.70 3.40 -1.78
CA CYS A 15 -4.54 4.84 -1.58
C CYS A 15 -3.24 5.14 -0.82
N VAL A 16 -2.48 6.10 -1.32
CA VAL A 16 -1.23 6.50 -0.69
C VAL A 16 -1.13 8.00 -0.53
N GLN A 17 -0.94 8.45 0.71
CA GLN A 17 -0.83 9.88 1.01
C GLN A 17 0.54 10.42 0.59
N ASN A 18 0.53 11.43 -0.28
CA ASN A 18 1.77 12.03 -0.74
C ASN A 18 1.72 13.55 -0.61
N SER A 19 2.06 14.04 0.58
CA SER A 19 2.05 15.48 0.83
C SER A 19 3.44 16.07 0.67
N HIS A 20 3.52 17.40 0.58
CA HIS A 20 4.79 18.09 0.41
C HIS A 20 4.95 19.18 1.46
N GLY A 21 4.27 19.02 2.60
CA GLY A 21 4.35 20.00 3.66
C GLY A 21 3.57 21.26 3.35
N LYS A 22 2.53 21.11 2.53
CA LYS A 22 1.70 22.24 2.15
C LYS A 22 0.51 22.40 3.09
N GLY A 23 -0.02 21.26 3.54
CA GLY A 23 -1.15 21.28 4.45
C GLY A 23 -2.44 20.85 3.79
N LYS A 24 -2.32 20.23 2.61
CA LYS A 24 -3.49 19.77 1.87
C LYS A 24 -3.37 18.28 1.54
N ASP A 25 -3.96 17.44 2.39
CA ASP A 25 -3.92 16.00 2.20
C ASP A 25 -4.43 15.62 0.81
N SER A 26 -3.51 15.23 -0.06
CA SER A 26 -3.87 14.84 -1.42
C SER A 26 -3.20 13.54 -1.82
N PRO A 27 -3.83 12.40 -1.45
CA PRO A 27 -3.31 11.08 -1.76
C PRO A 27 -3.37 10.74 -3.25
N ARG A 28 -2.69 9.68 -3.65
CA ARG A 28 -2.67 9.27 -5.04
C ARG A 28 -2.94 7.77 -5.17
N CYS A 29 -3.08 7.30 -6.40
CA CYS A 29 -3.34 5.89 -6.67
C CYS A 29 -2.07 5.17 -7.10
N HIS A 30 -1.68 4.16 -6.33
CA HIS A 30 -0.47 3.39 -6.64
C HIS A 30 -0.82 1.92 -6.87
N PRO A 31 -0.04 1.26 -7.73
CA PRO A 31 -0.24 -0.16 -8.06
C PRO A 31 0.10 -1.08 -6.89
N LEU A 32 -0.58 -2.22 -6.82
CA LEU A 32 -0.35 -3.18 -5.75
C LEU A 32 1.10 -3.66 -5.76
N GLY A 33 1.61 -3.99 -4.58
CA GLY A 33 2.98 -4.47 -4.48
C GLY A 33 3.22 -5.75 -5.25
N LYS A 34 4.46 -5.98 -5.63
CA LYS A 34 4.82 -7.17 -6.39
C LYS A 34 5.62 -8.15 -5.53
N LEU A 35 6.12 -9.21 -6.15
CA LEU A 35 6.91 -10.21 -5.44
C LEU A 35 8.29 -9.67 -5.10
N ASN A 36 8.82 -10.09 -3.95
CA ASN A 36 10.14 -9.65 -3.51
C ASN A 36 10.20 -8.13 -3.39
N ASN A 37 9.10 -7.54 -2.91
CA ASN A 37 9.02 -6.09 -2.75
C ASN A 37 8.53 -5.72 -1.35
N PRO A 38 8.81 -4.49 -0.93
CA PRO A 38 8.41 -3.98 0.39
C PRO A 38 6.90 -3.78 0.49
N CYS A 39 6.29 -4.41 1.48
CA CYS A 39 4.85 -4.30 1.69
C CYS A 39 4.53 -4.11 3.16
N GLU A 40 3.28 -3.76 3.45
CA GLU A 40 2.84 -3.54 4.82
C GLU A 40 1.60 -4.36 5.14
N VAL A 41 1.51 -4.84 6.36
CA VAL A 41 0.37 -5.65 6.80
C VAL A 41 -0.95 -4.93 6.51
N GLU A 42 -1.18 -3.82 7.22
CA GLU A 42 -2.39 -3.05 7.04
C GLU A 42 -2.10 -1.55 7.08
N PRO A 43 -2.99 -0.75 6.46
CA PRO A 43 -2.85 0.71 6.42
C PRO A 43 -3.06 1.35 7.79
N ASN A 44 -3.14 2.67 7.79
CA ASN A 44 -3.35 3.42 9.04
C ASN A 44 -4.80 3.33 9.49
N GLU A 45 -5.16 4.16 10.47
CA GLU A 45 -6.52 4.18 11.00
C GLU A 45 -7.51 4.64 9.92
N ASN A 46 -7.01 5.39 8.95
CA ASN A 46 -7.85 5.89 7.87
C ASN A 46 -7.91 4.89 6.72
N GLY A 47 -6.84 4.10 6.57
CA GLY A 47 -6.79 3.11 5.52
C GLY A 47 -5.92 3.55 4.35
N ILE A 48 -4.88 4.31 4.66
CA ILE A 48 -3.96 4.80 3.63
C ILE A 48 -2.54 4.32 3.89
N TYR A 49 -1.80 4.09 2.81
CA TYR A 49 -0.41 3.63 2.92
C TYR A 49 0.57 4.78 2.72
N SER A 50 1.85 4.46 2.73
CA SER A 50 2.89 5.47 2.55
C SER A 50 3.25 5.63 1.08
N GLN A 51 4.04 4.69 0.56
CA GLN A 51 4.45 4.73 -0.83
C GLN A 51 4.05 3.44 -1.56
N HIS A 52 4.52 2.31 -1.05
CA HIS A 52 4.22 1.02 -1.65
C HIS A 52 2.80 0.57 -1.29
N CYS A 53 2.32 -0.47 -1.95
CA CYS A 53 0.98 -0.99 -1.70
C CYS A 53 1.04 -2.41 -1.15
N PRO A 54 -0.05 -2.85 -0.50
CA PRO A 54 -0.14 -4.19 0.07
C PRO A 54 -0.21 -5.28 -0.99
N CYS A 55 -0.05 -6.53 -0.56
CA CYS A 55 -0.11 -7.66 -1.48
C CYS A 55 -1.52 -7.88 -2.00
N GLY A 56 -1.67 -7.91 -3.32
CA GLY A 56 -2.98 -8.11 -3.92
C GLY A 56 -2.90 -8.77 -5.27
N GLU A 57 -1.77 -9.41 -5.55
CA GLU A 57 -1.57 -10.08 -6.84
C GLU A 57 -1.17 -11.54 -6.62
N GLY A 58 -1.62 -12.11 -5.51
CA GLY A 58 -1.31 -13.50 -5.21
C GLY A 58 -0.08 -13.64 -4.32
N LEU A 59 0.23 -12.58 -3.58
CA LEU A 59 1.39 -12.59 -2.70
C LEU A 59 0.94 -12.63 -1.24
N SER A 60 1.92 -12.70 -0.33
CA SER A 60 1.63 -12.75 1.10
C SER A 60 2.73 -12.09 1.90
N CYS A 61 2.40 -11.03 2.63
CA CYS A 61 3.36 -10.31 3.44
C CYS A 61 4.06 -11.25 4.41
N THR A 62 5.33 -11.54 4.13
CA THR A 62 6.11 -12.44 4.97
C THR A 62 7.39 -11.76 5.44
N LYS A 63 7.71 -11.93 6.72
CA LYS A 63 8.91 -11.34 7.30
C LYS A 63 10.16 -12.05 6.80
N VAL A 64 11.10 -11.28 6.25
CA VAL A 64 12.35 -11.84 5.74
C VAL A 64 13.55 -11.15 6.38
N GLY A 65 13.31 -10.40 7.45
CA GLY A 65 14.38 -9.71 8.12
C GLY A 65 13.97 -9.17 9.47
N GLU A 66 14.71 -8.19 9.98
CA GLU A 66 14.41 -7.59 11.28
C GLU A 66 14.60 -6.08 11.23
N PRO A 67 13.97 -5.38 12.19
CA PRO A 67 13.16 -6.02 13.23
C PRO A 67 11.87 -6.60 12.68
N ASN A 68 11.21 -5.85 11.80
CA ASN A 68 9.95 -6.29 11.20
C ASN A 68 9.99 -6.11 9.69
N LYS A 69 11.06 -6.59 9.06
CA LYS A 69 11.21 -6.49 7.61
C LYS A 69 10.23 -7.41 6.89
N LEU A 70 9.11 -6.85 6.45
CA LEU A 70 8.10 -7.63 5.74
C LEU A 70 8.22 -7.45 4.24
N ARG A 71 8.10 -8.54 3.50
CA ARG A 71 8.21 -8.50 2.05
C ARG A 71 7.17 -9.43 1.41
N CYS A 72 6.73 -9.07 0.21
CA CYS A 72 5.74 -9.86 -0.51
C CYS A 72 6.33 -11.20 -0.95
N GLN A 73 5.55 -12.26 -0.83
CA GLN A 73 6.00 -13.59 -1.22
C GLN A 73 4.83 -14.42 -1.74
N GLU A 74 5.00 -14.99 -2.93
CA GLU A 74 3.96 -15.81 -3.55
C GLU A 74 3.50 -16.90 -2.59
N GLU A 75 2.24 -16.85 -2.20
CA GLU A 75 1.67 -17.84 -1.30
C GLU A 75 1.61 -19.21 -1.95
N SER A 76 1.62 -20.25 -1.13
CA SER A 76 1.57 -21.62 -1.63
C SER A 76 0.72 -22.50 -0.71
N SER A 1 -14.81 -0.58 -6.06
CA SER A 1 -14.15 0.57 -6.68
C SER A 1 -13.35 1.35 -5.64
N VAL A 2 -12.12 1.72 -6.01
CA VAL A 2 -11.25 2.46 -5.11
C VAL A 2 -11.59 3.95 -5.13
N THR A 3 -11.51 4.59 -3.96
CA THR A 3 -11.80 6.01 -3.85
C THR A 3 -10.78 6.71 -2.96
N CYS A 4 -9.96 7.56 -3.57
CA CYS A 4 -8.94 8.30 -2.83
C CYS A 4 -8.99 9.78 -3.17
N GLY A 5 -9.03 10.62 -2.14
CA GLY A 5 -9.09 12.06 -2.35
C GLY A 5 -10.38 12.50 -3.02
N GLY A 6 -11.49 11.89 -2.64
CA GLY A 6 -12.77 12.23 -3.22
C GLY A 6 -12.83 11.91 -4.70
N LYS A 7 -11.97 11.02 -5.15
CA LYS A 7 -11.93 10.63 -6.55
C LYS A 7 -11.81 9.12 -6.70
N GLN A 8 -12.45 8.57 -7.71
CA GLN A 8 -12.42 7.13 -7.95
C GLN A 8 -11.27 6.77 -8.90
N CYS A 9 -10.56 5.70 -8.56
CA CYS A 9 -9.44 5.25 -9.37
C CYS A 9 -9.63 3.79 -9.79
N LYS A 10 -8.79 3.33 -10.71
CA LYS A 10 -8.85 1.96 -11.19
C LYS A 10 -8.55 0.97 -10.07
N PRO A 11 -8.96 -0.29 -10.26
CA PRO A 11 -8.73 -1.35 -9.28
C PRO A 11 -7.26 -1.74 -9.16
N ASN A 12 -6.96 -2.64 -8.23
CA ASN A 12 -5.59 -3.10 -8.02
C ASN A 12 -4.69 -1.94 -7.63
N SER A 13 -5.27 -0.93 -6.98
CA SER A 13 -4.52 0.23 -6.55
C SER A 13 -5.00 0.73 -5.18
N CYS A 14 -4.09 0.80 -4.23
CA CYS A 14 -4.42 1.24 -2.88
C CYS A 14 -4.25 2.75 -2.76
N CYS A 15 -4.75 3.31 -1.65
CA CYS A 15 -4.67 4.74 -1.41
C CYS A 15 -3.40 5.08 -0.63
N VAL A 16 -2.56 5.93 -1.20
CA VAL A 16 -1.32 6.34 -0.56
C VAL A 16 -1.29 7.85 -0.33
N GLN A 17 -0.94 8.25 0.89
CA GLN A 17 -0.87 9.66 1.24
C GLN A 17 0.48 10.26 0.85
N ASN A 18 0.44 11.32 0.06
CA ASN A 18 1.66 11.98 -0.39
C ASN A 18 1.42 13.48 -0.61
N SER A 19 1.97 14.29 0.29
CA SER A 19 1.81 15.74 0.19
C SER A 19 3.16 16.42 0.00
N HIS A 20 3.12 17.71 -0.31
CA HIS A 20 4.35 18.48 -0.52
C HIS A 20 4.65 19.36 0.70
N GLY A 21 4.20 18.92 1.86
CA GLY A 21 4.43 19.67 3.08
C GLY A 21 3.70 21.00 3.09
N LYS A 22 2.68 21.11 2.25
CA LYS A 22 1.89 22.34 2.17
C LYS A 22 0.85 22.40 3.27
N GLY A 23 0.42 21.23 3.76
CA GLY A 23 -0.56 21.17 4.81
C GLY A 23 -1.91 20.69 4.32
N LYS A 24 -1.93 20.12 3.12
CA LYS A 24 -3.17 19.62 2.54
C LYS A 24 -3.03 18.16 2.13
N ASP A 25 -3.58 17.27 2.94
CA ASP A 25 -3.53 15.83 2.67
C ASP A 25 -4.06 15.52 1.28
N SER A 26 -3.15 15.25 0.34
CA SER A 26 -3.54 14.95 -1.03
C SER A 26 -2.95 13.62 -1.47
N PRO A 27 -3.66 12.52 -1.15
CA PRO A 27 -3.22 11.17 -1.50
C PRO A 27 -3.31 10.90 -3.01
N ARG A 28 -2.69 9.82 -3.44
CA ARG A 28 -2.70 9.45 -4.86
C ARG A 28 -2.93 7.96 -5.03
N CYS A 29 -3.09 7.53 -6.28
CA CYS A 29 -3.31 6.12 -6.58
C CYS A 29 -2.01 5.42 -6.96
N HIS A 30 -1.73 4.30 -6.31
CA HIS A 30 -0.52 3.54 -6.57
C HIS A 30 -0.84 2.08 -6.84
N PRO A 31 -0.02 1.42 -7.69
CA PRO A 31 -0.20 0.02 -8.04
C PRO A 31 0.10 -0.92 -6.87
N LEU A 32 -0.54 -2.08 -6.88
CA LEU A 32 -0.35 -3.07 -5.82
C LEU A 32 1.11 -3.53 -5.78
N GLY A 33 1.54 -3.99 -4.60
CA GLY A 33 2.91 -4.47 -4.45
C GLY A 33 3.16 -5.76 -5.20
N LYS A 34 4.41 -5.99 -5.57
CA LYS A 34 4.79 -7.20 -6.29
C LYS A 34 5.57 -8.16 -5.40
N LEU A 35 6.11 -9.21 -6.00
CA LEU A 35 6.89 -10.20 -5.25
C LEU A 35 8.24 -9.63 -4.84
N ASN A 36 8.75 -10.06 -3.70
CA ASN A 36 10.04 -9.60 -3.19
C ASN A 36 10.07 -8.07 -3.11
N ASN A 37 8.91 -7.48 -2.82
CA ASN A 37 8.81 -6.03 -2.70
C ASN A 37 8.34 -5.63 -1.30
N PRO A 38 8.60 -4.36 -0.93
CA PRO A 38 8.21 -3.83 0.38
C PRO A 38 6.71 -3.66 0.51
N CYS A 39 6.12 -4.38 1.47
CA CYS A 39 4.68 -4.32 1.70
C CYS A 39 4.39 -4.18 3.20
N GLU A 40 3.13 -3.91 3.51
CA GLU A 40 2.70 -3.75 4.90
C GLU A 40 1.47 -4.61 5.20
N VAL A 41 1.37 -5.09 6.43
CA VAL A 41 0.24 -5.91 6.84
C VAL A 41 -1.08 -5.19 6.61
N GLU A 42 -1.27 -4.08 7.30
CA GLU A 42 -2.50 -3.29 7.16
C GLU A 42 -2.19 -1.79 7.22
N PRO A 43 -3.07 -0.99 6.60
CA PRO A 43 -2.92 0.47 6.56
C PRO A 43 -3.15 1.11 7.93
N ASN A 44 -3.22 2.44 7.95
CA ASN A 44 -3.44 3.17 9.18
C ASN A 44 -4.89 3.04 9.66
N GLU A 45 -5.25 3.84 10.65
CA GLU A 45 -6.60 3.80 11.19
C GLU A 45 -7.62 4.30 10.16
N ASN A 46 -7.12 5.00 9.14
CA ASN A 46 -7.98 5.54 8.09
C ASN A 46 -8.02 4.60 6.89
N GLY A 47 -6.94 3.84 6.70
CA GLY A 47 -6.88 2.91 5.59
C GLY A 47 -6.02 3.42 4.46
N ILE A 48 -4.99 4.19 4.79
CA ILE A 48 -4.09 4.73 3.79
C ILE A 48 -2.66 4.25 3.99
N TYR A 49 -1.93 4.12 2.90
CA TYR A 49 -0.54 3.65 2.97
C TYR A 49 0.44 4.80 2.76
N SER A 50 1.72 4.49 2.72
CA SER A 50 2.76 5.50 2.53
C SER A 50 3.17 5.59 1.07
N GLN A 51 3.98 4.62 0.62
CA GLN A 51 4.45 4.59 -0.75
C GLN A 51 4.07 3.28 -1.43
N HIS A 52 4.55 2.18 -0.87
CA HIS A 52 4.26 0.86 -1.42
C HIS A 52 2.83 0.42 -1.08
N CYS A 53 2.31 -0.51 -1.86
CA CYS A 53 0.95 -1.00 -1.65
C CYS A 53 0.97 -2.43 -1.11
N PRO A 54 -0.14 -2.85 -0.49
CA PRO A 54 -0.27 -4.20 0.07
C PRO A 54 -0.36 -5.27 -1.01
N CYS A 55 -0.23 -6.53 -0.60
CA CYS A 55 -0.30 -7.65 -1.53
C CYS A 55 -1.71 -7.81 -2.10
N GLY A 56 -1.79 -7.87 -3.42
CA GLY A 56 -3.09 -8.02 -4.07
C GLY A 56 -2.99 -8.75 -5.40
N GLU A 57 -1.88 -9.45 -5.61
CA GLU A 57 -1.67 -10.18 -6.85
C GLU A 57 -1.29 -11.63 -6.55
N GLY A 58 -1.73 -12.14 -5.40
CA GLY A 58 -1.44 -13.50 -5.02
C GLY A 58 -0.20 -13.60 -4.13
N LEU A 59 0.10 -12.51 -3.44
CA LEU A 59 1.27 -12.48 -2.55
C LEU A 59 0.83 -12.45 -1.08
N SER A 60 1.79 -12.57 -0.18
CA SER A 60 1.50 -12.56 1.24
C SER A 60 2.66 -11.94 2.03
N CYS A 61 2.37 -10.88 2.76
CA CYS A 61 3.39 -10.20 3.56
C CYS A 61 4.08 -11.16 4.51
N THR A 62 5.35 -11.44 4.25
CA THR A 62 6.11 -12.35 5.09
C THR A 62 7.43 -11.72 5.53
N LYS A 63 7.77 -11.90 6.80
CA LYS A 63 9.01 -11.35 7.35
C LYS A 63 10.23 -12.05 6.74
N VAL A 64 11.14 -11.26 6.19
CA VAL A 64 12.36 -11.80 5.57
C VAL A 64 13.60 -11.14 6.15
N GLY A 65 13.42 -10.42 7.26
CA GLY A 65 14.54 -9.76 7.90
C GLY A 65 14.20 -9.25 9.27
N GLU A 66 14.94 -8.24 9.74
CA GLU A 66 14.72 -7.66 11.06
C GLU A 66 15.16 -6.21 11.10
N PRO A 67 14.63 -5.46 12.08
CA PRO A 67 13.68 -5.98 13.06
C PRO A 67 12.33 -6.30 12.45
N ASN A 68 11.79 -5.36 11.68
CA ASN A 68 10.50 -5.54 11.02
C ASN A 68 10.63 -5.38 9.51
N LYS A 69 11.19 -6.39 8.85
CA LYS A 69 11.37 -6.36 7.41
C LYS A 69 10.39 -7.31 6.73
N LEU A 70 9.24 -6.79 6.32
CA LEU A 70 8.23 -7.60 5.65
C LEU A 70 8.34 -7.46 4.14
N ARG A 71 8.11 -8.57 3.43
CA ARG A 71 8.19 -8.57 1.97
C ARG A 71 7.10 -9.47 1.38
N CYS A 72 6.59 -9.08 0.22
CA CYS A 72 5.55 -9.85 -0.46
C CYS A 72 6.10 -11.18 -0.97
N GLN A 73 5.37 -12.25 -0.71
CA GLN A 73 5.79 -13.58 -1.14
C GLN A 73 4.59 -14.41 -1.60
N GLU A 74 4.69 -14.98 -2.80
CA GLU A 74 3.62 -15.78 -3.36
C GLU A 74 3.17 -16.86 -2.37
N GLU A 75 1.92 -16.78 -1.94
CA GLU A 75 1.37 -17.74 -0.99
C GLU A 75 1.22 -19.11 -1.64
N SER A 76 1.23 -20.16 -0.82
CA SER A 76 1.08 -21.52 -1.31
C SER A 76 -0.07 -22.24 -0.62
N SER A 1 -15.25 -0.76 -5.14
CA SER A 1 -14.48 0.23 -5.87
C SER A 1 -13.66 1.10 -4.92
N VAL A 2 -12.48 1.51 -5.37
CA VAL A 2 -11.60 2.35 -4.56
C VAL A 2 -11.94 3.83 -4.74
N THR A 3 -12.07 4.53 -3.61
CA THR A 3 -12.39 5.96 -3.64
C THR A 3 -11.60 6.72 -2.58
N CYS A 4 -10.66 7.54 -3.02
CA CYS A 4 -9.84 8.33 -2.11
C CYS A 4 -9.64 9.75 -2.64
N GLY A 5 -9.57 10.71 -1.73
CA GLY A 5 -9.38 12.10 -2.12
C GLY A 5 -10.58 12.66 -2.83
N GLY A 6 -11.73 12.03 -2.64
CA GLY A 6 -12.95 12.49 -3.30
C GLY A 6 -13.02 12.09 -4.76
N LYS A 7 -12.38 10.97 -5.10
CA LYS A 7 -12.37 10.49 -6.47
C LYS A 7 -12.16 8.98 -6.51
N GLN A 8 -12.68 8.34 -7.54
CA GLN A 8 -12.55 6.89 -7.69
C GLN A 8 -11.32 6.54 -8.54
N CYS A 9 -10.57 5.54 -8.09
CA CYS A 9 -9.37 5.11 -8.81
C CYS A 9 -9.53 3.70 -9.34
N LYS A 10 -8.77 3.37 -10.37
CA LYS A 10 -8.82 2.05 -10.98
C LYS A 10 -8.57 0.96 -9.94
N PRO A 11 -8.99 -0.28 -10.25
CA PRO A 11 -8.82 -1.43 -9.37
C PRO A 11 -7.36 -1.84 -9.22
N ASN A 12 -7.07 -2.65 -8.21
CA ASN A 12 -5.72 -3.12 -7.96
C ASN A 12 -4.79 -1.96 -7.63
N SER A 13 -5.35 -0.91 -7.01
CA SER A 13 -4.57 0.26 -6.64
C SER A 13 -5.02 0.81 -5.30
N CYS A 14 -4.12 0.79 -4.32
CA CYS A 14 -4.42 1.28 -2.98
C CYS A 14 -4.18 2.78 -2.89
N CYS A 15 -4.64 3.39 -1.80
CA CYS A 15 -4.48 4.82 -1.58
C CYS A 15 -3.20 5.11 -0.79
N VAL A 16 -2.37 5.99 -1.33
CA VAL A 16 -1.12 6.36 -0.67
C VAL A 16 -1.09 7.84 -0.32
N GLN A 17 -0.66 8.15 0.89
CA GLN A 17 -0.58 9.54 1.35
C GLN A 17 0.80 10.12 1.06
N ASN A 18 0.81 11.27 0.38
CA ASN A 18 2.06 11.93 0.05
C ASN A 18 1.85 13.44 -0.13
N SER A 19 2.32 14.21 0.83
CA SER A 19 2.17 15.66 0.79
C SER A 19 3.54 16.34 0.70
N HIS A 20 3.53 17.66 0.50
CA HIS A 20 4.76 18.43 0.40
C HIS A 20 4.90 19.41 1.56
N GLY A 21 4.27 19.06 2.69
CA GLY A 21 4.33 19.92 3.86
C GLY A 21 3.52 21.19 3.69
N LYS A 22 2.51 21.12 2.83
CA LYS A 22 1.65 22.28 2.58
C LYS A 22 0.48 22.31 3.57
N GLY A 23 0.05 21.13 4.00
CA GLY A 23 -1.05 21.05 4.95
C GLY A 23 -2.34 20.60 4.29
N LYS A 24 -2.23 20.05 3.09
CA LYS A 24 -3.40 19.57 2.35
C LYS A 24 -3.23 18.11 1.95
N ASP A 25 -3.90 17.23 2.69
CA ASP A 25 -3.83 15.79 2.42
C ASP A 25 -4.28 15.49 0.99
N SER A 26 -3.32 15.12 0.14
CA SER A 26 -3.62 14.81 -1.25
C SER A 26 -2.98 13.48 -1.66
N PRO A 27 -3.68 12.38 -1.37
CA PRO A 27 -3.21 11.03 -1.70
C PRO A 27 -3.20 10.76 -3.20
N ARG A 28 -2.54 9.68 -3.61
CA ARG A 28 -2.46 9.32 -5.02
C ARG A 28 -2.74 7.83 -5.21
N CYS A 29 -3.07 7.45 -6.44
CA CYS A 29 -3.36 6.06 -6.76
C CYS A 29 -2.08 5.32 -7.19
N HIS A 30 -1.71 4.30 -6.42
CA HIS A 30 -0.53 3.52 -6.71
C HIS A 30 -0.88 2.05 -6.94
N PRO A 31 -0.10 1.38 -7.81
CA PRO A 31 -0.32 -0.03 -8.13
C PRO A 31 0.01 -0.96 -6.96
N LEU A 32 -0.61 -2.13 -6.95
CA LEU A 32 -0.38 -3.10 -5.89
C LEU A 32 1.08 -3.56 -5.89
N GLY A 33 1.58 -3.91 -4.70
CA GLY A 33 2.95 -4.36 -4.57
C GLY A 33 3.20 -5.66 -5.30
N LYS A 34 4.46 -5.88 -5.69
CA LYS A 34 4.83 -7.09 -6.41
C LYS A 34 5.64 -8.02 -5.52
N LEU A 35 6.17 -9.10 -6.11
CA LEU A 35 6.96 -10.06 -5.38
C LEU A 35 8.34 -9.49 -5.06
N ASN A 36 8.90 -9.89 -3.91
CA ASN A 36 10.22 -9.42 -3.49
C ASN A 36 10.23 -7.90 -3.33
N ASN A 37 9.05 -7.33 -3.13
CA ASN A 37 8.92 -5.88 -2.95
C ASN A 37 8.45 -5.54 -1.55
N PRO A 38 8.69 -4.30 -1.12
CA PRO A 38 8.30 -3.81 0.20
C PRO A 38 6.78 -3.67 0.34
N CYS A 39 6.22 -4.33 1.34
CA CYS A 39 4.79 -4.28 1.58
C CYS A 39 4.49 -4.14 3.07
N GLU A 40 3.23 -3.88 3.40
CA GLU A 40 2.81 -3.71 4.79
C GLU A 40 1.54 -4.50 5.07
N VAL A 41 1.43 -5.01 6.30
CA VAL A 41 0.25 -5.78 6.70
C VAL A 41 -1.03 -5.02 6.41
N GLU A 42 -1.24 -3.91 7.12
CA GLU A 42 -2.43 -3.10 6.96
C GLU A 42 -2.08 -1.61 7.00
N PRO A 43 -2.94 -0.78 6.39
CA PRO A 43 -2.75 0.67 6.35
C PRO A 43 -2.94 1.32 7.72
N ASN A 44 -2.99 2.65 7.74
CA ASN A 44 -3.18 3.38 8.99
C ASN A 44 -4.63 3.30 9.46
N GLU A 45 -4.96 4.13 10.45
CA GLU A 45 -6.31 4.15 11.00
C GLU A 45 -7.31 4.64 9.95
N ASN A 46 -6.82 5.40 8.98
CA ASN A 46 -7.67 5.93 7.92
C ASN A 46 -7.76 4.95 6.76
N GLY A 47 -6.71 4.15 6.58
CA GLY A 47 -6.70 3.18 5.50
C GLY A 47 -5.85 3.63 4.33
N ILE A 48 -4.78 4.37 4.62
CA ILE A 48 -3.88 4.86 3.59
C ILE A 48 -2.46 4.36 3.82
N TYR A 49 -1.73 4.17 2.72
CA TYR A 49 -0.35 3.69 2.80
C TYR A 49 0.63 4.83 2.57
N SER A 50 1.92 4.49 2.54
CA SER A 50 2.97 5.49 2.34
C SER A 50 3.36 5.58 0.87
N GLN A 51 4.15 4.60 0.42
CA GLN A 51 4.60 4.57 -0.97
C GLN A 51 4.20 3.26 -1.64
N HIS A 52 4.68 2.15 -1.07
CA HIS A 52 4.37 0.82 -1.62
C HIS A 52 2.96 0.40 -1.24
N CYS A 53 2.41 -0.53 -2.00
CA CYS A 53 1.06 -1.03 -1.75
C CYS A 53 1.09 -2.46 -1.21
N PRO A 54 -0.01 -2.87 -0.56
CA PRO A 54 -0.12 -4.21 0.01
C PRO A 54 -0.22 -5.30 -1.06
N CYS A 55 -0.09 -6.55 -0.64
CA CYS A 55 -0.15 -7.68 -1.56
C CYS A 55 -1.58 -7.85 -2.10
N GLY A 56 -1.70 -7.90 -3.42
CA GLY A 56 -3.00 -8.06 -4.04
C GLY A 56 -2.92 -8.78 -5.37
N GLU A 57 -1.81 -9.46 -5.62
CA GLU A 57 -1.62 -10.20 -6.86
C GLU A 57 -1.21 -11.64 -6.58
N GLY A 58 -1.63 -12.15 -5.43
CA GLY A 58 -1.31 -13.53 -5.06
C GLY A 58 -0.07 -13.62 -4.20
N LEU A 59 0.24 -12.53 -3.50
CA LEU A 59 1.42 -12.50 -2.64
C LEU A 59 1.00 -12.49 -1.17
N SER A 60 1.99 -12.63 -0.28
CA SER A 60 1.72 -12.64 1.15
C SER A 60 2.85 -11.96 1.91
N CYS A 61 2.49 -11.00 2.76
CA CYS A 61 3.46 -10.26 3.55
C CYS A 61 4.16 -11.18 4.55
N THR A 62 5.41 -11.51 4.27
CA THR A 62 6.18 -12.37 5.15
C THR A 62 7.45 -11.68 5.64
N LYS A 63 7.83 -11.96 6.88
CA LYS A 63 9.02 -11.36 7.48
C LYS A 63 10.27 -12.11 7.03
N VAL A 64 11.22 -11.38 6.44
CA VAL A 64 12.46 -11.97 5.97
C VAL A 64 13.64 -11.51 6.82
N GLY A 65 13.50 -10.34 7.45
CA GLY A 65 14.55 -9.81 8.29
C GLY A 65 14.04 -9.26 9.59
N GLU A 66 14.84 -8.43 10.25
CA GLU A 66 14.45 -7.84 11.53
C GLU A 66 14.62 -6.33 11.50
N PRO A 67 13.92 -5.64 12.42
CA PRO A 67 13.05 -6.29 13.39
C PRO A 67 11.80 -6.90 12.75
N ASN A 68 11.20 -6.15 11.82
CA ASN A 68 10.00 -6.62 11.14
C ASN A 68 10.06 -6.26 9.65
N LYS A 69 11.04 -6.83 8.95
CA LYS A 69 11.20 -6.58 7.53
C LYS A 69 10.23 -7.44 6.71
N LEU A 70 8.99 -7.01 6.63
CA LEU A 70 7.97 -7.74 5.89
C LEU A 70 8.09 -7.45 4.39
N ARG A 71 7.76 -8.45 3.57
CA ARG A 71 7.83 -8.31 2.12
C ARG A 71 6.84 -9.24 1.44
N CYS A 72 6.49 -8.93 0.19
CA CYS A 72 5.55 -9.73 -0.57
C CYS A 72 6.19 -11.04 -1.01
N GLN A 73 5.51 -12.15 -0.73
CA GLN A 73 6.02 -13.46 -1.09
C GLN A 73 4.90 -14.36 -1.63
N GLU A 74 5.10 -14.91 -2.81
CA GLU A 74 4.09 -15.78 -3.43
C GLU A 74 3.66 -16.88 -2.47
N GLU A 75 2.38 -16.87 -2.11
CA GLU A 75 1.84 -17.87 -1.19
C GLU A 75 1.88 -19.26 -1.82
N SER A 76 1.98 -20.28 -0.97
CA SER A 76 2.03 -21.66 -1.44
C SER A 76 0.66 -22.33 -1.33
N SER A 1 -14.18 -0.52 -7.10
CA SER A 1 -13.50 0.64 -7.65
C SER A 1 -12.92 1.52 -6.55
N VAL A 2 -11.63 1.83 -6.66
CA VAL A 2 -10.96 2.65 -5.68
C VAL A 2 -11.43 4.10 -5.75
N THR A 3 -11.51 4.76 -4.60
CA THR A 3 -11.96 6.15 -4.54
C THR A 3 -11.37 6.86 -3.32
N CYS A 4 -10.46 7.79 -3.57
CA CYS A 4 -9.83 8.54 -2.49
C CYS A 4 -9.47 9.95 -2.95
N GLY A 5 -9.80 10.94 -2.12
CA GLY A 5 -9.50 12.32 -2.46
C GLY A 5 -10.48 12.89 -3.47
N GLY A 6 -11.64 12.25 -3.59
CA GLY A 6 -12.64 12.72 -4.53
C GLY A 6 -12.27 12.41 -5.98
N LYS A 7 -11.51 11.34 -6.17
CA LYS A 7 -11.08 10.94 -7.50
C LYS A 7 -11.09 9.42 -7.65
N GLN A 8 -11.62 8.94 -8.76
CA GLN A 8 -11.68 7.50 -9.01
C GLN A 8 -10.43 7.01 -9.74
N CYS A 9 -10.08 5.75 -9.53
CA CYS A 9 -8.90 5.17 -10.16
C CYS A 9 -9.13 3.70 -10.49
N LYS A 10 -8.19 3.11 -11.22
CA LYS A 10 -8.30 1.71 -11.62
C LYS A 10 -8.27 0.80 -10.38
N PRO A 11 -8.75 -0.44 -10.56
CA PRO A 11 -8.80 -1.43 -9.48
C PRO A 11 -7.40 -1.91 -9.09
N ASN A 12 -7.34 -2.74 -8.04
CA ASN A 12 -6.08 -3.27 -7.56
C ASN A 12 -5.12 -2.15 -7.18
N SER A 13 -5.67 -1.10 -6.58
CA SER A 13 -4.86 0.06 -6.17
C SER A 13 -5.33 0.60 -4.82
N CYS A 14 -4.43 0.65 -3.86
CA CYS A 14 -4.75 1.16 -2.53
C CYS A 14 -4.56 2.66 -2.45
N CYS A 15 -5.05 3.27 -1.37
CA CYS A 15 -4.93 4.71 -1.17
C CYS A 15 -3.62 5.05 -0.46
N VAL A 16 -2.92 6.06 -0.97
CA VAL A 16 -1.66 6.49 -0.38
C VAL A 16 -1.64 8.00 -0.15
N GLN A 17 -1.26 8.41 1.05
CA GLN A 17 -1.21 9.82 1.39
C GLN A 17 0.20 10.37 1.20
N ASN A 18 0.33 11.41 0.37
CA ASN A 18 1.61 12.02 0.10
C ASN A 18 1.45 13.50 -0.21
N SER A 19 2.10 14.35 0.60
CA SER A 19 2.01 15.79 0.41
C SER A 19 3.42 16.40 0.31
N HIS A 20 3.47 17.72 0.13
CA HIS A 20 4.74 18.42 0.02
C HIS A 20 4.83 19.56 1.03
N GLY A 21 4.14 19.40 2.16
CA GLY A 21 4.14 20.43 3.18
C GLY A 21 3.37 21.66 2.77
N LYS A 22 2.28 21.47 2.03
CA LYS A 22 1.46 22.57 1.57
C LYS A 22 0.34 22.87 2.57
N GLY A 23 -0.12 21.83 3.25
CA GLY A 23 -1.19 21.99 4.23
C GLY A 23 -2.51 21.41 3.75
N LYS A 24 -2.54 20.94 2.51
CA LYS A 24 -3.74 20.35 1.93
C LYS A 24 -3.51 18.88 1.58
N ASP A 25 -3.85 18.00 2.51
CA ASP A 25 -3.69 16.57 2.29
C ASP A 25 -4.34 16.14 0.99
N SER A 26 -3.53 15.62 0.06
CA SER A 26 -4.04 15.17 -1.23
C SER A 26 -3.44 13.82 -1.60
N PRO A 27 -4.07 12.75 -1.11
CA PRO A 27 -3.62 11.37 -1.38
C PRO A 27 -3.85 10.97 -2.84
N ARG A 28 -3.22 9.86 -3.24
CA ARG A 28 -3.35 9.37 -4.60
C ARG A 28 -3.51 7.85 -4.63
N CYS A 29 -3.77 7.30 -5.81
CA CYS A 29 -3.94 5.86 -5.96
C CYS A 29 -2.66 5.20 -6.46
N HIS A 30 -2.24 4.15 -5.78
CA HIS A 30 -1.03 3.43 -6.17
C HIS A 30 -1.33 1.96 -6.44
N PRO A 31 -0.55 1.36 -7.35
CA PRO A 31 -0.72 -0.05 -7.72
C PRO A 31 -0.31 -1.01 -6.60
N LEU A 32 -0.98 -2.14 -6.52
CA LEU A 32 -0.70 -3.13 -5.49
C LEU A 32 0.76 -3.59 -5.56
N GLY A 33 1.32 -3.96 -4.42
CA GLY A 33 2.70 -4.40 -4.37
C GLY A 33 2.93 -5.67 -5.20
N LYS A 34 4.18 -5.92 -5.55
CA LYS A 34 4.53 -7.09 -6.34
C LYS A 34 5.39 -8.06 -5.53
N LEU A 35 5.92 -9.08 -6.20
CA LEU A 35 6.76 -10.07 -5.54
C LEU A 35 8.13 -9.50 -5.23
N ASN A 36 8.69 -9.90 -4.09
CA ASN A 36 10.01 -9.43 -3.68
C ASN A 36 10.02 -7.91 -3.55
N ASN A 37 8.92 -7.35 -3.07
CA ASN A 37 8.80 -5.91 -2.89
C ASN A 37 8.35 -5.57 -1.47
N PRO A 38 8.60 -4.32 -1.06
CA PRO A 38 8.23 -3.85 0.28
C PRO A 38 6.72 -3.69 0.44
N CYS A 39 6.17 -4.35 1.45
CA CYS A 39 4.74 -4.30 1.72
C CYS A 39 4.47 -4.09 3.21
N GLU A 40 3.23 -3.73 3.53
CA GLU A 40 2.85 -3.50 4.92
C GLU A 40 1.64 -4.35 5.30
N VAL A 41 1.60 -4.81 6.55
CA VAL A 41 0.50 -5.62 7.03
C VAL A 41 -0.84 -4.94 6.81
N GLU A 42 -1.06 -3.83 7.52
CA GLU A 42 -2.30 -3.08 7.40
C GLU A 42 -2.03 -1.58 7.40
N PRO A 43 -2.97 -0.80 6.83
CA PRO A 43 -2.85 0.66 6.76
C PRO A 43 -2.99 1.32 8.13
N ASN A 44 -3.12 2.65 8.12
CA ASN A 44 -3.26 3.40 9.37
C ASN A 44 -4.67 3.25 9.93
N GLU A 45 -4.99 4.08 10.92
CA GLU A 45 -6.31 4.05 11.54
C GLU A 45 -7.40 4.46 10.55
N ASN A 46 -7.00 5.22 9.53
CA ASN A 46 -7.93 5.69 8.52
C ASN A 46 -8.06 4.67 7.39
N GLY A 47 -6.99 3.92 7.16
CA GLY A 47 -6.99 2.92 6.11
C GLY A 47 -6.21 3.35 4.89
N ILE A 48 -5.17 4.14 5.11
CA ILE A 48 -4.34 4.63 4.01
C ILE A 48 -2.88 4.22 4.20
N TYR A 49 -2.17 4.05 3.09
CA TYR A 49 -0.76 3.66 3.13
C TYR A 49 0.14 4.85 2.87
N SER A 50 1.44 4.59 2.81
CA SER A 50 2.42 5.65 2.57
C SER A 50 2.78 5.73 1.08
N GLN A 51 3.61 4.81 0.63
CA GLN A 51 4.03 4.77 -0.77
C GLN A 51 3.68 3.44 -1.42
N HIS A 52 4.23 2.37 -0.86
CA HIS A 52 3.97 1.02 -1.39
C HIS A 52 2.58 0.54 -0.99
N CYS A 53 2.08 -0.45 -1.72
CA CYS A 53 0.76 -1.00 -1.44
C CYS A 53 0.86 -2.43 -0.91
N PRO A 54 -0.21 -2.90 -0.26
CA PRO A 54 -0.25 -4.25 0.32
C PRO A 54 -0.33 -5.32 -0.77
N CYS A 55 -0.14 -6.57 -0.36
CA CYS A 55 -0.18 -7.69 -1.28
C CYS A 55 -1.61 -7.95 -1.78
N GLY A 56 -1.79 -7.94 -3.09
CA GLY A 56 -3.11 -8.17 -3.65
C GLY A 56 -3.04 -8.81 -5.02
N GLU A 57 -1.92 -9.44 -5.33
CA GLU A 57 -1.73 -10.10 -6.62
C GLU A 57 -1.30 -11.56 -6.43
N GLY A 58 -1.70 -12.15 -5.32
CA GLY A 58 -1.34 -13.52 -5.04
C GLY A 58 -0.10 -13.64 -4.19
N LEU A 59 0.22 -12.57 -3.45
CA LEU A 59 1.39 -12.57 -2.59
C LEU A 59 1.00 -12.63 -1.12
N SER A 60 1.99 -12.78 -0.25
CA SER A 60 1.75 -12.87 1.19
C SER A 60 2.87 -12.19 1.97
N CYS A 61 2.53 -11.15 2.72
CA CYS A 61 3.50 -10.42 3.51
C CYS A 61 4.25 -11.36 4.45
N THR A 62 5.48 -11.70 4.08
CA THR A 62 6.30 -12.60 4.89
C THR A 62 7.57 -11.90 5.37
N LYS A 63 8.04 -12.27 6.55
CA LYS A 63 9.25 -11.69 7.12
C LYS A 63 10.49 -12.46 6.69
N VAL A 64 11.44 -11.75 6.10
CA VAL A 64 12.68 -12.38 5.63
C VAL A 64 13.90 -11.67 6.22
N GLY A 65 13.66 -10.83 7.21
CA GLY A 65 14.76 -10.10 7.84
C GLY A 65 14.40 -9.61 9.23
N GLU A 66 15.16 -8.63 9.72
CA GLU A 66 14.92 -8.07 11.04
C GLU A 66 15.37 -6.61 11.11
N PRO A 67 14.84 -5.87 12.09
CA PRO A 67 13.87 -6.41 13.05
C PRO A 67 12.52 -6.71 12.41
N ASN A 68 12.00 -5.76 11.65
CA ASN A 68 10.72 -5.92 10.98
C ASN A 68 10.86 -5.71 9.48
N LYS A 69 11.47 -6.67 8.80
CA LYS A 69 11.67 -6.59 7.36
C LYS A 69 10.63 -7.43 6.63
N LEU A 70 9.42 -6.88 6.51
CA LEU A 70 8.33 -7.58 5.82
C LEU A 70 8.39 -7.34 4.32
N ARG A 71 8.08 -8.37 3.55
CA ARG A 71 8.10 -8.27 2.09
C ARG A 71 7.08 -9.21 1.47
N CYS A 72 6.71 -8.94 0.22
CA CYS A 72 5.74 -9.76 -0.49
C CYS A 72 6.37 -11.07 -0.96
N GLN A 73 5.62 -12.16 -0.86
CA GLN A 73 6.10 -13.46 -1.28
C GLN A 73 4.96 -14.34 -1.78
N GLU A 74 5.13 -14.87 -2.99
CA GLU A 74 4.11 -15.72 -3.59
C GLU A 74 3.69 -16.84 -2.63
N GLU A 75 2.41 -16.87 -2.29
CA GLU A 75 1.89 -17.88 -1.37
C GLU A 75 2.00 -19.27 -1.99
N SER A 76 2.15 -20.28 -1.13
CA SER A 76 2.28 -21.66 -1.59
C SER A 76 1.10 -22.50 -1.13
#